data_8FXW
#
_entry.id   8FXW
#
_cell.length_a   1.00
_cell.length_b   1.00
_cell.length_c   1.00
_cell.angle_alpha   90.00
_cell.angle_beta   90.00
_cell.angle_gamma   90.00
#
_symmetry.space_group_name_H-M   'P 1'
#
loop_
_entity.id
_entity.type
_entity.pdbx_description
1 polymer 'CPXV040 protein'
2 polymer 'T-lymphocyte activation antigen CD80'
3 non-polymer 2-acetamido-2-deoxy-beta-D-glucopyranose
#
loop_
_entity_poly.entity_id
_entity_poly.type
_entity_poly.pdbx_seq_one_letter_code
_entity_poly.pdbx_strand_id
1 'polypeptide(L)'
;KPEAEYKNTICPPRQDYRYWYFAAELTIGVNYDINSTIMGECHMSESYIDRNANIVLTGYGLEINMTIMDTDQRFVAAAE
GVGKDNKLSVLLFTTQRLDKVHHNISVTITCMEMNCGTTKYDSDLPESIHHKSSCDITINGSCVTCVNLETDPTKINPHY
LHPKDKYLYRNSEYGMRGSYGVTFMDELNQCFLDIKEVSYDICYREGSTGGSENLYFQGHHHHHH
;
A,B,D,F,I,K
2 'polypeptide(L)'
;VIHVTKEVKEVATLSCGHNVSVEELAQTRIYWQKEKKMVLTMMSGDMNIWPEYKNRTIFDITNNLSIVILALRPSDEGTY
ECVVLKYEKDAFKREHLAEVTLSVKADFPTPSISDFEIPTSNIRRIICSTSGGFPEPHLSWLENGEELNAINTTVSQDPE
TELYAVSSKLDFNMTTNHSFMCLIKYGHLRVNQTFNWNTAK
;
H,C,E,G,J,L
#
loop_
_chem_comp.id
_chem_comp.type
_chem_comp.name
_chem_comp.formula
NAG D-saccharide, beta linking 2-acetamido-2-deoxy-beta-D-glucopyranose 'C8 H15 N O6'
#
# COMPACT_ATOMS: atom_id res chain seq x y z
N ALA A 4 53.31 -23.87 -1.65
CA ALA A 4 52.40 -24.07 -2.77
C ALA A 4 51.78 -25.46 -2.74
N GLU A 5 51.85 -26.11 -1.58
CA GLU A 5 51.32 -27.45 -1.39
C GLU A 5 49.85 -27.34 -0.99
N TYR A 6 48.98 -28.05 -1.70
CA TYR A 6 47.54 -27.88 -1.51
C TYR A 6 47.12 -28.29 -0.11
N LYS A 7 46.18 -27.52 0.47
CA LYS A 7 45.61 -27.82 1.77
C LYS A 7 44.14 -27.40 1.80
N ASN A 8 43.32 -28.17 2.51
CA ASN A 8 41.91 -27.81 2.65
C ASN A 8 41.74 -26.62 3.57
N THR A 9 40.69 -25.84 3.31
CA THR A 9 40.40 -24.64 4.07
C THR A 9 38.91 -24.54 4.36
N ILE A 10 38.58 -23.80 5.42
CA ILE A 10 37.19 -23.59 5.76
C ILE A 10 36.52 -22.79 4.66
N CYS A 11 35.20 -22.91 4.56
CA CYS A 11 34.45 -22.24 3.52
C CYS A 11 34.17 -20.78 3.89
N PRO A 12 33.95 -19.91 2.90
CA PRO A 12 33.66 -18.50 3.22
C PRO A 12 32.29 -18.36 3.85
N PRO A 13 32.06 -17.27 4.59
CA PRO A 13 30.73 -17.05 5.16
C PRO A 13 29.66 -16.88 4.08
N ARG A 14 28.43 -17.28 4.44
CA ARG A 14 27.29 -17.16 3.55
C ARG A 14 26.09 -16.68 4.34
N GLN A 15 25.12 -16.10 3.62
CA GLN A 15 23.86 -15.72 4.27
C GLN A 15 23.04 -16.95 4.62
N ASP A 16 22.93 -17.91 3.70
CA ASP A 16 22.18 -19.14 3.91
C ASP A 16 23.07 -20.34 3.57
N TYR A 17 23.09 -21.32 4.47
CA TYR A 17 23.85 -22.54 4.30
C TYR A 17 22.89 -23.67 3.94
N ARG A 18 23.34 -24.55 3.03
CA ARG A 18 22.52 -25.68 2.61
C ARG A 18 23.06 -27.01 3.11
N TYR A 19 24.37 -27.12 3.29
CA TYR A 19 25.01 -28.36 3.70
C TYR A 19 25.32 -28.26 5.19
N TRP A 20 24.74 -29.16 5.99
CA TRP A 20 24.81 -29.12 7.44
C TRP A 20 25.43 -30.40 7.97
N TYR A 21 26.27 -30.26 8.99
CA TYR A 21 26.87 -31.39 9.69
C TYR A 21 26.39 -31.37 11.13
N PHE A 22 25.84 -32.49 11.59
CA PHE A 22 25.30 -32.59 12.94
C PHE A 22 26.44 -32.57 13.95
N ALA A 23 26.70 -31.42 14.56
CA ALA A 23 27.92 -31.25 15.33
C ALA A 23 27.75 -31.71 16.78
N ALA A 24 26.62 -31.44 17.39
CA ALA A 24 26.44 -31.76 18.80
C ALA A 24 24.97 -31.73 19.15
N GLU A 25 24.65 -32.29 20.33
CA GLU A 25 23.31 -32.30 20.88
C GLU A 25 23.41 -31.95 22.35
N LEU A 26 22.91 -30.77 22.72
CA LEU A 26 22.94 -30.28 24.09
C LEU A 26 21.56 -30.42 24.71
N THR A 27 21.49 -31.07 25.87
CA THR A 27 20.24 -31.27 26.58
C THR A 27 20.36 -30.61 27.95
N ILE A 28 19.36 -29.80 28.31
CA ILE A 28 19.35 -29.03 29.53
C ILE A 28 17.99 -29.20 30.20
N GLY A 29 18.00 -29.50 31.49
CA GLY A 29 16.78 -29.63 32.27
C GLY A 29 16.65 -28.46 33.23
N VAL A 30 15.44 -27.90 33.30
CA VAL A 30 15.15 -26.73 34.12
C VAL A 30 14.16 -27.11 35.22
N ASN A 31 14.14 -26.29 36.27
CA ASN A 31 13.23 -26.48 37.38
C ASN A 31 12.00 -25.59 37.29
N TYR A 32 11.80 -24.89 36.19
CA TYR A 32 10.60 -24.12 35.95
C TYR A 32 9.88 -24.63 34.72
N ASP A 33 8.65 -24.18 34.53
CA ASP A 33 7.74 -24.80 33.57
C ASP A 33 8.01 -24.30 32.16
N ILE A 34 8.25 -25.24 31.25
CA ILE A 34 8.19 -25.00 29.81
C ILE A 34 7.20 -26.01 29.25
N ASN A 35 6.21 -25.54 28.49
CA ASN A 35 5.09 -26.39 28.11
C ASN A 35 5.33 -27.07 26.76
N SER A 36 5.54 -26.29 25.70
CA SER A 36 5.65 -26.87 24.37
C SER A 36 6.48 -25.96 23.49
N THR A 37 6.91 -26.51 22.35
CA THR A 37 7.69 -25.75 21.39
C THR A 37 6.87 -24.60 20.84
N ILE A 38 7.52 -23.44 20.69
CA ILE A 38 6.89 -22.23 20.19
C ILE A 38 7.69 -21.77 18.98
N MET A 39 7.00 -21.55 17.86
CA MET A 39 7.66 -21.09 16.65
C MET A 39 8.18 -19.68 16.85
N GLY A 40 9.44 -19.46 16.48
CA GLY A 40 10.05 -18.15 16.64
C GLY A 40 10.54 -17.84 18.03
N GLU A 41 10.55 -18.81 18.94
CA GLU A 41 10.96 -18.55 20.31
C GLU A 41 12.47 -18.56 20.49
N CYS A 42 13.22 -19.08 19.52
CA CYS A 42 14.67 -19.19 19.63
C CYS A 42 15.35 -18.25 18.64
N HIS A 43 16.39 -17.59 19.10
CA HIS A 43 17.24 -16.77 18.24
C HIS A 43 18.69 -17.18 18.43
N MET A 44 19.48 -17.05 17.36
CA MET A 44 20.87 -17.50 17.39
C MET A 44 21.77 -16.43 16.81
N SER A 45 22.98 -16.36 17.36
CA SER A 45 24.06 -15.53 16.83
C SER A 45 25.28 -16.41 16.70
N GLU A 46 26.07 -16.19 15.63
CA GLU A 46 27.22 -17.03 15.34
C GLU A 46 28.42 -16.15 15.03
N SER A 47 29.60 -16.63 15.43
CA SER A 47 30.83 -15.88 15.17
C SER A 47 32.01 -16.83 15.10
N TYR A 48 32.76 -16.75 14.02
CA TYR A 48 33.96 -17.57 13.83
C TYR A 48 35.16 -16.63 13.86
N ILE A 49 35.74 -16.46 15.05
CA ILE A 49 36.87 -15.55 15.27
C ILE A 49 38.07 -16.37 15.69
N ASP A 50 39.22 -16.04 15.14
CA ASP A 50 40.40 -16.91 15.30
C ASP A 50 39.96 -18.27 14.75
N ARG A 51 40.37 -19.37 15.37
CA ARG A 51 39.83 -20.68 15.05
C ARG A 51 38.80 -21.11 16.08
N ASN A 52 38.12 -20.15 16.67
CA ASN A 52 37.09 -20.38 17.68
C ASN A 52 35.73 -20.13 17.05
N ALA A 53 34.83 -21.10 17.23
CA ALA A 53 33.47 -21.01 16.71
C ALA A 53 32.51 -20.85 17.87
N ASN A 54 31.70 -19.79 17.83
CA ASN A 54 30.84 -19.43 18.95
C ASN A 54 29.40 -19.33 18.49
N ILE A 55 28.49 -19.91 19.26
CA ILE A 55 27.05 -19.86 19.02
C ILE A 55 26.39 -19.40 20.31
N VAL A 56 25.54 -18.40 20.20
CA VAL A 56 24.78 -17.88 21.33
C VAL A 56 23.30 -18.02 21.01
N LEU A 57 22.59 -18.79 21.84
CA LEU A 57 21.19 -19.11 21.63
C LEU A 57 20.36 -18.50 22.76
N THR A 58 19.29 -17.80 22.40
CA THR A 58 18.38 -17.21 23.36
C THR A 58 16.99 -17.82 23.15
N GLY A 59 16.41 -18.36 24.21
CA GLY A 59 15.08 -18.91 24.12
C GLY A 59 14.62 -19.66 25.35
N TYR A 60 13.31 -19.72 25.56
CA TYR A 60 12.72 -20.49 26.65
C TYR A 60 13.31 -20.10 28.00
N GLY A 61 13.60 -18.82 28.17
CA GLY A 61 14.12 -18.32 29.43
C GLY A 61 15.57 -18.64 29.69
N LEU A 62 16.31 -19.12 28.69
CA LEU A 62 17.70 -19.46 28.85
C LEU A 62 18.55 -18.78 27.78
N GLU A 63 19.82 -18.56 28.13
CA GLU A 63 20.83 -18.14 27.18
C GLU A 63 21.96 -19.15 27.23
N ILE A 64 22.38 -19.63 26.06
CA ILE A 64 23.39 -20.66 25.93
C ILE A 64 24.51 -20.12 25.07
N ASN A 65 25.70 -19.97 25.65
CA ASN A 65 26.87 -19.49 24.94
C ASN A 65 27.87 -20.64 24.83
N MET A 66 28.01 -21.19 23.63
CA MET A 66 28.83 -22.37 23.39
C MET A 66 29.97 -22.02 22.43
N THR A 67 31.15 -22.54 22.72
CA THR A 67 32.34 -22.24 21.94
C THR A 67 33.17 -23.51 21.73
N ILE A 68 33.62 -23.71 20.50
CA ILE A 68 34.54 -24.78 20.14
C ILE A 68 35.88 -24.13 19.81
N MET A 69 36.94 -24.64 20.43
CA MET A 69 38.26 -24.01 20.40
C MET A 69 39.13 -24.65 19.33
N ASP A 70 39.79 -23.82 18.53
CA ASP A 70 40.79 -24.26 17.57
C ASP A 70 40.21 -25.34 16.65
N THR A 71 39.21 -24.93 15.88
CA THR A 71 38.49 -25.82 14.99
C THR A 71 38.42 -25.21 13.60
N ASP A 72 38.22 -26.08 12.60
CA ASP A 72 38.00 -25.65 11.23
C ASP A 72 36.52 -25.65 10.86
N GLN A 73 35.64 -25.74 11.85
CA GLN A 73 34.20 -25.75 11.64
C GLN A 73 33.62 -24.37 11.88
N ARG A 74 32.35 -24.23 11.53
CA ARG A 74 31.61 -22.99 11.69
C ARG A 74 30.14 -23.34 11.88
N PHE A 75 29.55 -22.85 12.97
CA PHE A 75 28.13 -23.09 13.21
C PHE A 75 27.31 -22.48 12.07
N VAL A 76 26.33 -23.22 11.59
CA VAL A 76 25.49 -22.79 10.49
C VAL A 76 24.01 -22.79 10.87
N ALA A 77 23.62 -23.60 11.85
CA ALA A 77 22.21 -23.65 12.21
C ALA A 77 22.06 -24.24 13.61
N ALA A 78 20.87 -24.03 14.18
CA ALA A 78 20.52 -24.61 15.47
C ALA A 78 19.01 -24.73 15.54
N ALA A 79 18.55 -25.76 16.25
CA ALA A 79 17.13 -26.02 16.46
C ALA A 79 16.88 -26.33 17.93
N GLU A 80 15.67 -26.04 18.39
CA GLU A 80 15.31 -26.22 19.79
C GLU A 80 13.95 -26.90 19.91
N GLY A 81 13.82 -27.76 20.92
CA GLY A 81 12.56 -28.45 21.18
C GLY A 81 12.39 -28.71 22.65
N VAL A 82 11.14 -28.89 23.05
CA VAL A 82 10.78 -29.09 24.45
C VAL A 82 10.24 -30.51 24.61
N GLY A 83 10.78 -31.24 25.60
CA GLY A 83 10.30 -32.55 25.96
C GLY A 83 9.66 -32.56 27.33
N LYS A 84 9.26 -33.76 27.75
CA LYS A 84 8.59 -33.90 29.03
C LYS A 84 9.55 -33.63 30.18
N ASP A 85 8.97 -33.31 31.33
CA ASP A 85 9.70 -33.00 32.56
C ASP A 85 10.53 -31.73 32.44
N ASN A 86 10.12 -30.81 31.56
CA ASN A 86 10.79 -29.52 31.40
C ASN A 86 12.23 -29.72 30.93
N LYS A 87 12.37 -30.37 29.78
CA LYS A 87 13.67 -30.62 29.16
C LYS A 87 13.75 -29.83 27.86
N LEU A 88 14.87 -29.16 27.66
CA LEU A 88 15.13 -28.41 26.44
C LEU A 88 16.24 -29.12 25.68
N SER A 89 15.95 -29.50 24.44
CA SER A 89 16.91 -30.16 23.56
C SER A 89 17.33 -29.18 22.48
N VAL A 90 18.64 -29.09 22.26
CA VAL A 90 19.22 -28.16 21.29
C VAL A 90 20.09 -28.96 20.33
N LEU A 91 19.80 -28.84 19.04
CA LEU A 91 20.58 -29.46 17.99
C LEU A 91 21.41 -28.41 17.30
N LEU A 92 22.70 -28.69 17.10
CA LEU A 92 23.65 -27.74 16.54
C LEU A 92 24.22 -28.30 15.25
N PHE A 93 24.26 -27.46 14.22
CA PHE A 93 24.73 -27.86 12.89
C PHE A 93 25.83 -26.91 12.44
N THR A 94 26.99 -27.48 12.13
CA THR A 94 28.16 -26.77 11.67
C THR A 94 28.43 -27.11 10.21
N THR A 95 29.59 -26.65 9.72
CA THR A 95 30.08 -27.08 8.42
C THR A 95 30.70 -28.47 8.57
N GLN A 96 31.35 -28.96 7.52
CA GLN A 96 31.87 -30.31 7.54
C GLN A 96 33.11 -30.41 8.44
N ARG A 97 33.36 -31.61 8.95
CA ARG A 97 34.46 -31.89 9.86
C ARG A 97 35.70 -32.20 9.03
N LEU A 98 36.63 -31.25 8.95
CA LEU A 98 37.83 -31.43 8.14
C LEU A 98 38.83 -32.35 8.82
N ASP A 99 39.03 -32.22 10.13
CA ASP A 99 40.03 -32.98 10.85
C ASP A 99 39.37 -33.88 11.88
N LYS A 100 39.98 -35.03 12.13
CA LYS A 100 39.49 -35.99 13.11
C LYS A 100 40.27 -35.83 14.42
N VAL A 101 39.92 -34.78 15.16
CA VAL A 101 40.53 -34.49 16.45
C VAL A 101 39.46 -33.95 17.38
N HIS A 102 39.51 -34.38 18.64
CA HIS A 102 38.56 -33.89 19.63
C HIS A 102 38.90 -32.47 20.06
N HIS A 103 37.91 -31.59 20.03
CA HIS A 103 38.09 -30.20 20.39
C HIS A 103 37.56 -29.94 21.80
N ASN A 104 38.19 -29.01 22.49
CA ASN A 104 37.70 -28.59 23.80
C ASN A 104 36.49 -27.68 23.63
N ILE A 105 35.55 -27.78 24.57
CA ILE A 105 34.30 -27.04 24.47
C ILE A 105 34.18 -26.12 25.67
N SER A 106 33.41 -25.04 25.50
CA SER A 106 33.09 -24.13 26.59
C SER A 106 31.60 -23.80 26.51
N VAL A 107 30.86 -24.13 27.56
CA VAL A 107 29.42 -23.92 27.61
C VAL A 107 29.10 -23.02 28.81
N THR A 108 28.35 -21.96 28.56
CA THR A 108 27.86 -21.07 29.60
C THR A 108 26.34 -21.01 29.48
N ILE A 109 25.65 -21.54 30.49
CA ILE A 109 24.19 -21.50 30.56
C ILE A 109 23.82 -20.43 31.58
N THR A 110 22.95 -19.51 31.18
CA THR A 110 22.55 -18.39 32.00
C THR A 110 21.03 -18.30 32.03
N CYS A 111 20.47 -18.13 33.24
CA CYS A 111 19.03 -17.96 33.35
C CYS A 111 18.65 -16.50 33.12
N MET A 112 17.46 -16.32 32.52
CA MET A 112 17.01 -14.99 32.14
C MET A 112 15.56 -14.69 32.48
N GLU A 113 14.76 -15.67 32.89
CA GLU A 113 13.35 -15.44 33.18
C GLU A 113 12.87 -16.03 34.50
N MET A 114 13.57 -17.03 35.04
CA MET A 114 13.18 -17.63 36.30
C MET A 114 14.42 -18.12 37.04
N ASN A 115 14.45 -17.84 38.35
CA ASN A 115 15.51 -18.31 39.23
C ASN A 115 16.88 -17.78 38.79
N CYS A 116 16.93 -16.49 38.52
CA CYS A 116 18.19 -15.86 38.11
C CYS A 116 19.11 -15.69 39.32
N GLY A 117 20.38 -15.44 39.03
CA GLY A 117 21.36 -15.29 40.08
C GLY A 117 22.74 -15.10 39.47
N THR A 118 23.74 -15.10 40.35
CA THR A 118 25.14 -15.00 39.93
C THR A 118 25.66 -16.40 39.66
N THR A 119 26.97 -16.51 39.37
CA THR A 119 27.56 -17.79 39.02
C THR A 119 27.31 -18.83 40.10
N LYS A 120 26.51 -19.84 39.79
CA LYS A 120 26.24 -20.92 40.73
C LYS A 120 27.14 -22.12 40.52
N TYR A 121 27.58 -22.38 39.29
CA TYR A 121 28.48 -23.49 39.04
C TYR A 121 29.54 -23.10 38.03
N ASP A 122 30.74 -23.62 38.21
CA ASP A 122 31.84 -23.38 37.27
C ASP A 122 32.86 -24.49 37.46
N SER A 123 33.00 -25.35 36.45
CA SER A 123 33.89 -26.51 36.58
C SER A 123 34.33 -26.97 35.20
N ASP A 124 35.12 -28.04 35.18
CA ASP A 124 35.57 -28.68 33.96
C ASP A 124 35.10 -30.13 33.96
N LEU A 125 34.58 -30.56 32.81
CA LEU A 125 34.00 -31.88 32.65
C LEU A 125 34.87 -32.69 31.70
N PRO A 126 35.33 -33.88 32.10
CA PRO A 126 36.08 -34.71 31.16
C PRO A 126 35.20 -35.19 30.02
N GLU A 127 35.85 -35.65 28.96
CA GLU A 127 35.18 -36.35 27.86
C GLU A 127 35.11 -37.82 28.26
N SER A 128 33.90 -38.29 28.55
CA SER A 128 33.76 -39.57 29.25
C SER A 128 34.29 -40.73 28.42
N ILE A 129 33.99 -40.76 27.13
CA ILE A 129 34.25 -41.96 26.33
C ILE A 129 35.76 -42.13 26.12
N HIS A 130 36.46 -41.06 25.77
CA HIS A 130 37.86 -41.15 25.37
C HIS A 130 38.82 -40.37 26.26
N HIS A 131 38.33 -39.34 26.97
CA HIS A 131 39.17 -38.56 27.86
C HIS A 131 40.30 -37.85 27.13
N LYS A 132 40.03 -37.34 25.92
CA LYS A 132 41.02 -36.60 25.15
C LYS A 132 40.69 -35.12 25.03
N SER A 133 39.70 -34.63 25.76
CA SER A 133 39.34 -33.21 25.75
C SER A 133 38.54 -32.91 27.00
N SER A 134 37.98 -31.71 27.06
CA SER A 134 37.19 -31.31 28.22
C SER A 134 36.20 -30.24 27.81
N CYS A 135 35.23 -30.00 28.70
CA CYS A 135 34.21 -28.98 28.52
C CYS A 135 34.17 -28.10 29.75
N ASP A 136 34.42 -26.81 29.58
CA ASP A 136 34.35 -25.85 30.68
C ASP A 136 32.91 -25.37 30.81
N ILE A 137 32.26 -25.74 31.91
CA ILE A 137 30.83 -25.50 32.10
C ILE A 137 30.66 -24.42 33.16
N THR A 138 29.80 -23.45 32.87
CA THR A 138 29.48 -22.37 33.81
C THR A 138 27.98 -22.14 33.80
N ILE A 139 27.35 -22.30 34.96
CA ILE A 139 25.91 -22.08 35.13
C ILE A 139 25.71 -20.85 36.01
N ASN A 140 25.01 -19.86 35.46
CA ASN A 140 24.65 -18.61 36.14
C ASN A 140 23.16 -18.64 36.43
N GLY A 141 22.81 -19.02 37.66
CA GLY A 141 21.44 -19.10 38.12
C GLY A 141 21.22 -20.34 38.94
N SER A 142 19.96 -20.53 39.34
CA SER A 142 19.54 -21.71 40.09
C SER A 142 18.39 -22.43 39.39
N CYS A 143 18.47 -22.57 38.07
CA CYS A 143 17.39 -23.12 37.26
C CYS A 143 17.78 -24.45 36.63
N VAL A 144 19.06 -24.64 36.34
CA VAL A 144 19.53 -25.86 35.70
C VAL A 144 19.62 -26.97 36.72
N THR A 145 19.04 -28.12 36.40
CA THR A 145 19.13 -29.33 37.22
C THR A 145 20.08 -30.36 36.65
N CYS A 146 20.07 -30.57 35.34
CA CYS A 146 21.01 -31.46 34.68
C CYS A 146 21.43 -30.86 33.35
N VAL A 147 22.61 -31.25 32.89
CA VAL A 147 23.15 -30.84 31.59
C VAL A 147 23.88 -32.02 30.98
N ASN A 148 23.65 -32.23 29.69
CA ASN A 148 24.32 -33.30 28.94
C ASN A 148 24.66 -32.79 27.55
N LEU A 149 25.89 -33.06 27.10
CA LEU A 149 26.37 -32.67 25.79
C LEU A 149 26.90 -33.88 25.07
N GLU A 150 26.48 -34.06 23.82
CA GLU A 150 26.91 -35.17 22.97
C GLU A 150 27.49 -34.56 21.70
N THR A 151 28.81 -34.68 21.53
CA THR A 151 29.51 -34.14 20.37
C THR A 151 29.75 -35.26 19.37
N ASP A 152 29.50 -34.98 18.09
CA ASP A 152 29.56 -35.98 17.03
C ASP A 152 28.69 -37.17 17.39
N PRO A 153 27.40 -36.95 17.65
CA PRO A 153 26.51 -38.07 18.01
C PRO A 153 26.30 -39.01 16.84
N THR A 154 26.34 -40.31 17.12
CA THR A 154 26.09 -41.31 16.09
C THR A 154 24.66 -41.84 16.17
N LYS A 155 24.23 -42.26 17.36
CA LYS A 155 22.91 -42.85 17.51
C LYS A 155 21.82 -41.85 17.16
N ILE A 156 21.97 -40.60 17.62
CA ILE A 156 20.93 -39.60 17.40
C ILE A 156 20.68 -39.44 15.90
N ASN A 157 19.41 -39.27 15.54
CA ASN A 157 19.04 -39.13 14.14
C ASN A 157 18.66 -37.68 13.88
N PRO A 158 19.51 -36.89 13.22
CA PRO A 158 19.21 -35.47 13.03
C PRO A 158 18.29 -35.17 11.86
N HIS A 159 17.57 -36.15 11.33
CA HIS A 159 16.69 -35.87 10.21
C HIS A 159 15.33 -35.38 10.71
N TYR A 160 14.79 -35.99 11.77
CA TYR A 160 13.53 -35.58 12.38
C TYR A 160 12.61 -34.98 11.31
N LEU A 161 12.18 -33.74 11.48
CA LEU A 161 11.63 -32.96 10.37
C LEU A 161 12.77 -32.21 9.68
N HIS A 162 13.55 -32.98 8.93
CA HIS A 162 14.71 -32.43 8.22
C HIS A 162 14.24 -31.34 7.25
N PRO A 163 14.84 -30.15 7.28
CA PRO A 163 14.40 -29.10 6.34
C PRO A 163 14.56 -29.58 4.90
N LYS A 164 13.58 -29.19 4.06
CA LYS A 164 13.50 -29.76 2.73
C LYS A 164 14.62 -29.25 1.83
N ASP A 165 15.06 -28.01 2.03
CA ASP A 165 16.01 -27.39 1.11
C ASP A 165 17.46 -27.70 1.44
N LYS A 166 17.73 -28.48 2.48
CA LYS A 166 19.09 -28.68 2.97
C LYS A 166 19.55 -30.11 2.74
N TYR A 167 20.84 -30.33 2.99
CA TYR A 167 21.45 -31.65 3.03
C TYR A 167 22.05 -31.84 4.41
N LEU A 168 21.83 -33.00 5.00
CA LEU A 168 22.28 -33.30 6.36
C LEU A 168 23.30 -34.42 6.34
N TYR A 169 24.34 -34.27 7.16
CA TYR A 169 25.36 -35.29 7.32
C TYR A 169 25.61 -35.51 8.81
N ARG A 170 25.95 -36.74 9.16
CA ARG A 170 26.18 -37.11 10.54
C ARG A 170 27.35 -38.08 10.64
N ASN A 171 27.96 -38.11 11.81
CA ASN A 171 29.09 -38.99 12.08
C ASN A 171 28.62 -40.44 12.17
N SER A 172 29.51 -41.36 11.77
CA SER A 172 29.22 -42.78 11.79
C SER A 172 30.33 -43.57 12.49
N GLU A 173 31.17 -42.91 13.26
CA GLU A 173 32.28 -43.55 13.95
C GLU A 173 32.13 -43.38 15.45
N TYR A 174 32.35 -44.47 16.18
CA TYR A 174 32.32 -44.42 17.63
C TYR A 174 33.57 -43.75 18.20
N GLY A 175 34.64 -43.66 17.40
CA GLY A 175 35.87 -43.06 17.89
C GLY A 175 35.83 -41.54 17.90
N MET A 176 34.85 -40.94 17.23
CA MET A 176 34.69 -39.50 17.25
C MET A 176 33.62 -39.03 18.24
N ARG A 177 32.93 -39.96 18.91
CA ARG A 177 31.90 -39.57 19.86
C ARG A 177 32.51 -38.90 21.08
N GLY A 178 31.78 -37.93 21.63
CA GLY A 178 32.17 -37.29 22.87
C GLY A 178 30.97 -37.06 23.76
N SER A 179 31.11 -37.26 25.07
CA SER A 179 30.00 -37.16 25.99
C SER A 179 30.42 -36.44 27.26
N TYR A 180 29.63 -35.44 27.66
CA TYR A 180 29.84 -34.71 28.91
C TYR A 180 28.51 -34.60 29.64
N GLY A 181 28.57 -34.50 30.96
CA GLY A 181 27.34 -34.37 31.72
C GLY A 181 27.51 -34.08 33.20
N VAL A 182 26.60 -33.29 33.76
CA VAL A 182 26.56 -33.02 35.19
C VAL A 182 25.10 -32.98 35.65
N THR A 183 24.82 -33.59 36.78
CA THR A 183 23.50 -33.57 37.39
C THR A 183 23.60 -32.96 38.78
N PHE A 184 22.71 -31.99 39.06
CA PHE A 184 22.68 -31.31 40.33
C PHE A 184 21.58 -31.83 41.25
N MET A 185 21.00 -32.98 40.93
CA MET A 185 19.94 -33.58 41.71
C MET A 185 20.34 -35.00 42.11
N ASP A 186 19.95 -35.40 43.32
CA ASP A 186 20.39 -36.68 43.87
C ASP A 186 20.03 -37.85 42.97
N GLU A 187 18.93 -37.76 42.22
CA GLU A 187 18.58 -38.84 41.31
C GLU A 187 19.59 -38.90 40.16
N LEU A 188 19.59 -40.03 39.46
CA LEU A 188 20.51 -40.20 38.35
C LEU A 188 20.31 -39.08 37.32
N ASN A 189 21.26 -39.01 36.38
CA ASN A 189 21.31 -37.88 35.46
C ASN A 189 19.97 -37.66 34.76
N GLN A 190 19.44 -38.73 34.15
CA GLN A 190 18.13 -38.72 33.51
C GLN A 190 17.85 -37.41 32.78
N CYS A 191 18.88 -36.84 32.16
CA CYS A 191 18.68 -35.71 31.26
C CYS A 191 18.34 -36.18 29.85
N PHE A 192 18.32 -37.49 29.62
CA PHE A 192 17.99 -38.03 28.32
C PHE A 192 16.54 -37.75 27.97
N LEU A 193 16.29 -37.53 26.68
CA LEU A 193 14.93 -37.41 26.16
C LEU A 193 14.93 -37.89 24.72
N ASP A 194 14.03 -38.82 24.41
CA ASP A 194 13.99 -39.37 23.06
C ASP A 194 13.78 -38.26 22.04
N ILE A 195 14.59 -38.29 20.98
CA ILE A 195 14.52 -37.25 19.96
C ILE A 195 13.19 -37.31 19.22
N LYS A 196 12.67 -38.52 19.01
CA LYS A 196 11.45 -38.66 18.21
C LYS A 196 10.22 -38.20 18.99
N GLU A 197 10.32 -38.05 20.30
CA GLU A 197 9.21 -37.58 21.10
C GLU A 197 9.21 -36.06 21.28
N VAL A 198 10.13 -35.35 20.64
CA VAL A 198 10.25 -33.91 20.77
C VAL A 198 9.87 -33.27 19.44
N SER A 199 9.35 -32.05 19.52
CA SER A 199 9.04 -31.24 18.35
C SER A 199 10.01 -30.07 18.31
N TYR A 200 10.73 -29.94 17.20
CA TYR A 200 11.80 -28.97 17.07
C TYR A 200 11.38 -27.83 16.16
N ASP A 201 11.94 -26.65 16.42
CA ASP A 201 11.81 -25.50 15.55
C ASP A 201 13.19 -24.90 15.33
N ILE A 202 13.42 -24.39 14.12
CA ILE A 202 14.73 -23.85 13.76
C ILE A 202 14.89 -22.46 14.35
N CYS A 203 16.04 -22.21 14.95
CA CYS A 203 16.36 -20.90 15.49
C CYS A 203 16.62 -19.91 14.35
N TYR A 204 16.38 -18.64 14.63
CA TYR A 204 16.44 -17.58 13.63
C TYR A 204 17.72 -16.77 13.81
N ARG A 205 18.52 -16.70 12.74
CA ARG A 205 19.72 -15.88 12.77
C ARG A 205 19.36 -14.41 12.80
N GLU A 206 20.10 -13.65 13.60
CA GLU A 206 19.84 -12.22 13.73
C GLU A 206 21.06 -11.50 14.30
N VAL B 1 36.53 -53.63 24.33
CA VAL B 1 35.97 -54.62 23.36
C VAL B 1 34.49 -54.33 23.13
N ILE B 2 34.19 -53.63 22.03
CA ILE B 2 32.80 -53.24 21.75
C ILE B 2 31.93 -54.48 21.57
N HIS B 3 32.41 -55.45 20.81
CA HIS B 3 31.63 -56.62 20.42
C HIS B 3 32.17 -57.86 21.11
N VAL B 4 31.31 -58.55 21.84
CA VAL B 4 31.64 -59.81 22.48
C VAL B 4 30.49 -60.79 22.24
N THR B 5 30.81 -61.97 21.72
CA THR B 5 29.83 -63.00 21.41
C THR B 5 30.17 -64.26 22.19
N LYS B 6 29.19 -64.77 22.93
CA LYS B 6 29.37 -65.96 23.75
C LYS B 6 28.28 -66.97 23.43
N GLU B 7 28.67 -68.24 23.37
CA GLU B 7 27.70 -69.31 23.14
C GLU B 7 26.73 -69.41 24.29
N VAL B 8 25.51 -69.86 23.98
CA VAL B 8 24.44 -69.86 24.98
C VAL B 8 24.87 -70.70 26.19
N LYS B 9 24.28 -70.37 27.34
CA LYS B 9 24.45 -71.07 28.61
C LYS B 9 25.81 -70.82 29.25
N GLU B 10 26.71 -70.09 28.60
CA GLU B 10 28.04 -69.84 29.14
C GLU B 10 28.00 -68.63 30.07
N VAL B 11 29.18 -68.18 30.50
CA VAL B 11 29.32 -67.06 31.41
C VAL B 11 29.71 -65.83 30.59
N ALA B 12 28.93 -64.76 30.70
CA ALA B 12 29.17 -63.53 29.97
C ALA B 12 29.83 -62.51 30.91
N THR B 13 31.06 -62.12 30.59
CA THR B 13 31.82 -61.17 31.39
C THR B 13 31.88 -59.86 30.61
N LEU B 14 31.03 -58.91 31.00
CA LEU B 14 31.00 -57.60 30.37
C LEU B 14 31.80 -56.61 31.21
N SER B 15 32.83 -56.04 30.62
CA SER B 15 33.77 -55.17 31.33
C SER B 15 33.40 -53.71 31.11
N CYS B 16 33.36 -52.95 32.20
CA CYS B 16 33.16 -51.50 32.11
C CYS B 16 34.39 -50.78 31.59
N GLY B 17 35.57 -51.37 31.72
CA GLY B 17 36.79 -50.77 31.24
C GLY B 17 37.36 -49.68 32.11
N HIS B 18 36.82 -49.48 33.30
CA HIS B 18 37.27 -48.44 34.21
C HIS B 18 37.46 -49.02 35.60
N ASN B 19 38.49 -48.55 36.29
CA ASN B 19 38.82 -49.04 37.63
C ASN B 19 38.62 -47.91 38.62
N VAL B 20 37.81 -48.16 39.65
CA VAL B 20 37.52 -47.19 40.69
C VAL B 20 38.05 -47.75 42.00
N SER B 21 38.91 -46.97 42.66
CA SER B 21 39.49 -47.41 43.91
C SER B 21 38.42 -47.60 44.97
N VAL B 22 38.59 -48.63 45.80
CA VAL B 22 37.62 -48.92 46.86
C VAL B 22 37.49 -47.73 47.80
N GLU B 23 38.58 -46.97 47.99
CA GLU B 23 38.52 -45.80 48.86
C GLU B 23 37.55 -44.75 48.30
N GLU B 24 37.55 -44.56 46.98
CA GLU B 24 36.71 -43.55 46.35
C GLU B 24 35.29 -44.02 46.09
N LEU B 25 34.99 -45.30 46.29
CA LEU B 25 33.64 -45.78 46.05
C LEU B 25 32.62 -45.10 46.95
N ALA B 26 33.07 -44.49 48.05
CA ALA B 26 32.16 -43.73 48.90
C ALA B 26 31.57 -42.55 48.13
N GLN B 27 32.37 -41.89 47.31
CA GLN B 27 31.95 -40.72 46.55
C GLN B 27 31.66 -41.04 45.09
N THR B 28 31.24 -42.26 44.77
CA THR B 28 31.04 -42.69 43.39
C THR B 28 29.70 -43.38 43.24
N ARG B 29 29.12 -43.26 42.05
CA ARG B 29 27.90 -43.95 41.67
C ARG B 29 28.14 -44.66 40.35
N ILE B 30 27.78 -45.94 40.28
CA ILE B 30 28.00 -46.77 39.11
C ILE B 30 26.67 -47.32 38.64
N TYR B 31 26.38 -47.17 37.35
CA TYR B 31 25.17 -47.69 36.74
C TYR B 31 25.51 -48.53 35.52
N TRP B 32 24.92 -49.71 35.43
CA TRP B 32 24.94 -50.54 34.24
C TRP B 32 23.52 -50.59 33.71
N GLN B 33 23.32 -50.24 32.45
CA GLN B 33 22.00 -50.25 31.85
C GLN B 33 22.05 -50.80 30.44
N LYS B 34 20.88 -51.14 29.91
CA LYS B 34 20.74 -51.80 28.62
C LYS B 34 19.57 -51.14 27.87
N GLU B 35 19.90 -50.20 26.97
CA GLU B 35 18.92 -49.55 26.12
C GLU B 35 17.80 -48.93 26.97
N LYS B 36 18.19 -48.00 27.83
CA LYS B 36 17.31 -47.22 28.70
C LYS B 36 16.60 -48.07 29.73
N LYS B 37 16.98 -49.33 29.91
CA LYS B 37 16.43 -50.19 30.96
C LYS B 37 17.54 -50.48 31.96
N MET B 38 17.32 -50.12 33.21
CA MET B 38 18.34 -50.28 34.23
C MET B 38 18.63 -51.76 34.47
N VAL B 39 19.91 -52.06 34.74
CA VAL B 39 20.36 -53.41 35.02
C VAL B 39 20.98 -53.51 36.42
N LEU B 40 21.81 -52.54 36.80
CA LEU B 40 22.48 -52.58 38.08
C LEU B 40 22.86 -51.18 38.53
N THR B 41 22.75 -50.94 39.83
CA THR B 41 23.15 -49.68 40.44
C THR B 41 23.98 -49.96 41.68
N MET B 42 24.95 -49.09 41.94
CA MET B 42 25.83 -49.23 43.10
C MET B 42 25.96 -47.90 43.84
N MET B 43 24.82 -47.29 44.15
CA MET B 43 24.81 -45.94 44.69
C MET B 43 25.45 -45.87 46.07
N SER B 44 26.65 -45.30 46.14
CA SER B 44 27.32 -45.03 47.41
C SER B 44 27.43 -46.28 48.26
N GLY B 45 27.74 -47.40 47.63
CA GLY B 45 27.89 -48.67 48.32
C GLY B 45 26.63 -49.48 48.46
N ASP B 46 25.46 -48.87 48.22
CA ASP B 46 24.18 -49.57 48.26
C ASP B 46 23.91 -50.13 46.87
N MET B 47 23.92 -51.45 46.75
CA MET B 47 23.76 -52.12 45.47
C MET B 47 22.29 -52.40 45.20
N ASN B 48 21.97 -52.62 43.94
CA ASN B 48 20.59 -52.86 43.54
C ASN B 48 20.58 -53.51 42.16
N ILE B 49 19.89 -54.64 42.03
CA ILE B 49 19.75 -55.36 40.78
C ILE B 49 18.28 -55.57 40.51
N TRP B 50 17.85 -55.29 39.28
CA TRP B 50 16.44 -55.37 38.94
C TRP B 50 16.00 -56.83 38.85
N PRO B 51 14.68 -57.08 38.92
CA PRO B 51 14.22 -58.48 38.97
C PRO B 51 14.65 -59.32 37.78
N GLU B 52 14.71 -58.74 36.58
CA GLU B 52 15.04 -59.51 35.40
C GLU B 52 16.47 -60.02 35.45
N TYR B 53 17.31 -59.43 36.31
CA TYR B 53 18.72 -59.78 36.41
C TYR B 53 19.16 -60.05 37.84
N LYS B 54 18.23 -60.11 38.79
CA LYS B 54 18.62 -60.21 40.20
C LYS B 54 19.35 -61.51 40.50
N ASN B 55 18.89 -62.62 39.91
CA ASN B 55 19.44 -63.92 40.28
C ASN B 55 20.80 -64.17 39.62
N ARG B 56 21.00 -63.67 38.41
CA ARG B 56 22.11 -64.10 37.55
C ARG B 56 23.02 -62.94 37.17
N THR B 57 23.43 -62.12 38.14
CA THR B 57 24.28 -60.96 37.88
C THR B 57 25.19 -60.72 39.07
N ILE B 58 26.48 -61.04 38.91
CA ILE B 58 27.49 -60.81 39.94
C ILE B 58 28.31 -59.60 39.52
N PHE B 59 28.40 -58.61 40.41
CA PHE B 59 29.10 -57.37 40.12
C PHE B 59 30.50 -57.42 40.73
N ASP B 60 31.50 -57.56 39.88
CA ASP B 60 32.90 -57.57 40.32
C ASP B 60 33.40 -56.14 40.30
N ILE B 61 33.58 -55.56 41.49
CA ILE B 61 34.03 -54.17 41.58
C ILE B 61 35.48 -54.04 41.17
N THR B 62 36.34 -54.95 41.66
CA THR B 62 37.78 -54.81 41.45
C THR B 62 38.14 -54.96 39.98
N ASN B 63 37.51 -55.90 39.28
CA ASN B 63 37.87 -56.21 37.90
C ASN B 63 37.14 -55.25 36.95
N ASN B 64 37.59 -53.99 36.98
CA ASN B 64 37.12 -52.97 36.05
C ASN B 64 35.60 -52.84 36.06
N LEU B 65 35.02 -52.89 37.26
CA LEU B 65 33.58 -52.72 37.43
C LEU B 65 32.81 -53.63 36.48
N SER B 66 33.24 -54.88 36.40
CA SER B 66 32.67 -55.82 35.43
C SER B 66 31.42 -56.48 35.99
N ILE B 67 30.62 -57.03 35.09
CA ILE B 67 29.44 -57.80 35.46
C ILE B 67 29.55 -59.18 34.84
N VAL B 68 29.32 -60.21 35.65
CA VAL B 68 29.35 -61.59 35.22
C VAL B 68 27.92 -62.10 35.24
N ILE B 69 27.44 -62.56 34.09
CA ILE B 69 26.09 -63.08 33.95
C ILE B 69 26.20 -64.58 33.70
N LEU B 70 25.61 -65.37 34.59
CA LEU B 70 25.59 -66.81 34.46
C LEU B 70 24.29 -67.24 33.79
N ALA B 71 24.37 -68.31 32.99
CA ALA B 71 23.24 -68.80 32.23
C ALA B 71 22.72 -67.72 31.27
N LEU B 72 23.58 -67.35 30.32
CA LEU B 72 23.20 -66.39 29.29
C LEU B 72 21.99 -66.91 28.52
N ARG B 73 21.11 -65.99 28.15
CA ARG B 73 19.84 -66.32 27.52
C ARG B 73 19.69 -65.55 26.22
N PRO B 74 18.91 -66.09 25.28
CA PRO B 74 18.77 -65.41 23.98
C PRO B 74 18.11 -64.05 24.06
N SER B 75 17.40 -63.76 25.14
CA SER B 75 16.76 -62.46 25.29
C SER B 75 17.69 -61.39 25.83
N ASP B 76 18.94 -61.74 26.15
CA ASP B 76 19.89 -60.78 26.70
C ASP B 76 20.65 -60.02 25.62
N GLU B 77 20.43 -60.33 24.34
CA GLU B 77 21.14 -59.62 23.28
C GLU B 77 20.78 -58.14 23.29
N GLY B 78 21.79 -57.30 23.16
CA GLY B 78 21.58 -55.87 23.14
C GLY B 78 22.88 -55.14 23.40
N THR B 79 22.75 -53.84 23.67
CA THR B 79 23.87 -52.97 23.95
C THR B 79 23.82 -52.54 25.41
N TYR B 80 24.94 -52.70 26.12
CA TYR B 80 25.06 -52.33 27.51
C TYR B 80 25.97 -51.12 27.64
N GLU B 81 25.61 -50.21 28.54
CA GLU B 81 26.42 -49.03 28.82
C GLU B 81 26.65 -48.92 30.32
N CYS B 82 27.90 -48.64 30.67
CA CYS B 82 28.35 -48.46 32.05
C CYS B 82 28.73 -46.99 32.25
N VAL B 83 28.13 -46.35 33.24
CA VAL B 83 28.36 -44.93 33.51
C VAL B 83 28.77 -44.78 34.97
N VAL B 84 29.83 -43.99 35.17
CA VAL B 84 30.40 -43.74 36.50
C VAL B 84 30.35 -42.25 36.77
N LEU B 85 29.84 -41.88 37.95
CA LEU B 85 29.71 -40.49 38.35
C LEU B 85 30.47 -40.25 39.65
N LYS B 86 31.32 -39.24 39.67
CA LYS B 86 32.06 -38.82 40.85
C LYS B 86 31.41 -37.59 41.45
N TYR B 87 31.27 -37.58 42.78
CA TYR B 87 30.55 -36.52 43.47
C TYR B 87 31.48 -35.33 43.71
N GLU B 88 31.66 -34.54 42.66
CA GLU B 88 32.29 -33.24 42.83
C GLU B 88 31.48 -32.41 43.82
N LYS B 89 32.11 -31.35 44.34
CA LYS B 89 31.45 -30.52 45.33
C LYS B 89 30.14 -29.98 44.81
N ASP B 90 29.04 -30.44 45.39
CA ASP B 90 27.66 -30.00 45.13
C ASP B 90 27.07 -30.61 43.85
N ALA B 91 27.81 -31.43 43.10
CA ALA B 91 27.29 -31.96 41.85
C ALA B 91 27.87 -33.34 41.61
N PHE B 92 27.16 -34.12 40.79
CA PHE B 92 27.61 -35.43 40.32
C PHE B 92 28.06 -35.28 38.88
N LYS B 93 29.34 -35.58 38.63
CA LYS B 93 29.97 -35.37 37.33
C LYS B 93 30.32 -36.71 36.72
N ARG B 94 29.93 -36.91 35.46
CA ARG B 94 30.22 -38.17 34.78
C ARG B 94 31.69 -38.23 34.40
N GLU B 95 32.38 -39.27 34.87
CA GLU B 95 33.81 -39.42 34.66
C GLU B 95 34.16 -40.56 33.72
N HIS B 96 33.20 -41.39 33.33
CA HIS B 96 33.46 -42.44 32.35
C HIS B 96 32.17 -43.04 31.82
N LEU B 97 32.05 -43.13 30.50
CA LEU B 97 30.95 -43.79 29.84
C LEU B 97 31.51 -44.81 28.87
N ALA B 98 31.01 -46.05 28.96
CA ALA B 98 31.47 -47.14 28.12
C ALA B 98 30.27 -47.81 27.46
N GLU B 99 30.52 -48.47 26.33
CA GLU B 99 29.48 -49.14 25.57
C GLU B 99 30.01 -50.49 25.13
N VAL B 100 29.33 -51.57 25.54
CA VAL B 100 29.71 -52.93 25.21
C VAL B 100 28.48 -53.67 24.71
N THR B 101 28.65 -54.41 23.62
CA THR B 101 27.56 -55.12 22.97
C THR B 101 27.75 -56.61 23.12
N LEU B 102 26.66 -57.32 23.40
CA LEU B 102 26.68 -58.76 23.63
C LEU B 102 25.85 -59.44 22.55
N SER B 103 26.41 -60.49 21.94
CA SER B 103 25.74 -61.26 20.91
C SER B 103 25.61 -62.70 21.36
N VAL B 104 24.51 -63.35 20.97
CA VAL B 104 24.20 -64.72 21.36
C VAL B 104 24.07 -65.57 20.11
N LYS B 105 24.78 -66.69 20.08
CA LYS B 105 24.72 -67.63 18.97
C LYS B 105 23.80 -68.79 19.35
N ALA B 106 22.73 -68.97 18.58
CA ALA B 106 21.76 -70.03 18.85
C ALA B 106 20.99 -70.38 17.58
N ALA C 4 32.07 -14.48 46.70
CA ALA C 4 31.88 -15.53 45.70
C ALA C 4 30.85 -16.55 46.18
N GLU C 5 29.85 -16.07 46.90
CA GLU C 5 28.78 -16.92 47.42
C GLU C 5 27.50 -16.62 46.66
N TYR C 6 26.85 -17.67 46.16
CA TYR C 6 25.70 -17.50 45.28
C TYR C 6 24.56 -16.81 45.99
N LYS C 7 23.95 -15.84 45.32
CA LYS C 7 22.74 -15.17 45.80
C LYS C 7 21.78 -14.96 44.65
N ASN C 8 20.49 -15.14 44.91
CA ASN C 8 19.48 -14.92 43.88
C ASN C 8 19.35 -13.44 43.56
N THR C 9 19.19 -13.13 42.28
CA THR C 9 19.09 -11.77 41.80
C THR C 9 17.84 -11.62 40.95
N ILE C 10 17.27 -10.41 40.98
CA ILE C 10 16.11 -10.12 40.14
C ILE C 10 16.48 -10.34 38.68
N CYS C 11 15.52 -10.81 37.90
CA CYS C 11 15.77 -11.05 36.49
C CYS C 11 15.88 -9.73 35.73
N PRO C 12 16.52 -9.74 34.57
CA PRO C 12 16.70 -8.49 33.82
C PRO C 12 15.39 -8.05 33.18
N PRO C 13 15.34 -6.81 32.68
CA PRO C 13 14.12 -6.36 31.99
C PRO C 13 13.89 -7.12 30.70
N ARG C 14 12.64 -7.08 30.23
CA ARG C 14 12.23 -7.74 29.00
C ARG C 14 11.09 -6.95 28.37
N GLN C 15 10.90 -7.16 27.06
CA GLN C 15 9.74 -6.58 26.39
C GLN C 15 8.46 -7.32 26.77
N ASP C 16 8.53 -8.64 26.85
CA ASP C 16 7.39 -9.48 27.21
C ASP C 16 7.76 -10.36 28.39
N TYR C 17 6.85 -10.46 29.36
CA TYR C 17 7.01 -11.32 30.52
C TYR C 17 6.01 -12.46 30.42
N ARG C 18 6.51 -13.68 30.43
CA ARG C 18 5.65 -14.86 30.32
C ARG C 18 5.37 -15.51 31.67
N TYR C 19 6.07 -15.11 32.72
CA TYR C 19 5.92 -15.69 34.05
C TYR C 19 5.46 -14.61 35.02
N TRP C 20 4.21 -14.69 35.46
CA TRP C 20 3.57 -13.66 36.25
C TRP C 20 3.29 -14.18 37.65
N TYR C 21 3.47 -13.31 38.65
CA TYR C 21 3.14 -13.61 40.03
C TYR C 21 2.08 -12.63 40.50
N PHE C 22 0.98 -13.17 41.04
CA PHE C 22 -0.15 -12.35 41.45
C PHE C 22 0.21 -11.52 42.68
N ALA C 23 0.58 -10.26 42.48
CA ALA C 23 1.18 -9.48 43.55
C ALA C 23 0.12 -8.85 44.45
N ALA C 24 -0.92 -8.24 43.87
CA ALA C 24 -1.89 -7.53 44.68
C ALA C 24 -3.18 -7.35 43.90
N GLU C 25 -4.25 -7.04 44.64
CA GLU C 25 -5.55 -6.73 44.08
C GLU C 25 -6.02 -5.41 44.68
N LEU C 26 -6.21 -4.41 43.84
CA LEU C 26 -6.63 -3.08 44.25
C LEU C 26 -8.05 -2.82 43.78
N THR C 27 -8.94 -2.51 44.72
CA THR C 27 -10.33 -2.22 44.44
C THR C 27 -10.63 -0.77 44.82
N ILE C 28 -11.18 -0.01 43.88
CA ILE C 28 -11.50 1.39 44.08
C ILE C 28 -12.95 1.61 43.67
N GLY C 29 -13.73 2.19 44.57
CA GLY C 29 -15.10 2.56 44.30
C GLY C 29 -15.22 4.07 44.11
N VAL C 30 -15.98 4.47 43.09
CA VAL C 30 -16.09 5.87 42.71
C VAL C 30 -17.55 6.28 42.74
N ASN C 31 -17.77 7.60 42.80
CA ASN C 31 -19.11 8.17 42.89
C ASN C 31 -19.62 8.68 41.54
N TYR C 32 -18.92 8.40 40.45
CA TYR C 32 -19.40 8.71 39.11
C TYR C 32 -19.56 7.41 38.32
N ASP C 33 -20.26 7.52 37.20
CA ASP C 33 -20.74 6.34 36.50
C ASP C 33 -19.66 5.73 35.62
N ILE C 34 -19.34 4.48 35.88
CA ILE C 34 -18.59 3.63 34.97
C ILE C 34 -19.47 2.42 34.68
N ASN C 35 -19.74 2.16 33.40
CA ASN C 35 -20.76 1.20 33.03
C ASN C 35 -20.20 -0.21 32.86
N SER C 36 -19.22 -0.36 31.98
CA SER C 36 -18.71 -1.69 31.67
C SER C 36 -17.26 -1.59 31.22
N THR C 37 -16.60 -2.74 31.20
CA THR C 37 -15.21 -2.80 30.77
C THR C 37 -15.09 -2.44 29.30
N ILE C 38 -14.02 -1.72 28.97
CA ILE C 38 -13.74 -1.28 27.61
C ILE C 38 -12.35 -1.74 27.23
N MET C 39 -12.22 -2.40 26.08
CA MET C 39 -10.93 -2.87 25.63
C MET C 39 -10.07 -1.70 25.20
N GLY C 40 -8.83 -1.67 25.67
CA GLY C 40 -7.91 -0.59 25.38
C GLY C 40 -8.07 0.63 26.25
N GLU C 41 -8.95 0.59 27.26
CA GLU C 41 -9.16 1.74 28.12
C GLU C 41 -7.99 2.01 29.07
N CYS C 42 -7.33 0.96 29.54
CA CYS C 42 -6.28 1.08 30.55
C CYS C 42 -4.90 1.10 29.88
N HIS C 43 -4.05 2.01 30.34
CA HIS C 43 -2.65 2.04 29.94
C HIS C 43 -1.80 2.04 31.20
N MET C 44 -0.57 1.53 31.08
CA MET C 44 0.29 1.38 32.23
C MET C 44 1.74 1.73 31.88
N SER C 45 2.48 2.13 32.91
CA SER C 45 3.92 2.36 32.83
C SER C 45 4.56 1.79 34.08
N GLU C 46 5.78 1.28 33.94
CA GLU C 46 6.46 0.58 35.03
C GLU C 46 7.90 1.09 35.13
N SER C 47 8.42 1.11 36.36
CA SER C 47 9.79 1.53 36.58
C SER C 47 10.35 0.86 37.83
N TYR C 48 11.46 0.16 37.67
CA TYR C 48 12.17 -0.47 38.78
C TYR C 48 13.46 0.30 39.02
N ILE C 49 13.41 1.28 39.92
CA ILE C 49 14.55 2.14 40.21
C ILE C 49 14.92 1.96 41.67
N ASP C 50 16.22 1.93 41.94
CA ASP C 50 16.69 1.53 43.26
C ASP C 50 16.10 0.15 43.51
N ARG C 51 15.65 -0.16 44.73
CA ARG C 51 14.89 -1.37 44.98
C ARG C 51 13.41 -1.05 45.13
N ASN C 52 12.95 -0.01 44.44
CA ASN C 52 11.57 0.43 44.45
C ASN C 52 10.93 0.11 43.10
N ALA C 53 9.76 -0.52 43.15
CA ALA C 53 9.01 -0.89 41.95
C ALA C 53 7.76 -0.05 41.87
N ASN C 54 7.59 0.67 40.76
CA ASN C 54 6.50 1.62 40.59
C ASN C 54 5.68 1.26 39.36
N ILE C 55 4.36 1.35 39.50
CA ILE C 55 3.41 1.15 38.42
C ILE C 55 2.48 2.35 38.40
N VAL C 56 2.21 2.87 37.21
CA VAL C 56 1.28 3.98 37.01
C VAL C 56 0.25 3.53 35.97
N LEU C 57 -1.01 3.50 36.38
CA LEU C 57 -2.12 3.08 35.53
C LEU C 57 -3.04 4.27 35.27
N THR C 58 -3.48 4.40 34.02
CA THR C 58 -4.45 5.42 33.62
C THR C 58 -5.64 4.72 33.00
N GLY C 59 -6.84 5.05 33.49
CA GLY C 59 -8.04 4.47 32.94
C GLY C 59 -9.31 4.77 33.72
N TYR C 60 -10.44 4.81 33.02
CA TYR C 60 -11.75 4.98 33.64
C TYR C 60 -11.78 6.25 34.50
N GLY C 61 -11.11 7.29 34.03
CA GLY C 61 -11.10 8.55 34.73
C GLY C 61 -10.25 8.59 35.97
N LEU C 62 -9.36 7.62 36.17
CA LEU C 62 -8.51 7.56 37.36
C LEU C 62 -7.07 7.35 36.95
N GLU C 63 -6.17 7.90 37.77
CA GLU C 63 -4.75 7.60 37.68
C GLU C 63 -4.31 6.99 39.01
N ILE C 64 -3.66 5.84 38.93
CA ILE C 64 -3.21 5.11 40.12
C ILE C 64 -1.70 5.01 40.04
N ASN C 65 -1.03 5.38 41.13
CA ASN C 65 0.42 5.36 41.22
C ASN C 65 0.80 4.54 42.44
N MET C 66 1.25 3.32 42.22
CA MET C 66 1.57 2.38 43.29
C MET C 66 3.07 2.11 43.30
N THR C 67 3.64 2.03 44.50
CA THR C 67 5.06 1.83 44.68
C THR C 67 5.31 0.87 45.82
N ILE C 68 6.06 -0.19 45.54
CA ILE C 68 6.55 -1.13 46.55
C ILE C 68 7.99 -0.76 46.85
N MET C 69 8.28 -0.54 48.13
CA MET C 69 9.54 0.03 48.58
C MET C 69 10.51 -1.07 48.99
N ASP C 70 11.73 -1.01 48.48
CA ASP C 70 12.81 -1.92 48.88
C ASP C 70 12.40 -3.39 48.64
N THR C 71 12.19 -3.70 47.37
CA THR C 71 11.70 -5.01 46.95
C THR C 71 12.61 -5.58 45.87
N ASP C 72 12.58 -6.90 45.74
CA ASP C 72 13.26 -7.62 44.68
C ASP C 72 12.31 -8.01 43.56
N GLN C 73 11.12 -7.43 43.52
CA GLN C 73 10.12 -7.71 42.51
C GLN C 73 10.03 -6.55 41.52
N ARG C 74 9.53 -6.87 40.33
CA ARG C 74 9.29 -5.88 39.29
C ARG C 74 7.91 -6.12 38.72
N PHE C 75 7.13 -5.05 38.56
CA PHE C 75 5.82 -5.16 37.95
C PHE C 75 5.97 -5.58 36.50
N VAL C 76 5.15 -6.54 36.07
CA VAL C 76 5.22 -7.09 34.73
C VAL C 76 3.91 -6.91 33.97
N ALA C 77 2.78 -6.84 34.68
CA ALA C 77 1.50 -6.74 33.99
C ALA C 77 0.44 -6.18 34.93
N ALA C 78 -0.65 -5.72 34.34
CA ALA C 78 -1.79 -5.24 35.10
C ALA C 78 -3.04 -5.41 34.26
N ALA C 79 -4.16 -5.67 34.95
CA ALA C 79 -5.46 -5.83 34.32
C ALA C 79 -6.50 -5.01 35.09
N GLU C 80 -7.53 -4.57 34.38
CA GLU C 80 -8.59 -3.76 34.97
C GLU C 80 -9.95 -4.26 34.56
N GLY C 81 -10.91 -4.18 35.50
CA GLY C 81 -12.27 -4.60 35.23
C GLY C 81 -13.24 -3.75 36.02
N VAL C 82 -14.48 -3.71 35.55
CA VAL C 82 -15.53 -2.91 36.16
C VAL C 82 -16.61 -3.84 36.67
N GLY C 83 -17.03 -3.63 37.92
CA GLY C 83 -18.12 -4.35 38.52
C GLY C 83 -19.29 -3.44 38.83
N LYS C 84 -20.27 -4.01 39.52
CA LYS C 84 -21.49 -3.29 39.84
C LYS C 84 -21.22 -2.22 40.90
N ASP C 85 -22.09 -1.21 40.91
CA ASP C 85 -22.02 -0.09 41.86
C ASP C 85 -20.80 0.79 41.64
N ASN C 86 -20.27 0.82 40.41
CA ASN C 86 -19.17 1.71 40.05
C ASN C 86 -17.89 1.34 40.83
N LYS C 87 -17.55 0.05 40.76
CA LYS C 87 -16.35 -0.47 41.38
C LYS C 87 -15.33 -0.82 40.30
N LEU C 88 -14.10 -0.39 40.51
CA LEU C 88 -12.99 -0.68 39.60
C LEU C 88 -12.03 -1.64 40.31
N SER C 89 -11.73 -2.76 39.66
CA SER C 89 -10.82 -3.76 40.20
C SER C 89 -9.56 -3.79 39.35
N VAL C 90 -8.41 -3.77 40.02
CA VAL C 90 -7.10 -3.76 39.36
C VAL C 90 -6.31 -4.95 39.87
N LEU C 91 -5.85 -5.79 38.94
CA LEU C 91 -5.00 -6.92 39.24
C LEU C 91 -3.57 -6.59 38.82
N LEU C 92 -2.62 -6.83 39.71
CA LEU C 92 -1.22 -6.50 39.49
C LEU C 92 -0.39 -7.77 39.48
N PHE C 93 0.51 -7.89 38.50
CA PHE C 93 1.36 -9.06 38.36
C PHE C 93 2.81 -8.60 38.29
N THR C 94 3.64 -9.16 39.17
CA THR C 94 5.05 -8.87 39.28
C THR C 94 5.86 -10.10 38.86
N THR C 95 7.17 -10.03 39.05
CA THR C 95 8.03 -11.20 38.93
C THR C 95 7.88 -12.04 40.19
N GLN C 96 8.67 -13.10 40.31
CA GLN C 96 8.52 -14.00 41.45
C GLN C 96 8.95 -13.33 42.74
N ARG C 97 8.57 -13.95 43.86
CA ARG C 97 8.80 -13.39 45.19
C ARG C 97 10.01 -14.09 45.79
N LEU C 98 11.16 -13.42 45.78
CA LEU C 98 12.38 -14.03 46.30
C LEU C 98 12.38 -14.11 47.82
N ASP C 99 12.01 -13.03 48.50
CA ASP C 99 12.07 -12.96 49.94
C ASP C 99 10.67 -12.97 50.54
N LYS C 100 10.56 -13.60 51.71
CA LYS C 100 9.29 -13.68 52.43
C LYS C 100 9.27 -12.60 53.53
N VAL C 101 9.19 -11.35 53.08
CA VAL C 101 9.14 -10.21 53.98
C VAL C 101 8.06 -9.25 53.50
N HIS C 102 7.29 -8.71 54.44
CA HIS C 102 6.27 -7.72 54.11
C HIS C 102 6.94 -6.40 53.75
N HIS C 103 6.49 -5.80 52.64
CA HIS C 103 7.04 -4.54 52.16
C HIS C 103 6.05 -3.41 52.41
N ASN C 104 6.57 -2.19 52.48
CA ASN C 104 5.72 -1.01 52.60
C ASN C 104 5.19 -0.61 51.23
N ILE C 105 3.96 -0.10 51.21
CA ILE C 105 3.31 0.29 49.97
C ILE C 105 3.02 1.78 50.00
N SER C 106 3.00 2.39 48.82
CA SER C 106 2.57 3.78 48.67
C SER C 106 1.63 3.85 47.47
N VAL C 107 0.40 4.29 47.71
CA VAL C 107 -0.63 4.37 46.68
C VAL C 107 -1.13 5.81 46.60
N THR C 108 -1.16 6.35 45.39
CA THR C 108 -1.71 7.68 45.12
C THR C 108 -2.77 7.54 44.04
N ILE C 109 -4.00 7.92 44.38
CA ILE C 109 -5.12 7.90 43.45
C ILE C 109 -5.46 9.34 43.11
N THR C 110 -5.60 9.63 41.83
CA THR C 110 -5.90 10.97 41.34
C THR C 110 -7.09 10.92 40.40
N CYS C 111 -8.05 11.81 40.61
CA CYS C 111 -9.17 11.91 39.69
C CYS C 111 -8.80 12.76 38.48
N MET C 112 -9.14 12.25 37.30
CA MET C 112 -8.76 12.89 36.04
C MET C 112 -9.93 13.23 35.13
N GLU C 113 -11.14 12.76 35.41
CA GLU C 113 -12.29 13.00 34.54
C GLU C 113 -13.51 13.52 35.27
N MET C 114 -13.66 13.24 36.55
CA MET C 114 -14.83 13.68 37.31
C MET C 114 -14.43 13.98 38.75
N ASN C 115 -14.93 15.11 39.25
CA ASN C 115 -14.77 15.51 40.64
C ASN C 115 -13.30 15.70 41.01
N CYS C 116 -12.59 16.43 40.16
CA CYS C 116 -11.18 16.69 40.39
C CYS C 116 -11.01 17.70 41.52
N GLY C 117 -9.81 17.71 42.11
CA GLY C 117 -9.52 18.63 43.19
C GLY C 117 -8.12 18.42 43.69
N THR C 118 -7.77 19.19 44.72
CA THR C 118 -6.47 19.07 45.37
C THR C 118 -6.51 17.88 46.33
N THR C 119 -5.40 17.65 47.04
CA THR C 119 -5.32 16.49 47.91
C THR C 119 -6.44 16.49 48.94
N LYS C 120 -7.37 15.55 48.80
CA LYS C 120 -8.46 15.43 49.76
C LYS C 120 -8.14 14.53 50.93
N TYR C 121 -7.30 13.50 50.73
CA TYR C 121 -6.95 12.61 51.83
C TYR C 121 -5.48 12.23 51.73
N ASP C 122 -4.84 12.06 52.88
CA ASP C 122 -3.43 11.67 52.94
C ASP C 122 -3.18 11.07 54.31
N SER C 123 -2.92 9.77 54.37
CA SER C 123 -2.77 9.09 55.66
C SER C 123 -1.94 7.83 55.47
N ASP C 124 -1.76 7.10 56.57
CA ASP C 124 -1.07 5.82 56.60
C ASP C 124 -2.00 4.74 57.13
N LEU C 125 -2.09 3.64 56.41
CA LEU C 125 -2.97 2.54 56.71
C LEU C 125 -2.15 1.37 57.24
N PRO C 126 -2.42 0.87 58.45
CA PRO C 126 -1.71 -0.30 58.94
C PRO C 126 -2.01 -1.52 58.08
N GLU C 127 -1.24 -2.58 58.31
CA GLU C 127 -1.51 -3.89 57.72
C GLU C 127 -2.39 -4.65 58.71
N SER C 128 -3.63 -4.93 58.30
CA SER C 128 -4.64 -5.39 59.24
C SER C 128 -4.25 -6.74 59.85
N ILE C 129 -3.81 -7.68 59.03
CA ILE C 129 -3.68 -9.07 59.48
C ILE C 129 -2.51 -9.21 60.45
N HIS C 130 -1.34 -8.69 60.10
CA HIS C 130 -0.12 -8.94 60.86
C HIS C 130 0.49 -7.69 61.44
N HIS C 131 0.22 -6.50 60.90
CA HIS C 131 0.75 -5.25 61.42
C HIS C 131 2.27 -5.20 61.37
N LYS C 132 2.86 -5.53 60.21
CA LYS C 132 4.30 -5.45 60.03
C LYS C 132 4.73 -4.51 58.91
N SER C 133 3.77 -3.92 58.19
CA SER C 133 4.06 -2.94 57.16
C SER C 133 2.97 -1.89 57.20
N SER C 134 2.98 -1.00 56.20
CA SER C 134 1.99 0.06 56.13
C SER C 134 1.83 0.50 54.68
N CYS C 135 0.73 1.22 54.43
CA CYS C 135 0.43 1.75 53.10
C CYS C 135 0.16 3.24 53.21
N ASP C 136 1.00 4.04 52.58
CA ASP C 136 0.81 5.49 52.54
C ASP C 136 -0.16 5.80 51.42
N ILE C 137 -1.38 6.22 51.78
CA ILE C 137 -2.46 6.44 50.83
C ILE C 137 -2.67 7.94 50.65
N THR C 138 -2.80 8.37 49.41
CA THR C 138 -3.09 9.77 49.09
C THR C 138 -4.15 9.83 47.99
N ILE C 139 -5.29 10.45 48.29
CA ILE C 139 -6.38 10.63 47.35
C ILE C 139 -6.47 12.10 46.99
N ASN C 140 -6.34 12.40 45.69
CA ASN C 140 -6.43 13.74 45.13
C ASN C 140 -7.72 13.82 44.32
N GLY C 141 -8.73 14.44 44.91
CA GLY C 141 -10.06 14.57 44.35
C GLY C 141 -11.12 14.22 45.36
N SER C 142 -12.37 14.27 44.90
CA SER C 142 -13.53 13.91 45.72
C SER C 142 -14.37 12.85 45.04
N CYS C 143 -13.74 11.83 44.49
CA CYS C 143 -14.42 10.84 43.65
C CYS C 143 -14.30 9.44 44.22
N VAL C 144 -13.38 9.22 45.16
CA VAL C 144 -13.19 7.90 45.74
C VAL C 144 -14.04 7.76 46.99
N THR C 145 -14.79 6.66 47.07
CA THR C 145 -15.60 6.34 48.24
C THR C 145 -14.96 5.30 49.14
N CYS C 146 -14.41 4.22 48.58
CA CYS C 146 -13.71 3.21 49.34
C CYS C 146 -12.47 2.75 48.57
N VAL C 147 -11.48 2.30 49.31
CA VAL C 147 -10.26 1.73 48.75
C VAL C 147 -9.90 0.50 49.56
N ASN C 148 -9.54 -0.58 48.86
CA ASN C 148 -9.12 -1.82 49.49
C ASN C 148 -7.96 -2.40 48.70
N LEU C 149 -6.91 -2.80 49.41
CA LEU C 149 -5.72 -3.37 48.80
C LEU C 149 -5.42 -4.70 49.47
N GLU C 150 -5.29 -5.76 48.66
CA GLU C 150 -4.95 -7.08 49.14
C GLU C 150 -3.64 -7.50 48.48
N THR C 151 -2.57 -7.54 49.27
CA THR C 151 -1.25 -7.95 48.80
C THR C 151 -1.04 -9.42 49.12
N ASP C 152 -0.47 -10.16 48.16
CA ASP C 152 -0.33 -11.61 48.27
C ASP C 152 -1.68 -12.23 48.56
N PRO C 153 -2.68 -12.02 47.69
CA PRO C 153 -4.01 -12.60 47.93
C PRO C 153 -4.00 -14.10 47.73
N THR C 154 -4.47 -14.83 48.74
CA THR C 154 -4.59 -16.28 48.63
C THR C 154 -5.92 -16.69 48.02
N LYS C 155 -7.02 -16.19 48.58
CA LYS C 155 -8.34 -16.61 48.16
C LYS C 155 -8.61 -16.24 46.71
N ILE C 156 -8.22 -15.03 46.30
CA ILE C 156 -8.53 -14.56 44.97
C ILE C 156 -7.91 -15.49 43.95
N ASN C 157 -8.66 -15.79 42.88
CA ASN C 157 -8.18 -16.67 41.84
C ASN C 157 -7.78 -15.82 40.63
N PRO C 158 -6.50 -15.62 40.36
CA PRO C 158 -6.09 -14.74 39.28
C PRO C 158 -6.11 -15.37 37.89
N HIS C 159 -6.75 -16.52 37.72
CA HIS C 159 -6.76 -17.14 36.40
C HIS C 159 -7.83 -16.52 35.51
N TYR C 160 -9.02 -16.24 36.05
CA TYR C 160 -10.12 -15.63 35.31
C TYR C 160 -10.04 -16.07 33.85
N LEU C 161 -9.92 -15.12 32.92
CA LEU C 161 -9.47 -15.43 31.57
C LEU C 161 -7.94 -15.31 31.53
N HIS C 162 -7.30 -16.33 32.11
CA HIS C 162 -5.85 -16.37 32.17
C HIS C 162 -5.28 -16.36 30.74
N PRO C 163 -4.37 -15.43 30.43
CA PRO C 163 -3.85 -15.38 29.05
C PRO C 163 -3.20 -16.69 28.65
N LYS C 164 -3.38 -17.06 27.39
CA LYS C 164 -2.99 -18.40 26.95
C LYS C 164 -1.47 -18.57 26.95
N ASP C 165 -0.73 -17.51 26.64
CA ASP C 165 0.70 -17.63 26.46
C ASP C 165 1.50 -17.41 27.74
N LYS C 166 0.83 -17.22 28.88
CA LYS C 166 1.50 -16.87 30.12
C LYS C 166 1.38 -18.00 31.14
N TYR C 167 2.25 -17.94 32.14
CA TYR C 167 2.19 -18.80 33.32
C TYR C 167 1.87 -17.92 34.52
N LEU C 168 0.92 -18.35 35.33
CA LEU C 168 0.47 -17.59 36.49
C LEU C 168 0.79 -18.34 37.78
N TYR C 169 1.33 -17.63 38.75
CA TYR C 169 1.62 -18.17 40.06
C TYR C 169 0.99 -17.28 41.12
N ARG C 170 0.56 -17.89 42.23
CA ARG C 170 -0.11 -17.18 43.30
C ARG C 170 0.34 -17.72 44.63
N ASN C 171 0.24 -16.87 45.66
CA ASN C 171 0.61 -17.25 47.01
C ASN C 171 -0.43 -18.18 47.60
N SER C 172 0.04 -19.11 48.44
CA SER C 172 -0.83 -20.09 49.09
C SER C 172 -0.63 -20.10 50.60
N GLU C 173 0.02 -19.08 51.15
CA GLU C 173 0.31 -19.00 52.58
C GLU C 173 -0.48 -17.85 53.18
N TYR C 174 -1.06 -18.09 54.35
CA TYR C 174 -1.80 -17.05 55.06
C TYR C 174 -0.86 -16.02 55.68
N GLY C 175 0.39 -16.41 55.94
CA GLY C 175 1.31 -15.50 56.61
C GLY C 175 1.80 -14.37 55.73
N MET C 176 1.71 -14.53 54.41
CA MET C 176 2.12 -13.47 53.49
C MET C 176 0.97 -12.55 53.09
N ARG C 177 -0.25 -12.88 53.47
CA ARG C 177 -1.38 -12.02 53.12
C ARG C 177 -1.25 -10.66 53.80
N GLY C 178 -1.73 -9.63 53.11
CA GLY C 178 -1.80 -8.30 53.67
C GLY C 178 -3.04 -7.57 53.21
N SER C 179 -3.70 -6.85 54.12
CA SER C 179 -4.95 -6.17 53.80
C SER C 179 -4.91 -4.74 54.30
N TYR C 180 -5.27 -3.80 53.43
CA TYR C 180 -5.40 -2.39 53.77
C TYR C 180 -6.73 -1.89 53.25
N GLY C 181 -7.31 -0.92 53.95
CA GLY C 181 -8.59 -0.39 53.50
C GLY C 181 -9.07 0.86 54.21
N VAL C 182 -9.71 1.75 53.46
CA VAL C 182 -10.34 2.95 54.02
C VAL C 182 -11.65 3.20 53.29
N THR C 183 -12.69 3.51 54.05
CA THR C 183 -14.00 3.88 53.50
C THR C 183 -14.33 5.29 53.96
N PHE C 184 -14.75 6.13 53.02
CA PHE C 184 -15.10 7.53 53.29
C PHE C 184 -16.60 7.75 53.36
N MET C 185 -17.39 6.67 53.48
CA MET C 185 -18.83 6.75 53.54
C MET C 185 -19.33 6.06 54.80
N ASP C 186 -20.41 6.59 55.37
CA ASP C 186 -20.91 6.10 56.64
C ASP C 186 -21.17 4.60 56.64
N GLU C 187 -21.58 4.05 55.50
CA GLU C 187 -21.82 2.61 55.43
C GLU C 187 -20.50 1.85 55.52
N LEU C 188 -20.61 0.56 55.82
CA LEU C 188 -19.42 -0.28 55.93
C LEU C 188 -18.63 -0.26 54.62
N ASN C 189 -17.43 -0.84 54.67
CA ASN C 189 -16.48 -0.71 53.57
C ASN C 189 -17.10 -1.09 52.24
N GLN C 190 -17.73 -2.27 52.18
CA GLN C 190 -18.43 -2.75 50.99
C GLN C 190 -17.68 -2.43 49.71
N CYS C 191 -16.35 -2.50 49.74
CA CYS C 191 -15.56 -2.38 48.54
C CYS C 191 -15.33 -3.72 47.86
N PHE C 192 -15.90 -4.79 48.41
CA PHE C 192 -15.73 -6.12 47.85
C PHE C 192 -16.50 -6.27 46.55
N LEU C 193 -15.91 -6.97 45.59
CA LEU C 193 -16.61 -7.36 44.37
C LEU C 193 -16.03 -8.68 43.90
N ASP C 194 -16.89 -9.68 43.70
CA ASP C 194 -16.43 -11.01 43.35
C ASP C 194 -15.67 -10.96 42.03
N ILE C 195 -14.52 -11.65 41.99
CA ILE C 195 -13.67 -11.63 40.80
C ILE C 195 -14.38 -12.29 39.63
N LYS C 196 -15.16 -13.35 39.90
CA LYS C 196 -15.80 -14.08 38.82
C LYS C 196 -16.93 -13.30 38.18
N GLU C 197 -17.38 -12.22 38.80
CA GLU C 197 -18.46 -11.41 38.25
C GLU C 197 -17.96 -10.19 37.47
N VAL C 198 -16.65 -10.07 37.26
CA VAL C 198 -16.07 -8.93 36.57
C VAL C 198 -15.47 -9.41 35.25
N SER C 199 -15.40 -8.50 34.28
CA SER C 199 -14.73 -8.75 33.01
C SER C 199 -13.46 -7.91 32.96
N TYR C 200 -12.32 -8.58 32.86
CA TYR C 200 -11.03 -7.93 32.94
C TYR C 200 -10.40 -7.81 31.56
N ASP C 201 -9.68 -6.71 31.35
CA ASP C 201 -8.88 -6.51 30.17
C ASP C 201 -7.48 -6.08 30.59
N ILE C 202 -6.47 -6.53 29.86
CA ILE C 202 -5.08 -6.27 30.20
C ILE C 202 -4.72 -4.85 29.77
N CYS C 203 -4.03 -4.13 30.65
CA CYS C 203 -3.55 -2.80 30.33
C CYS C 203 -2.40 -2.87 29.32
N TYR C 204 -2.29 -1.83 28.50
CA TYR C 204 -1.33 -1.78 27.41
C TYR C 204 -0.12 -0.96 27.83
N ARG C 205 1.04 -1.61 27.88
CA ARG C 205 2.27 -0.93 28.26
C ARG C 205 2.62 0.12 27.21
N GLU C 206 3.10 1.27 27.68
CA GLU C 206 3.44 2.37 26.79
C GLU C 206 4.48 3.28 27.44
N VAL D 1 -5.81 -18.45 66.51
CA VAL D 1 -6.19 -19.86 66.21
C VAL D 1 -7.07 -19.91 64.97
N ILE D 2 -6.46 -20.20 63.83
CA ILE D 2 -7.21 -20.22 62.57
C ILE D 2 -8.28 -21.30 62.61
N HIS D 3 -7.95 -22.49 63.12
CA HIS D 3 -8.83 -23.65 63.07
C HIS D 3 -9.28 -24.00 64.48
N VAL D 4 -10.60 -24.07 64.68
CA VAL D 4 -11.20 -24.49 65.93
C VAL D 4 -12.31 -25.48 65.62
N THR D 5 -12.26 -26.66 66.25
CA THR D 5 -13.25 -27.70 66.06
C THR D 5 -13.88 -28.05 67.40
N LYS D 6 -15.20 -27.98 67.47
CA LYS D 6 -15.94 -28.25 68.69
C LYS D 6 -17.02 -29.29 68.43
N GLU D 7 -17.20 -30.19 69.38
CA GLU D 7 -18.26 -31.20 69.27
C GLU D 7 -19.62 -30.53 69.30
N VAL D 8 -20.58 -31.15 68.61
CA VAL D 8 -21.88 -30.52 68.41
C VAL D 8 -22.51 -30.21 69.77
N LYS D 9 -23.39 -29.20 69.77
CA LYS D 9 -24.19 -28.78 70.92
C LYS D 9 -23.37 -28.05 71.96
N GLU D 10 -22.05 -27.96 71.81
CA GLU D 10 -21.20 -27.32 72.81
C GLU D 10 -21.17 -25.80 72.56
N VAL D 11 -20.28 -25.11 73.26
CA VAL D 11 -20.16 -23.66 73.18
C VAL D 11 -18.97 -23.34 72.28
N ALA D 12 -19.23 -22.56 71.22
CA ALA D 12 -18.20 -22.16 70.27
C ALA D 12 -17.74 -20.75 70.60
N THR D 13 -16.49 -20.62 71.03
CA THR D 13 -15.91 -19.33 71.40
C THR D 13 -14.95 -18.92 70.30
N LEU D 14 -15.43 -18.11 69.34
CA LEU D 14 -14.59 -17.62 68.27
C LEU D 14 -14.00 -16.27 68.68
N SER D 15 -12.67 -16.19 68.71
CA SER D 15 -11.97 -15.01 69.17
C SER D 15 -11.56 -14.15 67.99
N CYS D 16 -11.58 -12.84 68.19
CA CYS D 16 -11.15 -11.90 67.16
C CYS D 16 -9.65 -11.66 67.19
N GLY D 17 -9.00 -11.90 68.33
CA GLY D 17 -7.58 -11.66 68.45
C GLY D 17 -7.19 -10.22 68.67
N HIS D 18 -8.15 -9.33 68.91
CA HIS D 18 -7.88 -7.91 69.10
C HIS D 18 -8.62 -7.42 70.32
N ASN D 19 -7.99 -6.49 71.04
CA ASN D 19 -8.55 -5.93 72.26
C ASN D 19 -8.74 -4.43 72.07
N VAL D 20 -9.95 -3.95 72.34
CA VAL D 20 -10.30 -2.54 72.20
C VAL D 20 -10.82 -2.06 73.55
N SER D 21 -10.24 -0.97 74.05
CA SER D 21 -10.66 -0.41 75.32
C SER D 21 -12.06 0.18 75.21
N VAL D 22 -12.82 0.11 76.31
CA VAL D 22 -14.17 0.63 76.32
C VAL D 22 -14.18 2.12 76.02
N GLU D 23 -13.10 2.83 76.38
CA GLU D 23 -13.03 4.25 76.11
C GLU D 23 -13.08 4.55 74.61
N GLU D 24 -12.39 3.73 73.82
CA GLU D 24 -12.29 3.95 72.38
C GLU D 24 -13.45 3.35 71.59
N LEU D 25 -14.30 2.54 72.23
CA LEU D 25 -15.40 1.91 71.50
C LEU D 25 -16.35 2.95 70.91
N ALA D 26 -16.33 4.18 71.42
CA ALA D 26 -17.17 5.23 70.83
C ALA D 26 -16.76 5.51 69.39
N GLN D 27 -15.47 5.42 69.10
CA GLN D 27 -14.94 5.71 67.76
C GLN D 27 -14.64 4.46 66.96
N THR D 28 -15.12 3.29 67.39
CA THR D 28 -14.78 2.03 66.77
C THR D 28 -16.04 1.34 66.24
N ARG D 29 -15.88 0.65 65.11
CA ARG D 29 -16.92 -0.19 64.53
C ARG D 29 -16.38 -1.61 64.39
N ILE D 30 -17.15 -2.58 64.89
CA ILE D 30 -16.73 -3.98 64.90
C ILE D 30 -17.75 -4.79 64.13
N TYR D 31 -17.28 -5.60 63.18
CA TYR D 31 -18.14 -6.47 62.38
C TYR D 31 -17.60 -7.90 62.44
N TRP D 32 -18.50 -8.84 62.68
CA TRP D 32 -18.25 -10.26 62.51
C TRP D 32 -19.10 -10.76 61.35
N GLN D 33 -18.46 -11.38 60.36
CA GLN D 33 -19.20 -11.88 59.21
C GLN D 33 -18.70 -13.27 58.83
N LYS D 34 -19.52 -13.97 58.05
CA LYS D 34 -19.29 -15.38 57.71
C LYS D 34 -19.50 -15.54 56.20
N GLU D 35 -18.41 -15.48 55.44
CA GLU D 35 -18.46 -15.69 53.99
C GLU D 35 -19.47 -14.75 53.33
N LYS D 36 -19.22 -13.45 53.47
CA LYS D 36 -20.01 -12.38 52.89
C LYS D 36 -21.42 -12.28 53.47
N LYS D 37 -21.74 -13.05 54.50
CA LYS D 37 -23.03 -12.97 55.18
C LYS D 37 -22.79 -12.41 56.58
N MET D 38 -23.41 -11.28 56.88
CA MET D 38 -23.19 -10.61 58.15
C MET D 38 -23.68 -11.46 59.31
N VAL D 39 -22.96 -11.37 60.43
CA VAL D 39 -23.30 -12.10 61.64
C VAL D 39 -23.56 -11.15 62.81
N LEU D 40 -22.72 -10.14 62.99
CA LEU D 40 -22.86 -9.24 64.12
C LEU D 40 -22.21 -7.90 63.81
N THR D 41 -22.81 -6.82 64.33
CA THR D 41 -22.28 -5.48 64.20
C THR D 41 -22.37 -4.78 65.55
N MET D 42 -21.40 -3.90 65.81
CA MET D 42 -21.31 -3.17 67.08
C MET D 42 -21.10 -1.69 66.82
N MET D 43 -21.97 -1.10 65.99
CA MET D 43 -21.73 0.26 65.51
C MET D 43 -21.94 1.30 66.61
N SER D 44 -20.83 1.86 67.10
CA SER D 44 -20.87 2.99 68.04
C SER D 44 -21.72 2.67 69.26
N GLY D 45 -21.55 1.47 69.79
CA GLY D 45 -22.28 1.04 70.97
C GLY D 45 -23.61 0.40 70.68
N ASP D 46 -24.15 0.56 69.48
CA ASP D 46 -25.41 -0.05 69.08
C ASP D 46 -25.12 -1.42 68.50
N MET D 47 -25.59 -2.46 69.18
CA MET D 47 -25.35 -3.83 68.76
C MET D 47 -26.45 -4.30 67.81
N ASN D 48 -26.11 -5.28 66.99
CA ASN D 48 -27.07 -5.78 66.00
C ASN D 48 -26.66 -7.20 65.62
N ILE D 49 -27.61 -8.12 65.71
CA ILE D 49 -27.41 -9.52 65.37
C ILE D 49 -28.51 -9.95 64.41
N TRP D 50 -28.12 -10.64 63.33
CA TRP D 50 -29.08 -11.03 62.32
C TRP D 50 -29.95 -12.18 62.80
N PRO D 51 -31.09 -12.41 62.15
CA PRO D 51 -32.05 -13.40 62.66
C PRO D 51 -31.47 -14.80 62.80
N GLU D 52 -30.59 -15.22 61.90
CA GLU D 52 -30.08 -16.59 61.95
C GLU D 52 -29.22 -16.81 63.19
N TYR D 53 -28.78 -15.74 63.83
CA TYR D 53 -27.88 -15.83 64.98
C TYR D 53 -28.35 -15.00 66.18
N LYS D 54 -29.58 -14.48 66.14
CA LYS D 54 -30.00 -13.53 67.17
C LYS D 54 -30.13 -14.20 68.54
N ASN D 55 -30.65 -15.44 68.58
CA ASN D 55 -30.94 -16.07 69.86
C ASN D 55 -29.68 -16.64 70.50
N ARG D 56 -28.73 -17.10 69.70
CA ARG D 56 -27.61 -17.92 70.17
C ARG D 56 -26.26 -17.27 69.88
N THR D 57 -26.12 -15.99 70.20
CA THR D 57 -24.89 -15.25 69.98
C THR D 57 -24.70 -14.22 71.07
N ILE D 58 -23.61 -14.32 71.81
CA ILE D 58 -23.25 -13.37 72.86
C ILE D 58 -21.91 -12.74 72.50
N PHE D 59 -21.85 -11.41 72.52
CA PHE D 59 -20.66 -10.67 72.14
C PHE D 59 -19.91 -10.24 73.38
N ASP D 60 -18.79 -10.90 73.67
CA ASP D 60 -17.94 -10.55 74.80
C ASP D 60 -16.96 -9.48 74.32
N ILE D 61 -17.21 -8.24 74.75
CA ILE D 61 -16.38 -7.12 74.30
C ILE D 61 -14.99 -7.18 74.92
N THR D 62 -14.92 -7.45 76.23
CA THR D 62 -13.63 -7.37 76.92
C THR D 62 -12.71 -8.52 76.52
N ASN D 63 -13.27 -9.69 76.26
CA ASN D 63 -12.47 -10.88 75.96
C ASN D 63 -12.13 -10.93 74.46
N ASN D 64 -11.28 -9.98 74.06
CA ASN D 64 -10.75 -9.93 72.71
C ASN D 64 -11.86 -9.93 71.66
N LEU D 65 -12.92 -9.17 71.94
CA LEU D 65 -14.03 -9.01 70.99
C LEU D 65 -14.52 -10.36 70.51
N SER D 66 -14.69 -11.28 71.44
CA SER D 66 -15.02 -12.66 71.09
C SER D 66 -16.52 -12.83 70.95
N ILE D 67 -16.92 -13.90 70.26
CA ILE D 67 -18.32 -14.27 70.11
C ILE D 67 -18.50 -15.68 70.66
N VAL D 68 -19.50 -15.84 71.52
CA VAL D 68 -19.85 -17.12 72.12
C VAL D 68 -21.17 -17.57 71.51
N ILE D 69 -21.16 -18.75 70.90
CA ILE D 69 -22.33 -19.33 70.25
C ILE D 69 -22.73 -20.56 71.03
N LEU D 70 -23.95 -20.55 71.57
CA LEU D 70 -24.49 -21.66 72.32
C LEU D 70 -25.32 -22.55 71.41
N ALA D 71 -25.27 -23.86 71.67
CA ALA D 71 -25.95 -24.84 70.84
C ALA D 71 -25.45 -24.78 69.39
N LEU D 72 -24.16 -25.12 69.24
CA LEU D 72 -23.56 -25.18 67.92
C LEU D 72 -24.32 -26.17 67.04
N ARG D 73 -24.49 -25.81 65.78
CA ARG D 73 -25.30 -26.57 64.84
C ARG D 73 -24.47 -26.96 63.63
N PRO D 74 -24.83 -28.06 62.96
CA PRO D 74 -24.04 -28.51 61.81
C PRO D 74 -24.03 -27.52 60.65
N SER D 75 -24.97 -26.59 60.61
CA SER D 75 -25.00 -25.58 59.55
C SER D 75 -24.11 -24.39 59.85
N ASP D 76 -23.43 -24.37 61.00
CA ASP D 76 -22.59 -23.24 61.37
C ASP D 76 -21.16 -23.37 60.87
N GLU D 77 -20.80 -24.51 60.27
CA GLU D 77 -19.43 -24.68 59.77
C GLU D 77 -19.13 -23.65 58.70
N GLY D 78 -17.95 -23.07 58.77
CA GLY D 78 -17.53 -22.08 57.80
C GLY D 78 -16.36 -21.28 58.33
N THR D 79 -16.08 -20.17 57.63
CA THR D 79 -15.00 -19.26 57.98
C THR D 79 -15.60 -17.95 58.47
N TYR D 80 -15.17 -17.52 59.66
CA TYR D 80 -15.64 -16.30 60.28
C TYR D 80 -14.52 -15.27 60.32
N GLU D 81 -14.81 -14.06 59.84
CA GLU D 81 -13.84 -12.98 59.81
C GLU D 81 -14.33 -11.81 60.67
N CYS D 82 -13.42 -11.30 61.49
CA CYS D 82 -13.66 -10.18 62.38
C CYS D 82 -12.89 -8.98 61.86
N VAL D 83 -13.55 -7.83 61.76
CA VAL D 83 -12.94 -6.61 61.27
C VAL D 83 -13.26 -5.47 62.23
N VAL D 84 -12.23 -4.69 62.55
CA VAL D 84 -12.33 -3.55 63.46
C VAL D 84 -11.89 -2.30 62.71
N LEU D 85 -12.68 -1.23 62.82
CA LEU D 85 -12.43 0.01 62.12
C LEU D 85 -12.38 1.16 63.11
N LYS D 86 -11.37 2.00 62.99
CA LYS D 86 -11.20 3.19 63.82
C LYS D 86 -11.49 4.42 62.99
N TYR D 87 -12.29 5.32 63.55
CA TYR D 87 -12.77 6.51 62.82
C TYR D 87 -11.71 7.61 62.89
N GLU D 88 -10.71 7.48 62.04
CA GLU D 88 -9.78 8.59 61.84
C GLU D 88 -10.55 9.81 61.36
N LYS D 89 -9.90 10.96 61.42
CA LYS D 89 -10.57 12.21 61.05
C LYS D 89 -11.07 12.12 59.61
N ASP D 90 -12.40 12.11 59.44
CA ASP D 90 -13.12 12.13 58.17
C ASP D 90 -13.18 10.78 57.49
N ALA D 91 -12.64 9.71 58.06
CA ALA D 91 -12.62 8.42 57.39
C ALA D 91 -12.64 7.29 58.41
N PHE D 92 -13.07 6.12 57.96
CA PHE D 92 -13.02 4.89 58.74
C PHE D 92 -11.88 4.03 58.22
N LYS D 93 -10.96 3.65 59.11
CA LYS D 93 -9.75 2.94 58.74
C LYS D 93 -9.73 1.56 59.36
N ARG D 94 -9.53 0.54 58.54
CA ARG D 94 -9.51 -0.83 59.04
C ARG D 94 -8.21 -1.08 59.80
N GLU D 95 -8.31 -1.24 61.12
CA GLU D 95 -7.15 -1.40 61.98
C GLU D 95 -6.90 -2.85 62.37
N HIS D 96 -7.82 -3.77 62.08
CA HIS D 96 -7.57 -5.18 62.33
C HIS D 96 -8.45 -6.07 61.46
N LEU D 97 -7.90 -7.22 61.05
CA LEU D 97 -8.63 -8.21 60.27
C LEU D 97 -8.16 -9.59 60.68
N ALA D 98 -9.06 -10.37 61.25
CA ALA D 98 -8.75 -11.71 61.73
C ALA D 98 -9.69 -12.72 61.08
N GLU D 99 -9.18 -13.93 60.88
CA GLU D 99 -9.92 -15.00 60.23
C GLU D 99 -9.87 -16.24 61.11
N VAL D 100 -11.03 -16.80 61.43
CA VAL D 100 -11.13 -17.99 62.26
C VAL D 100 -12.14 -18.93 61.63
N THR D 101 -11.77 -20.22 61.55
CA THR D 101 -12.58 -21.24 60.91
C THR D 101 -13.12 -22.19 61.97
N LEU D 102 -14.40 -22.54 61.86
CA LEU D 102 -15.08 -23.42 62.80
C LEU D 102 -15.47 -24.71 62.10
N SER D 103 -15.14 -25.83 62.72
CA SER D 103 -15.45 -27.15 62.19
C SER D 103 -16.34 -27.89 63.17
N VAL D 104 -17.28 -28.68 62.64
CA VAL D 104 -18.26 -29.41 63.43
C VAL D 104 -18.05 -30.90 63.20
N LYS D 105 -17.93 -31.66 64.28
CA LYS D 105 -17.79 -33.11 64.21
C LYS D 105 -19.14 -33.76 64.47
N ALA D 106 -19.65 -34.49 63.48
CA ALA D 106 -20.94 -35.15 63.60
C ALA D 106 -21.03 -36.35 62.66
N ALA E 4 -4.51 24.37 53.09
CA ALA E 4 -4.59 22.92 53.18
C ALA E 4 -6.05 22.48 53.32
N GLU E 5 -6.95 23.25 52.74
CA GLU E 5 -8.39 22.97 52.78
C GLU E 5 -8.83 22.59 51.39
N TYR E 6 -9.49 21.43 51.26
CA TYR E 6 -9.81 20.89 49.95
C TYR E 6 -10.72 21.82 49.16
N LYS E 7 -10.44 21.97 47.87
CA LYS E 7 -11.28 22.72 46.96
C LYS E 7 -11.34 22.00 45.62
N ASN E 8 -12.56 21.91 45.06
CA ASN E 8 -12.73 21.30 43.75
C ASN E 8 -12.09 22.17 42.67
N THR E 9 -11.57 21.52 41.64
CA THR E 9 -10.87 22.20 40.56
C THR E 9 -11.31 21.63 39.21
N ILE E 10 -11.15 22.45 38.17
CA ILE E 10 -11.48 22.01 36.83
C ILE E 10 -10.58 20.84 36.42
N CYS E 11 -11.08 20.02 35.50
CA CYS E 11 -10.34 18.85 35.06
C CYS E 11 -9.27 19.24 34.03
N PRO E 12 -8.23 18.43 33.89
CA PRO E 12 -7.20 18.73 32.89
C PRO E 12 -7.72 18.50 31.47
N PRO E 13 -7.09 19.09 30.47
CA PRO E 13 -7.53 18.84 29.09
C PRO E 13 -7.32 17.39 28.67
N ARG E 14 -8.09 16.98 27.67
CA ARG E 14 -8.06 15.61 27.17
C ARG E 14 -8.28 15.61 25.66
N GLN E 15 -7.83 14.54 25.02
CA GLN E 15 -8.12 14.36 23.59
C GLN E 15 -9.58 13.99 23.37
N ASP E 16 -10.13 13.15 24.24
CA ASP E 16 -11.52 12.72 24.15
C ASP E 16 -12.20 12.91 25.50
N TYR E 17 -13.42 13.44 25.47
CA TYR E 17 -14.23 13.66 26.66
C TYR E 17 -15.41 12.69 26.63
N ARG E 18 -15.65 12.01 27.74
CA ARG E 18 -16.73 11.04 27.82
C ARG E 18 -17.90 11.52 28.67
N TYR E 19 -17.71 12.57 29.47
CA TYR E 19 -18.73 13.08 30.36
C TYR E 19 -19.12 14.48 29.93
N TRP E 20 -20.35 14.64 29.44
CA TRP E 20 -20.83 15.88 28.85
C TRP E 20 -21.94 16.46 29.70
N TYR E 21 -21.90 17.79 29.87
CA TYR E 21 -22.96 18.52 30.56
C TYR E 21 -23.59 19.46 29.55
N PHE E 22 -24.93 19.45 29.50
CA PHE E 22 -25.67 20.21 28.50
C PHE E 22 -25.63 21.69 28.83
N ALA E 23 -24.63 22.40 28.30
CA ALA E 23 -24.36 23.76 28.75
C ALA E 23 -25.39 24.75 28.25
N ALA E 24 -25.76 24.68 26.97
CA ALA E 24 -26.66 25.67 26.40
C ALA E 24 -27.13 25.20 25.03
N GLU E 25 -28.22 25.82 24.58
CA GLU E 25 -28.79 25.56 23.26
C GLU E 25 -28.90 26.90 22.54
N LEU E 26 -28.27 27.00 21.36
CA LEU E 26 -28.28 28.22 20.57
C LEU E 26 -29.05 27.98 19.28
N THR E 27 -30.03 28.84 19.01
CA THR E 27 -30.85 28.75 17.80
C THR E 27 -30.67 30.02 16.99
N ILE E 28 -30.37 29.86 15.70
CA ILE E 28 -30.12 30.97 14.79
C ILE E 28 -30.92 30.72 13.52
N GLY E 29 -31.65 31.74 13.07
CA GLY E 29 -32.41 31.68 11.82
C GLY E 29 -31.78 32.60 10.79
N VAL E 30 -31.66 32.09 9.57
CA VAL E 30 -31.00 32.81 8.49
C VAL E 30 -32.00 33.04 7.37
N ASN E 31 -31.66 33.97 6.47
CA ASN E 31 -32.49 34.32 5.33
C ASN E 31 -32.04 33.67 4.03
N TYR E 32 -31.09 32.74 4.09
CA TYR E 32 -30.64 31.99 2.92
C TYR E 32 -30.86 30.50 3.17
N ASP E 33 -31.02 29.77 2.08
CA ASP E 33 -31.52 28.40 2.12
C ASP E 33 -30.49 27.47 2.73
N ILE E 34 -30.88 26.78 3.80
CA ILE E 34 -30.18 25.60 4.29
C ILE E 34 -31.20 24.46 4.28
N ASN E 35 -30.82 23.33 3.69
CA ASN E 35 -31.79 22.29 3.39
C ASN E 35 -31.82 21.20 4.46
N SER E 36 -30.68 20.56 4.72
CA SER E 36 -30.66 19.42 5.63
C SER E 36 -29.30 19.34 6.29
N THR E 37 -29.25 18.55 7.36
CA THR E 37 -27.99 18.31 8.05
C THR E 37 -27.04 17.56 7.13
N ILE E 38 -25.76 17.91 7.22
CA ILE E 38 -24.71 17.32 6.40
C ILE E 38 -23.63 16.79 7.34
N MET E 39 -23.17 15.57 7.09
CA MET E 39 -22.13 14.98 7.92
C MET E 39 -20.79 15.62 7.60
N GLY E 40 -20.07 16.02 8.64
CA GLY E 40 -18.78 16.66 8.48
C GLY E 40 -18.83 18.13 8.15
N GLU E 41 -20.01 18.74 8.18
CA GLU E 41 -20.14 20.16 7.83
C GLU E 41 -19.61 21.09 8.91
N CYS E 42 -19.82 20.76 10.19
CA CYS E 42 -19.47 21.63 11.29
C CYS E 42 -18.08 21.30 11.82
N HIS E 43 -17.26 22.33 11.98
CA HIS E 43 -15.96 22.21 12.62
C HIS E 43 -15.93 23.10 13.85
N MET E 44 -15.12 22.72 14.82
CA MET E 44 -15.14 23.38 16.13
C MET E 44 -13.72 23.54 16.67
N SER E 45 -13.54 24.61 17.44
CA SER E 45 -12.31 24.89 18.16
C SER E 45 -12.65 25.36 19.56
N GLU E 46 -11.83 25.00 20.54
CA GLU E 46 -12.11 25.31 21.94
C GLU E 46 -10.85 25.87 22.59
N SER E 47 -11.05 26.78 23.55
CA SER E 47 -9.93 27.36 24.29
C SER E 47 -10.38 27.78 25.67
N TYR E 48 -9.71 27.25 26.70
CA TYR E 48 -9.96 27.62 28.09
C TYR E 48 -8.76 28.43 28.57
N ILE E 49 -8.87 29.75 28.49
CA ILE E 49 -7.79 30.65 28.86
C ILE E 49 -8.30 31.56 29.97
N ASP E 50 -7.46 31.82 30.95
CA ASP E 50 -7.91 32.49 32.17
C ASP E 50 -9.03 31.61 32.73
N ARG E 51 -10.12 32.18 33.21
CA ARG E 51 -11.32 31.43 33.56
C ARG E 51 -12.39 31.61 32.48
N ASN E 52 -11.97 31.87 31.25
CA ASN E 52 -12.85 32.10 30.12
C ASN E 52 -12.82 30.89 29.21
N ALA E 53 -14.01 30.43 28.83
CA ALA E 53 -14.16 29.28 27.95
C ALA E 53 -14.73 29.76 26.61
N ASN E 54 -14.03 29.46 25.53
CA ASN E 54 -14.39 29.94 24.20
C ASN E 54 -14.57 28.77 23.26
N ILE E 55 -15.65 28.82 22.48
CA ILE E 55 -15.95 27.85 21.45
C ILE E 55 -16.17 28.60 20.15
N VAL E 56 -15.52 28.14 19.07
CA VAL E 56 -15.67 28.72 17.75
C VAL E 56 -16.14 27.62 16.82
N LEU E 57 -17.33 27.79 16.24
CA LEU E 57 -17.94 26.83 15.34
C LEU E 57 -18.03 27.42 13.95
N THR E 58 -17.71 26.61 12.94
CA THR E 58 -17.85 27.01 11.54
C THR E 58 -18.73 25.98 10.85
N GLY E 59 -19.83 26.44 10.27
CA GLY E 59 -20.72 25.55 9.56
C GLY E 59 -21.91 26.22 8.92
N TYR E 60 -22.39 25.65 7.81
CA TYR E 60 -23.60 26.10 7.14
C TYR E 60 -23.53 27.60 6.83
N GLY E 61 -22.34 28.06 6.48
CA GLY E 61 -22.16 29.45 6.11
C GLY E 61 -22.16 30.42 7.27
N LEU E 62 -21.94 29.95 8.49
CA LEU E 62 -21.90 30.81 9.66
C LEU E 62 -20.65 30.50 10.48
N GLU E 63 -20.17 31.52 11.19
CA GLU E 63 -19.17 31.35 12.23
C GLU E 63 -19.75 31.87 13.54
N ILE E 64 -19.70 31.05 14.58
CA ILE E 64 -20.25 31.38 15.89
C ILE E 64 -19.11 31.35 16.88
N ASN E 65 -18.90 32.46 17.58
CA ASN E 65 -17.84 32.60 18.57
C ASN E 65 -18.51 32.91 19.91
N MET E 66 -18.55 31.91 20.79
CA MET E 66 -19.22 32.04 22.06
C MET E 66 -18.20 31.94 23.18
N THR E 67 -18.39 32.74 24.23
CA THR E 67 -17.45 32.83 25.33
C THR E 67 -18.22 32.95 26.64
N ILE E 68 -17.91 32.07 27.58
CA ILE E 68 -18.41 32.13 28.95
C ILE E 68 -17.29 32.70 29.80
N MET E 69 -17.61 33.75 30.56
CA MET E 69 -16.62 34.54 31.29
C MET E 69 -16.57 34.10 32.75
N ASP E 70 -15.36 33.86 33.25
CA ASP E 70 -15.13 33.59 34.67
C ASP E 70 -15.94 32.37 35.12
N THR E 71 -15.59 31.22 34.54
CA THR E 71 -16.27 29.97 34.80
C THR E 71 -15.26 28.86 35.06
N ASP E 72 -15.73 27.81 35.74
CA ASP E 72 -14.94 26.61 35.98
C ASP E 72 -15.27 25.50 35.00
N GLN E 73 -15.88 25.83 33.87
CA GLN E 73 -16.28 24.86 32.86
C GLN E 73 -15.41 24.99 31.62
N ARG E 74 -15.33 23.88 30.88
CA ARG E 74 -14.61 23.82 29.62
C ARG E 74 -15.50 23.19 28.58
N PHE E 75 -15.54 23.77 27.38
CA PHE E 75 -16.31 23.18 26.30
C PHE E 75 -15.69 21.85 25.88
N VAL E 76 -16.53 20.85 25.64
CA VAL E 76 -16.07 19.51 25.30
C VAL E 76 -16.67 19.03 23.98
N ALA E 77 -17.82 19.56 23.58
CA ALA E 77 -18.44 19.08 22.34
C ALA E 77 -19.49 20.07 21.87
N ALA E 78 -19.87 19.92 20.59
CA ALA E 78 -20.94 20.70 20.00
C ALA E 78 -21.60 19.87 18.91
N ALA E 79 -22.88 20.13 18.68
CA ALA E 79 -23.66 19.46 17.65
C ALA E 79 -24.49 20.49 16.91
N GLU E 80 -24.70 20.25 15.61
CA GLU E 80 -25.44 21.17 14.75
C GLU E 80 -26.49 20.42 13.96
N GLY E 81 -27.62 21.07 13.74
CA GLY E 81 -28.69 20.49 12.94
C GLY E 81 -29.52 21.57 12.27
N VAL E 82 -30.18 21.18 11.18
CA VAL E 82 -30.98 22.10 10.39
C VAL E 82 -32.44 21.71 10.49
N GLY E 83 -33.29 22.68 10.84
CA GLY E 83 -34.72 22.49 10.88
C GLY E 83 -35.41 23.28 9.78
N LYS E 84 -36.73 23.32 9.89
CA LYS E 84 -37.53 24.00 8.88
C LYS E 84 -37.37 25.51 9.01
N ASP E 85 -37.67 26.21 7.91
CA ASP E 85 -37.59 27.67 7.83
C ASP E 85 -36.18 28.19 7.97
N ASN E 86 -35.18 27.39 7.60
CA ASN E 86 -33.78 27.82 7.60
C ASN E 86 -33.32 28.16 9.02
N LYS E 87 -33.56 27.21 9.92
CA LYS E 87 -33.19 27.34 11.32
C LYS E 87 -32.01 26.42 11.62
N LEU E 88 -30.99 26.97 12.27
CA LEU E 88 -29.81 26.21 12.67
C LEU E 88 -29.83 26.08 14.19
N SER E 89 -29.81 24.84 14.66
CA SER E 89 -29.80 24.54 16.09
C SER E 89 -28.42 24.02 16.48
N VAL E 90 -27.86 24.61 17.54
CA VAL E 90 -26.53 24.28 18.02
C VAL E 90 -26.64 23.88 19.48
N LEU E 91 -26.20 22.66 19.79
CA LEU E 91 -26.14 22.16 21.16
C LEU E 91 -24.69 22.19 21.62
N LEU E 92 -24.46 22.69 22.83
CA LEU E 92 -23.13 22.86 23.38
C LEU E 92 -22.98 22.04 24.64
N PHE E 93 -21.87 21.32 24.76
CA PHE E 93 -21.62 20.43 25.90
C PHE E 93 -20.28 20.80 26.51
N THR E 94 -20.29 21.05 27.82
CA THR E 94 -19.13 21.42 28.60
C THR E 94 -18.82 20.33 29.63
N THR E 95 -17.86 20.61 30.50
CA THR E 95 -17.60 19.75 31.65
C THR E 95 -18.67 20.01 32.71
N GLN E 96 -18.53 19.38 33.87
CA GLN E 96 -19.55 19.48 34.89
C GLN E 96 -19.58 20.88 35.51
N ARG E 97 -20.76 21.26 35.98
CA ARG E 97 -20.98 22.56 36.61
C ARG E 97 -20.56 22.45 38.07
N LEU E 98 -19.71 23.38 38.52
CA LEU E 98 -19.23 23.34 39.90
C LEU E 98 -19.99 24.29 40.80
N ASP E 99 -20.14 25.55 40.39
CA ASP E 99 -20.82 26.56 41.19
C ASP E 99 -22.18 26.89 40.59
N LYS E 100 -23.12 27.26 41.47
CA LYS E 100 -24.46 27.63 41.06
C LYS E 100 -24.56 29.15 40.96
N VAL E 101 -23.89 29.68 39.93
CA VAL E 101 -23.87 31.11 39.67
C VAL E 101 -24.02 31.34 38.17
N HIS E 102 -24.81 32.34 37.81
CA HIS E 102 -24.99 32.68 36.40
C HIS E 102 -23.78 33.44 35.88
N HIS E 103 -23.32 33.03 34.70
CA HIS E 103 -22.15 33.62 34.07
C HIS E 103 -22.57 34.50 32.90
N ASN E 104 -21.84 35.58 32.68
CA ASN E 104 -22.07 36.43 31.53
C ASN E 104 -21.62 35.72 30.26
N ILE E 105 -22.31 36.00 29.16
CA ILE E 105 -22.04 35.33 27.89
C ILE E 105 -21.67 36.37 26.85
N SER E 106 -20.88 35.96 25.87
CA SER E 106 -20.55 36.80 24.72
C SER E 106 -20.67 35.96 23.46
N VAL E 107 -21.58 36.34 22.56
CA VAL E 107 -21.83 35.60 21.33
C VAL E 107 -21.61 36.54 20.14
N THR E 108 -20.80 36.09 19.19
CA THR E 108 -20.55 36.82 17.94
C THR E 108 -20.88 35.89 16.78
N ILE E 109 -21.80 36.32 15.92
CA ILE E 109 -22.21 35.58 14.74
C ILE E 109 -21.73 36.33 13.52
N THR E 110 -21.04 35.64 12.62
CA THR E 110 -20.50 36.23 11.41
C THR E 110 -20.98 35.43 10.20
N CYS E 111 -21.50 36.13 9.20
CA CYS E 111 -21.86 35.48 7.95
C CYS E 111 -20.63 35.27 7.08
N MET E 112 -20.54 34.09 6.48
CA MET E 112 -19.36 33.69 5.72
C MET E 112 -19.64 33.19 4.32
N GLU E 113 -20.90 32.98 3.94
CA GLU E 113 -21.23 32.48 2.62
C GLU E 113 -22.33 33.27 1.92
N MET E 114 -23.21 33.93 2.67
CA MET E 114 -24.29 34.71 2.10
C MET E 114 -24.55 35.95 2.93
N ASN E 115 -24.72 37.07 2.22
CA ASN E 115 -25.11 38.34 2.84
C ASN E 115 -24.07 38.82 3.85
N CYS E 116 -22.81 38.78 3.43
CA CYS E 116 -21.73 39.24 4.29
C CYS E 116 -21.73 40.77 4.38
N GLY E 117 -21.12 41.27 5.45
CA GLY E 117 -21.07 42.70 5.66
C GLY E 117 -20.35 43.03 6.95
N THR E 118 -20.29 44.32 7.25
CA THR E 118 -19.68 44.81 8.48
C THR E 118 -20.67 44.63 9.63
N THR E 119 -20.25 44.99 10.83
CA THR E 119 -21.09 44.79 12.02
C THR E 119 -22.46 45.42 11.83
N LYS E 120 -23.49 44.60 11.76
CA LYS E 120 -24.85 45.09 11.66
C LYS E 120 -25.54 45.23 13.01
N TYR E 121 -25.15 44.44 14.01
CA TYR E 121 -25.76 44.55 15.33
C TYR E 121 -24.72 44.37 16.41
N ASP E 122 -24.89 45.09 17.51
CA ASP E 122 -24.01 44.97 18.66
C ASP E 122 -24.75 45.53 19.87
N SER E 123 -25.12 44.66 20.80
CA SER E 123 -25.94 45.09 21.93
C SER E 123 -25.71 44.14 23.10
N ASP E 124 -26.44 44.38 24.19
CA ASP E 124 -26.40 43.55 25.38
C ASP E 124 -27.82 43.10 25.72
N LEU E 125 -28.00 41.79 25.79
CA LEU E 125 -29.29 41.17 26.03
C LEU E 125 -29.41 40.76 27.49
N PRO E 126 -30.42 41.22 28.21
CA PRO E 126 -30.62 40.76 29.59
C PRO E 126 -30.98 39.28 29.63
N GLU E 127 -30.71 38.68 30.78
CA GLU E 127 -31.16 37.33 31.07
C GLU E 127 -32.61 37.42 31.54
N SER E 128 -33.53 36.90 30.74
CA SER E 128 -34.94 37.21 30.90
C SER E 128 -35.48 36.70 32.23
N ILE E 129 -35.16 35.45 32.58
CA ILE E 129 -35.85 34.79 33.69
C ILE E 129 -35.47 35.45 35.02
N HIS E 130 -34.18 35.66 35.25
CA HIS E 130 -33.69 36.10 36.56
C HIS E 130 -32.97 37.44 36.54
N HIS E 131 -32.54 37.92 35.38
CA HIS E 131 -31.88 39.22 35.26
C HIS E 131 -30.64 39.33 36.13
N LYS E 132 -29.86 38.26 36.25
CA LYS E 132 -28.63 38.26 37.02
C LYS E 132 -27.38 38.24 36.16
N SER E 133 -27.52 38.28 34.84
CA SER E 133 -26.36 38.29 33.94
C SER E 133 -26.81 38.92 32.63
N SER E 134 -25.94 38.80 31.61
CA SER E 134 -26.23 39.39 30.31
C SER E 134 -25.45 38.66 29.23
N CYS E 135 -25.84 38.93 27.98
CA CYS E 135 -25.21 38.35 26.81
C CYS E 135 -24.84 39.47 25.84
N ASP E 136 -23.55 39.66 25.61
CA ASP E 136 -23.07 40.63 24.63
C ASP E 136 -23.18 39.99 23.25
N ILE E 137 -24.09 40.51 22.43
CA ILE E 137 -24.42 39.91 21.14
C ILE E 137 -23.88 40.81 20.04
N THR E 138 -23.19 40.20 19.07
CA THR E 138 -22.67 40.90 17.90
C THR E 138 -23.04 40.10 16.65
N ILE E 139 -23.50 40.79 15.62
CA ILE E 139 -23.86 40.17 14.34
C ILE E 139 -23.17 40.95 13.24
N ASN E 140 -22.34 40.26 12.45
CA ASN E 140 -21.63 40.81 11.29
C ASN E 140 -22.25 40.19 10.03
N GLY E 141 -23.11 40.96 9.37
CA GLY E 141 -23.81 40.55 8.18
C GLY E 141 -25.25 40.98 8.21
N SER E 142 -25.96 40.62 7.15
CA SER E 142 -27.40 40.86 7.05
C SER E 142 -28.17 39.57 6.81
N CYS E 143 -27.80 38.50 7.52
CA CYS E 143 -28.33 37.16 7.27
C CYS E 143 -29.18 36.66 8.42
N VAL E 144 -28.87 37.09 9.65
CA VAL E 144 -29.57 36.58 10.82
C VAL E 144 -30.89 37.32 10.99
N THR E 145 -31.97 36.57 11.17
CA THR E 145 -33.29 37.11 11.46
C THR E 145 -33.64 37.03 12.93
N CYS E 146 -33.43 35.88 13.58
CA CYS E 146 -33.65 35.74 15.01
C CYS E 146 -32.51 34.95 15.63
N VAL E 147 -32.26 35.22 16.91
CA VAL E 147 -31.30 34.49 17.71
C VAL E 147 -31.91 34.23 19.08
N ASN E 148 -31.73 33.01 19.57
CA ASN E 148 -32.23 32.61 20.87
C ASN E 148 -31.23 31.67 21.53
N LEU E 149 -30.87 31.96 22.78
CA LEU E 149 -29.92 31.16 23.53
C LEU E 149 -30.55 30.75 24.85
N GLU E 150 -30.47 29.45 25.17
CA GLU E 150 -30.95 28.90 26.42
C GLU E 150 -29.77 28.29 27.16
N THR E 151 -29.49 28.79 28.36
CA THR E 151 -28.40 28.32 29.20
C THR E 151 -28.96 27.46 30.31
N ASP E 152 -28.34 26.29 30.52
CA ASP E 152 -28.80 25.31 31.48
C ASP E 152 -30.25 24.93 31.17
N PRO E 153 -30.54 24.49 29.94
CA PRO E 153 -31.92 24.12 29.59
C PRO E 153 -32.38 22.90 30.39
N THR E 154 -33.61 22.99 30.91
CA THR E 154 -34.22 21.85 31.60
C THR E 154 -35.16 21.10 30.66
N LYS E 155 -36.06 21.83 29.99
CA LYS E 155 -37.05 21.20 29.14
C LYS E 155 -36.40 20.45 27.99
N ILE E 156 -35.38 21.05 27.37
CA ILE E 156 -34.74 20.43 26.21
C ILE E 156 -34.18 19.08 26.63
N ASN E 157 -34.28 18.10 25.73
CA ASN E 157 -33.76 16.77 25.98
C ASN E 157 -32.52 16.56 25.14
N PRO E 158 -31.31 16.62 25.72
CA PRO E 158 -30.08 16.52 24.92
C PRO E 158 -29.68 15.10 24.56
N HIS E 159 -30.57 14.11 24.72
CA HIS E 159 -30.18 12.75 24.38
C HIS E 159 -30.32 12.49 22.88
N TYR E 160 -31.41 12.96 22.27
CA TYR E 160 -31.66 12.77 20.84
C TYR E 160 -31.04 11.45 20.39
N LEU E 161 -30.12 11.49 19.42
CA LEU E 161 -29.20 10.36 19.21
C LEU E 161 -27.97 10.56 20.08
N HIS E 162 -28.16 10.29 21.38
CA HIS E 162 -27.08 10.42 22.34
C HIS E 162 -25.92 9.52 21.94
N PRO E 163 -24.70 10.05 21.85
CA PRO E 163 -23.57 9.20 21.44
C PRO E 163 -23.41 8.01 22.37
N LYS E 164 -23.10 6.86 21.77
CA LYS E 164 -23.15 5.60 22.51
C LYS E 164 -22.03 5.53 23.55
N ASP E 165 -20.89 6.17 23.27
CA ASP E 165 -19.73 6.03 24.13
C ASP E 165 -19.64 7.10 25.21
N LYS E 166 -20.66 7.94 25.36
CA LYS E 166 -20.58 9.09 26.25
C LYS E 166 -21.63 9.00 27.36
N TYR E 167 -21.43 9.83 28.38
CA TYR E 167 -22.40 10.03 29.44
C TYR E 167 -22.91 11.46 29.35
N LEU E 168 -24.21 11.65 29.53
CA LEU E 168 -24.85 12.95 29.39
C LEU E 168 -25.52 13.36 30.70
N TYR E 169 -25.36 14.63 31.06
CA TYR E 169 -26.00 15.20 32.23
C TYR E 169 -26.63 16.54 31.85
N ARG E 170 -27.73 16.87 32.52
CA ARG E 170 -28.47 18.07 32.22
C ARG E 170 -29.00 18.69 33.51
N ASN E 171 -29.31 19.97 33.43
CA ASN E 171 -29.85 20.69 34.58
C ASN E 171 -31.29 20.30 34.82
N SER E 172 -31.68 20.25 36.09
CA SER E 172 -33.03 19.89 36.49
C SER E 172 -33.68 20.96 37.37
N GLU E 173 -33.06 22.13 37.48
CA GLU E 173 -33.55 23.21 38.32
C GLU E 173 -33.99 24.38 37.46
N TYR E 174 -35.10 25.01 37.85
CA TYR E 174 -35.58 26.18 37.15
C TYR E 174 -34.74 27.41 37.47
N GLY E 175 -34.12 27.46 38.65
CA GLY E 175 -33.35 28.62 39.03
C GLY E 175 -32.08 28.81 38.24
N MET E 176 -31.55 27.74 37.64
CA MET E 176 -30.34 27.83 36.84
C MET E 176 -30.61 28.12 35.38
N ARG E 177 -31.87 28.12 34.95
CA ARG E 177 -32.18 28.39 33.55
C ARG E 177 -31.86 29.83 33.20
N GLY E 178 -31.57 30.06 31.92
CA GLY E 178 -31.37 31.41 31.41
C GLY E 178 -31.80 31.52 29.96
N SER E 179 -32.43 32.63 29.59
CA SER E 179 -32.94 32.79 28.24
C SER E 179 -32.57 34.17 27.71
N TYR E 180 -31.99 34.20 26.52
CA TYR E 180 -31.71 35.45 25.81
C TYR E 180 -32.24 35.33 24.40
N GLY E 181 -32.64 36.45 23.81
CA GLY E 181 -33.15 36.42 22.45
C GLY E 181 -33.38 37.77 21.82
N VAL E 182 -33.24 37.82 20.50
CA VAL E 182 -33.52 39.04 19.73
C VAL E 182 -34.01 38.63 18.34
N THR E 183 -35.05 39.30 17.87
CA THR E 183 -35.62 39.07 16.55
C THR E 183 -35.51 40.35 15.74
N PHE E 184 -35.02 40.22 14.51
CA PHE E 184 -34.86 41.35 13.60
C PHE E 184 -35.96 41.43 12.57
N MET E 185 -37.07 40.72 12.79
CA MET E 185 -38.21 40.70 11.88
C MET E 185 -39.46 41.08 12.64
N ASP E 186 -40.36 41.80 11.96
CA ASP E 186 -41.54 42.34 12.61
C ASP E 186 -42.39 41.26 13.27
N GLU E 187 -42.35 40.03 12.77
CA GLU E 187 -43.11 38.95 13.38
C GLU E 187 -42.46 38.57 14.71
N LEU E 188 -43.21 37.81 15.51
CA LEU E 188 -42.71 37.37 16.81
C LEU E 188 -41.41 36.60 16.64
N ASN E 189 -40.75 36.32 17.78
CA ASN E 189 -39.43 35.72 17.74
C ASN E 189 -39.41 34.44 16.91
N GLN E 190 -40.33 33.51 17.21
CA GLN E 190 -40.52 32.29 16.44
C GLN E 190 -39.20 31.69 15.97
N CYS E 191 -38.17 31.76 16.82
CA CYS E 191 -36.93 31.05 16.57
C CYS E 191 -36.99 29.62 17.08
N PHE E 192 -38.11 29.21 17.67
CA PHE E 192 -38.25 27.88 18.23
C PHE E 192 -38.20 26.82 17.13
N LEU E 193 -37.59 25.69 17.45
CA LEU E 193 -37.66 24.51 16.61
C LEU E 193 -37.53 23.28 17.51
N ASP E 194 -38.53 22.41 17.47
CA ASP E 194 -38.53 21.24 18.35
C ASP E 194 -37.28 20.40 18.12
N ILE E 195 -36.66 19.98 19.22
CA ILE E 195 -35.42 19.22 19.13
C ILE E 195 -35.65 17.89 18.44
N LYS E 196 -36.81 17.27 18.67
CA LYS E 196 -37.07 15.95 18.12
C LYS E 196 -37.36 16.00 16.63
N GLU E 197 -37.63 17.19 16.08
CA GLU E 197 -37.86 17.34 14.65
C GLU E 197 -36.60 17.70 13.87
N VAL E 198 -35.45 17.78 14.54
CA VAL E 198 -34.18 18.13 13.90
C VAL E 198 -33.26 16.92 13.94
N SER E 199 -32.38 16.83 12.96
CA SER E 199 -31.34 15.80 12.93
C SER E 199 -30.00 16.47 13.17
N TYR E 200 -29.25 15.94 14.14
CA TYR E 200 -28.02 16.58 14.59
C TYR E 200 -26.81 15.76 14.14
N ASP E 201 -25.70 16.46 13.96
CA ASP E 201 -24.40 15.84 13.72
C ASP E 201 -23.37 16.53 14.59
N ILE E 202 -22.41 15.74 15.08
CA ILE E 202 -21.39 16.26 16.00
C ILE E 202 -20.33 17.02 15.21
N CYS E 203 -19.97 18.20 15.71
CA CYS E 203 -18.90 18.98 15.12
C CYS E 203 -17.56 18.30 15.35
N TYR E 204 -16.61 18.57 14.46
CA TYR E 204 -15.32 17.89 14.45
C TYR E 204 -14.25 18.83 15.02
N ARG E 205 -13.58 18.38 16.07
CA ARG E 205 -12.51 19.15 16.67
C ARG E 205 -11.31 19.21 15.72
N GLU E 206 -10.68 20.37 15.64
CA GLU E 206 -9.53 20.55 14.77
C GLU E 206 -8.70 21.77 15.20
N VAL F 1 -44.89 32.87 41.46
CA VAL F 1 -45.62 31.63 41.86
C VAL F 1 -45.73 30.69 40.67
N ILE F 2 -44.80 29.73 40.60
CA ILE F 2 -44.79 28.80 39.47
C ILE F 2 -46.07 27.99 39.42
N HIS F 3 -46.52 27.49 40.57
CA HIS F 3 -47.64 26.56 40.65
C HIS F 3 -48.83 27.26 41.28
N VAL F 4 -49.96 27.23 40.59
CA VAL F 4 -51.22 27.78 41.10
C VAL F 4 -52.33 26.77 40.81
N THR F 5 -53.11 26.44 41.84
CA THR F 5 -54.21 25.49 41.73
C THR F 5 -55.47 26.12 42.30
N LYS F 6 -56.52 26.18 41.49
CA LYS F 6 -57.80 26.75 41.89
C LYS F 6 -58.91 25.75 41.61
N GLU F 7 -59.89 25.70 42.51
CA GLU F 7 -61.03 24.81 42.31
C GLU F 7 -61.83 25.23 41.09
N VAL F 8 -62.45 24.25 40.43
CA VAL F 8 -63.06 24.49 39.14
C VAL F 8 -64.10 25.60 39.24
N LYS F 9 -64.34 26.28 38.12
CA LYS F 9 -65.35 27.33 37.95
C LYS F 9 -64.96 28.63 38.62
N GLU F 10 -63.86 28.68 39.35
CA GLU F 10 -63.45 29.89 40.05
C GLU F 10 -62.71 30.81 39.08
N VAL F 11 -62.09 31.86 39.61
CA VAL F 11 -61.35 32.85 38.83
C VAL F 11 -59.87 32.50 38.90
N ALA F 12 -59.25 32.30 37.75
CA ALA F 12 -57.83 31.95 37.67
C ALA F 12 -57.03 33.20 37.28
N THR F 13 -56.19 33.66 38.19
CA THR F 13 -55.37 34.84 37.97
C THR F 13 -53.93 34.39 37.76
N LEU F 14 -53.48 34.41 36.51
CA LEU F 14 -52.11 34.05 36.18
C LEU F 14 -51.30 35.33 35.98
N SER F 15 -50.23 35.48 36.76
CA SER F 15 -49.44 36.71 36.78
C SER F 15 -48.21 36.56 35.91
N CYS F 16 -47.92 37.59 35.13
CA CYS F 16 -46.70 37.61 34.32
C CYS F 16 -45.45 37.86 35.15
N GLY F 17 -45.58 38.53 36.29
CA GLY F 17 -44.44 38.83 37.13
C GLY F 17 -43.64 40.04 36.73
N HIS F 18 -44.09 40.79 35.73
CA HIS F 18 -43.39 41.97 35.26
C HIS F 18 -44.38 43.13 35.14
N ASN F 19 -43.87 44.34 35.32
CA ASN F 19 -44.66 45.56 35.24
C ASN F 19 -44.08 46.45 34.15
N VAL F 20 -44.92 46.87 33.21
CA VAL F 20 -44.52 47.74 32.11
C VAL F 20 -45.36 49.01 32.19
N SER F 21 -44.69 50.16 32.21
CA SER F 21 -45.39 51.43 32.29
C SER F 21 -46.23 51.66 31.03
N VAL F 22 -47.39 52.28 31.22
CA VAL F 22 -48.28 52.55 30.10
C VAL F 22 -47.59 53.44 29.08
N GLU F 23 -46.68 54.30 29.52
CA GLU F 23 -45.96 55.17 28.58
C GLU F 23 -45.12 54.35 27.61
N GLU F 24 -44.46 53.30 28.10
CA GLU F 24 -43.58 52.49 27.29
C GLU F 24 -44.31 51.40 26.53
N LEU F 25 -45.60 51.18 26.79
CA LEU F 25 -46.33 50.14 26.07
C LEU F 25 -46.36 50.39 24.57
N ALA F 26 -46.08 51.62 24.14
CA ALA F 26 -46.00 51.89 22.71
C ALA F 26 -44.89 51.07 22.07
N GLN F 27 -43.76 50.91 22.76
CA GLN F 27 -42.60 50.20 22.24
C GLN F 27 -42.52 48.77 22.75
N THR F 28 -43.57 48.26 23.38
CA THR F 28 -43.54 46.95 24.02
C THR F 28 -44.55 46.01 23.37
N ARG F 29 -44.16 44.74 23.25
CA ARG F 29 -45.04 43.68 22.78
C ARG F 29 -45.12 42.61 23.86
N ILE F 30 -46.34 42.24 24.25
CA ILE F 30 -46.56 41.31 25.34
C ILE F 30 -47.33 40.10 24.80
N TYR F 31 -46.81 38.91 25.08
CA TYR F 31 -47.43 37.67 24.62
C TYR F 31 -47.63 36.72 25.80
N TRP F 32 -48.80 36.08 25.83
CA TRP F 32 -49.10 34.98 26.73
C TRP F 32 -49.38 33.76 25.89
N GLN F 33 -48.70 32.65 26.17
CA GLN F 33 -48.91 31.43 25.39
C GLN F 33 -48.89 30.22 26.31
N LYS F 34 -49.37 29.10 25.77
CA LYS F 34 -49.56 27.86 26.53
C LYS F 34 -49.08 26.70 25.66
N GLU F 35 -47.83 26.28 25.85
CA GLU F 35 -47.26 25.13 25.16
C GLU F 35 -47.37 25.30 23.64
N LYS F 36 -46.69 26.34 23.14
CA LYS F 36 -46.58 26.66 21.72
C LYS F 36 -47.92 27.03 21.09
N LYS F 37 -48.97 27.24 21.88
CA LYS F 37 -50.27 27.68 21.37
C LYS F 37 -50.54 29.07 21.93
N MET F 38 -50.73 30.03 21.04
CA MET F 38 -50.93 31.40 21.46
C MET F 38 -52.21 31.55 22.27
N VAL F 39 -52.16 32.41 23.28
CA VAL F 39 -53.30 32.69 24.15
C VAL F 39 -53.70 34.15 24.08
N LEU F 40 -52.74 35.07 24.11
CA LEU F 40 -53.05 36.49 24.06
C LEU F 40 -51.86 37.26 23.54
N THR F 41 -52.14 38.33 22.80
CA THR F 41 -51.10 39.21 22.27
C THR F 41 -51.53 40.66 22.46
N MET F 42 -50.55 41.53 22.66
CA MET F 42 -50.79 42.96 22.85
C MET F 42 -49.83 43.78 22.01
N MET F 43 -49.76 43.47 20.71
CA MET F 43 -48.75 44.05 19.85
C MET F 43 -48.90 45.56 19.70
N SER F 44 -48.02 46.32 20.35
CA SER F 44 -47.97 47.77 20.19
C SER F 44 -49.32 48.41 20.47
N GLY F 45 -50.02 47.91 21.50
CA GLY F 45 -51.31 48.42 21.88
C GLY F 45 -52.49 47.77 21.19
N ASP F 46 -52.26 47.07 20.07
CA ASP F 46 -53.30 46.33 19.38
C ASP F 46 -53.43 44.97 20.05
N MET F 47 -54.57 44.75 20.70
CA MET F 47 -54.80 43.54 21.45
C MET F 47 -55.38 42.45 20.56
N ASN F 48 -55.25 41.21 21.00
CA ASN F 48 -55.73 40.08 20.21
C ASN F 48 -55.83 38.86 21.10
N ILE F 49 -56.98 38.18 21.04
CA ILE F 49 -57.24 36.98 21.82
C ILE F 49 -57.79 35.92 20.89
N TRP F 50 -57.29 34.70 21.03
CA TRP F 50 -57.68 33.62 20.13
C TRP F 50 -59.08 33.11 20.48
N PRO F 51 -59.73 32.41 19.54
CA PRO F 51 -61.11 31.99 19.78
C PRO F 51 -61.30 31.12 21.02
N GLU F 52 -60.34 30.25 21.32
CA GLU F 52 -60.52 29.34 22.44
C GLU F 52 -60.53 30.08 23.77
N TYR F 53 -60.07 31.34 23.78
CA TYR F 53 -59.99 32.14 24.99
C TYR F 53 -60.61 33.52 24.82
N LYS F 54 -61.33 33.76 23.72
CA LYS F 54 -61.79 35.12 23.42
C LYS F 54 -62.86 35.56 24.41
N ASN F 55 -63.66 34.63 24.93
CA ASN F 55 -64.81 35.00 25.76
C ASN F 55 -64.43 35.12 27.22
N ARG F 56 -63.42 34.36 27.66
CA ARG F 56 -63.11 34.20 29.08
C ARG F 56 -61.65 34.55 29.39
N THR F 57 -61.22 35.74 28.99
CA THR F 57 -59.86 36.20 29.25
C THR F 57 -59.86 37.72 29.35
N ILE F 58 -59.50 38.24 30.52
CA ILE F 58 -59.36 39.67 30.75
C ILE F 58 -57.89 39.96 31.02
N PHE F 59 -57.33 40.91 30.28
CA PHE F 59 -55.91 41.24 30.36
C PHE F 59 -55.73 42.49 31.20
N ASP F 60 -55.32 42.30 32.46
CA ASP F 60 -55.08 43.42 33.37
C ASP F 60 -53.62 43.87 33.17
N ILE F 61 -53.46 44.99 32.47
CA ILE F 61 -52.12 45.49 32.18
C ILE F 61 -51.46 46.03 33.45
N THR F 62 -52.19 46.80 34.24
CA THR F 62 -51.60 47.45 35.40
C THR F 62 -51.12 46.43 36.43
N ASN F 63 -51.91 45.36 36.64
CA ASN F 63 -51.59 44.37 37.67
C ASN F 63 -50.61 43.34 37.12
N ASN F 64 -49.39 43.83 36.86
CA ASN F 64 -48.27 42.98 36.46
C ASN F 64 -48.62 42.13 35.24
N LEU F 65 -49.28 42.74 34.27
CA LEU F 65 -49.62 42.08 33.01
C LEU F 65 -50.29 40.74 33.27
N SER F 66 -51.24 40.73 34.19
CA SER F 66 -51.90 39.50 34.61
C SER F 66 -53.06 39.17 33.68
N ILE F 67 -53.46 37.90 33.69
CA ILE F 67 -54.60 37.44 32.93
C ILE F 67 -55.59 36.79 33.89
N VAL F 68 -56.85 37.22 33.80
CA VAL F 68 -57.93 36.70 34.62
C VAL F 68 -58.82 35.85 33.72
N ILE F 69 -58.94 34.57 34.07
CA ILE F 69 -59.78 33.63 33.32
C ILE F 69 -60.96 33.27 34.21
N LEU F 70 -62.17 33.58 33.72
CA LEU F 70 -63.39 33.24 34.42
C LEU F 70 -63.94 31.93 33.89
N ALA F 71 -64.57 31.16 34.77
CA ALA F 71 -65.09 29.83 34.43
C ALA F 71 -63.96 28.92 33.96
N LEU F 72 -63.04 28.66 34.88
CA LEU F 72 -61.93 27.75 34.60
C LEU F 72 -62.47 26.38 34.22
N ARG F 73 -61.80 25.74 33.27
CA ARG F 73 -62.27 24.49 32.69
C ARG F 73 -61.21 23.41 32.82
N PRO F 74 -61.62 22.14 32.86
CA PRO F 74 -60.63 21.06 33.04
C PRO F 74 -59.64 20.96 31.89
N SER F 75 -59.96 21.51 30.72
CA SER F 75 -59.03 21.51 29.59
C SER F 75 -58.02 22.63 29.66
N ASP F 76 -58.11 23.52 30.65
CA ASP F 76 -57.19 24.64 30.77
C ASP F 76 -55.90 24.28 31.49
N GLU F 77 -55.79 23.08 32.05
CA GLU F 77 -54.58 22.68 32.75
C GLU F 77 -53.39 22.69 31.79
N GLY F 78 -52.30 23.28 32.23
CA GLY F 78 -51.10 23.37 31.43
C GLY F 78 -50.15 24.41 31.97
N THR F 79 -49.07 24.63 31.22
CA THR F 79 -48.04 25.59 31.57
C THR F 79 -48.18 26.83 30.70
N TYR F 80 -48.23 27.99 31.34
CA TYR F 80 -48.36 29.27 30.66
C TYR F 80 -47.06 30.04 30.78
N GLU F 81 -46.66 30.69 29.70
CA GLU F 81 -45.47 31.53 29.68
C GLU F 81 -45.81 32.91 29.14
N CYS F 82 -45.32 33.93 29.84
CA CYS F 82 -45.50 35.33 29.47
C CYS F 82 -44.16 35.88 29.03
N VAL F 83 -44.13 36.60 27.92
CA VAL F 83 -42.91 37.18 27.39
C VAL F 83 -43.17 38.64 27.02
N VAL F 84 -42.22 39.51 27.37
CA VAL F 84 -42.27 40.93 27.06
C VAL F 84 -41.07 41.27 26.19
N LEU F 85 -41.32 41.96 25.08
CA LEU F 85 -40.28 42.38 24.14
C LEU F 85 -40.27 43.90 24.06
N LYS F 86 -39.09 44.48 24.26
CA LYS F 86 -38.88 45.92 24.16
C LYS F 86 -38.22 46.23 22.83
N TYR F 87 -38.73 47.26 22.15
CA TYR F 87 -38.29 47.59 20.79
C TYR F 87 -37.04 48.46 20.87
N GLU F 88 -35.90 47.80 21.05
CA GLU F 88 -34.63 48.48 20.92
C GLU F 88 -34.49 49.02 19.50
N LYS F 89 -33.52 49.92 19.30
CA LYS F 89 -33.36 50.55 18.01
C LYS F 89 -33.13 49.49 16.93
N ASP F 90 -34.12 49.33 16.05
CA ASP F 90 -34.09 48.46 14.88
C ASP F 90 -34.32 46.99 15.22
N ALA F 91 -34.48 46.62 16.49
CA ALA F 91 -34.61 45.22 16.86
C ALA F 91 -35.62 45.08 18.00
N PHE F 92 -36.07 43.85 18.21
CA PHE F 92 -36.95 43.50 19.32
C PHE F 92 -36.18 42.61 20.29
N LYS F 93 -36.12 43.01 21.55
CA LYS F 93 -35.30 42.35 22.56
C LYS F 93 -36.18 41.83 23.69
N ARG F 94 -36.05 40.54 24.00
CA ARG F 94 -36.85 39.95 25.07
C ARG F 94 -36.35 40.43 26.43
N GLU F 95 -37.12 41.29 27.09
CA GLU F 95 -36.73 41.87 28.36
C GLU F 95 -37.29 41.12 29.56
N HIS F 96 -38.15 40.13 29.34
CA HIS F 96 -38.63 39.31 30.45
C HIS F 96 -39.32 38.04 29.96
N LEU F 97 -39.03 36.92 30.60
CA LEU F 97 -39.69 35.65 30.34
C LEU F 97 -40.12 35.06 31.67
N ALA F 98 -41.40 34.70 31.76
CA ALA F 98 -41.99 34.15 32.97
C ALA F 98 -42.72 32.86 32.63
N GLU F 99 -42.82 31.98 33.62
CA GLU F 99 -43.46 30.68 33.43
C GLU F 99 -44.32 30.38 34.65
N VAL F 100 -45.61 30.16 34.42
CA VAL F 100 -46.56 29.87 35.48
C VAL F 100 -47.41 28.68 35.07
N THR F 101 -47.59 27.74 35.98
CA THR F 101 -48.33 26.51 35.73
C THR F 101 -49.65 26.53 36.49
N LEU F 102 -50.72 26.09 35.82
CA LEU F 102 -52.05 26.08 36.38
C LEU F 102 -52.55 24.64 36.48
N SER F 103 -53.09 24.28 37.64
CA SER F 103 -53.63 22.94 37.89
C SER F 103 -55.09 23.04 38.25
N VAL F 104 -55.87 22.04 37.85
CA VAL F 104 -57.31 21.99 38.07
C VAL F 104 -57.64 20.78 38.91
N LYS F 105 -58.41 20.98 39.98
CA LYS F 105 -58.85 19.91 40.84
C LYS F 105 -60.28 19.52 40.49
N ALA F 106 -60.46 18.28 40.05
CA ALA F 106 -61.79 17.80 39.66
C ALA F 106 -61.84 16.28 39.71
N ALA G 4 -19.20 53.86 10.89
CA ALA G 4 -19.89 52.86 11.67
C ALA G 4 -21.27 52.56 11.09
N GLU G 5 -21.47 52.94 9.83
CA GLU G 5 -22.74 52.73 9.13
C GLU G 5 -22.62 51.46 8.30
N TYR G 6 -23.65 50.63 8.34
CA TYR G 6 -23.58 49.30 7.76
C TYR G 6 -23.51 49.36 6.24
N LYS G 7 -22.76 48.42 5.65
CA LYS G 7 -22.68 48.26 4.20
C LYS G 7 -22.35 46.82 3.85
N ASN G 8 -22.94 46.33 2.76
CA ASN G 8 -22.67 44.97 2.32
C ASN G 8 -21.27 44.85 1.75
N THR G 9 -20.71 43.64 1.82
CA THR G 9 -19.35 43.37 1.36
C THR G 9 -19.29 42.00 0.72
N ILE G 10 -18.28 41.81 -0.13
CA ILE G 10 -18.08 40.54 -0.79
C ILE G 10 -17.68 39.48 0.22
N CYS G 11 -17.93 38.22 -0.11
CA CYS G 11 -17.64 37.13 0.81
C CYS G 11 -16.16 36.77 0.76
N PRO G 12 -15.63 36.19 1.84
CA PRO G 12 -14.22 35.78 1.84
C PRO G 12 -13.98 34.60 0.92
N PRO G 13 -12.75 34.41 0.45
CA PRO G 13 -12.46 33.25 -0.39
C PRO G 13 -12.72 31.94 0.32
N ARG G 14 -13.12 30.93 -0.46
CA ARG G 14 -13.38 29.60 0.06
C ARG G 14 -12.77 28.57 -0.87
N GLN G 15 -12.44 27.41 -0.30
CA GLN G 15 -11.97 26.30 -1.13
C GLN G 15 -13.08 25.76 -2.02
N ASP G 16 -14.28 25.58 -1.46
CA ASP G 16 -15.43 25.10 -2.20
C ASP G 16 -16.62 26.03 -1.93
N TYR G 17 -17.38 26.34 -2.98
CA TYR G 17 -18.54 27.21 -2.89
C TYR G 17 -19.79 26.37 -3.09
N ARG G 18 -20.87 26.74 -2.41
CA ARG G 18 -22.14 26.04 -2.53
C ARG G 18 -23.23 26.89 -3.15
N TYR G 19 -23.17 28.20 -2.98
CA TYR G 19 -24.18 29.11 -3.48
C TYR G 19 -23.67 29.79 -4.74
N TRP G 20 -24.32 29.53 -5.88
CA TRP G 20 -23.88 29.96 -7.18
C TRP G 20 -24.91 30.88 -7.82
N TYR G 21 -24.43 31.94 -8.47
CA TYR G 21 -25.27 32.84 -9.24
C TYR G 21 -24.88 32.74 -10.71
N PHE G 22 -25.85 32.48 -11.56
CA PHE G 22 -25.61 32.31 -12.99
C PHE G 22 -25.23 33.66 -13.60
N ALA G 23 -23.94 33.89 -13.81
CA ALA G 23 -23.49 35.24 -14.15
C ALA G 23 -23.51 35.50 -15.65
N ALA G 24 -23.15 34.52 -16.46
CA ALA G 24 -23.07 34.73 -17.89
C ALA G 24 -23.07 33.39 -18.61
N GLU G 25 -23.33 33.46 -19.91
CA GLU G 25 -23.26 32.30 -20.79
C GLU G 25 -22.50 32.71 -22.05
N LEU G 26 -21.36 32.07 -22.27
CA LEU G 26 -20.48 32.38 -23.40
C LEU G 26 -20.54 31.23 -24.40
N THR G 27 -20.86 31.56 -25.65
CA THR G 27 -20.94 30.59 -26.73
C THR G 27 -19.93 30.95 -27.80
N ILE G 28 -19.12 29.97 -28.20
CA ILE G 28 -18.04 30.19 -29.16
C ILE G 28 -18.11 29.07 -30.19
N GLY G 29 -18.01 29.42 -31.47
CA GLY G 29 -18.00 28.48 -32.56
C GLY G 29 -16.63 28.46 -33.23
N VAL G 30 -16.13 27.26 -33.51
CA VAL G 30 -14.80 27.07 -34.07
C VAL G 30 -14.94 26.43 -35.44
N ASN G 31 -13.85 26.51 -36.21
CA ASN G 31 -13.80 25.92 -37.54
C ASN G 31 -13.03 24.60 -37.57
N TYR G 32 -12.69 24.04 -36.41
CA TYR G 32 -12.11 22.71 -36.32
C TYR G 32 -13.03 21.81 -35.52
N ASP G 33 -12.74 20.51 -35.55
CA ASP G 33 -13.69 19.51 -35.10
C ASP G 33 -13.58 19.30 -33.59
N ILE G 34 -14.71 19.45 -32.90
CA ILE G 34 -14.89 18.98 -31.54
C ILE G 34 -16.11 18.06 -31.56
N ASN G 35 -15.94 16.84 -31.06
CA ASN G 35 -16.97 15.81 -31.23
C ASN G 35 -17.99 15.80 -30.09
N SER G 36 -17.52 15.65 -28.86
CA SER G 36 -18.43 15.55 -27.74
C SER G 36 -17.72 15.95 -26.46
N THR G 37 -18.51 16.16 -25.40
CA THR G 37 -17.95 16.56 -24.12
C THR G 37 -17.06 15.45 -23.57
N ILE G 38 -15.97 15.86 -22.93
CA ILE G 38 -15.02 14.95 -22.31
C ILE G 38 -14.86 15.35 -20.85
N MET G 39 -15.04 14.38 -19.96
CA MET G 39 -14.89 14.67 -18.53
C MET G 39 -13.43 14.99 -18.22
N GLY G 40 -13.22 16.09 -17.49
CA GLY G 40 -11.89 16.51 -17.14
C GLY G 40 -11.16 17.29 -18.21
N GLU G 41 -11.83 17.64 -19.30
CA GLU G 41 -11.17 18.36 -20.39
C GLU G 41 -10.97 19.85 -20.09
N CYS G 42 -11.74 20.41 -19.16
CA CYS G 42 -11.72 21.83 -18.88
C CYS G 42 -11.05 22.08 -17.53
N HIS G 43 -10.20 23.10 -17.48
CA HIS G 43 -9.58 23.56 -16.24
C HIS G 43 -9.81 25.06 -16.11
N MET G 44 -9.90 25.53 -14.87
CA MET G 44 -10.21 26.93 -14.60
C MET G 44 -9.27 27.49 -13.55
N SER G 45 -8.99 28.78 -13.68
CA SER G 45 -8.26 29.55 -12.68
C SER G 45 -9.04 30.83 -12.44
N GLU G 46 -9.07 31.28 -11.19
CA GLU G 46 -9.86 32.43 -10.79
C GLU G 46 -9.00 33.39 -9.97
N SER G 47 -9.24 34.69 -10.13
CA SER G 47 -8.50 35.69 -9.38
C SER G 47 -9.36 36.94 -9.22
N TYR G 48 -9.56 37.37 -7.97
CA TYR G 48 -10.31 38.58 -7.66
C TYR G 48 -9.33 39.60 -7.10
N ILE G 49 -8.80 40.45 -7.96
CA ILE G 49 -7.78 41.44 -7.58
C ILE G 49 -8.37 42.82 -7.85
N ASP G 50 -8.12 43.75 -6.93
CA ASP G 50 -8.83 45.02 -6.94
C ASP G 50 -10.32 44.68 -6.92
N ARG G 51 -11.15 45.35 -7.68
CA ARG G 51 -12.55 44.96 -7.87
C ARG G 51 -12.74 44.31 -9.22
N ASN G 52 -11.68 43.68 -9.73
CA ASN G 52 -11.69 42.99 -11.01
C ASN G 52 -11.69 41.49 -10.78
N ALA G 53 -12.65 40.80 -11.41
CA ALA G 53 -12.78 39.36 -11.29
C ALA G 53 -12.38 38.72 -12.61
N ASN G 54 -11.45 37.77 -12.56
CA ASN G 54 -10.87 37.18 -13.76
C ASN G 54 -11.00 35.66 -13.69
N ILE G 55 -11.44 35.07 -14.80
CA ILE G 55 -11.56 33.63 -14.97
C ILE G 55 -10.80 33.24 -16.23
N VAL G 56 -9.92 32.26 -16.12
CA VAL G 56 -9.18 31.73 -17.26
C VAL G 56 -9.53 30.25 -17.40
N LEU G 57 -10.10 29.89 -18.54
CA LEU G 57 -10.56 28.55 -18.83
C LEU G 57 -9.74 27.96 -19.97
N THR G 58 -9.24 26.74 -19.76
CA THR G 58 -8.48 26.02 -20.79
C THR G 58 -9.24 24.75 -21.12
N GLY G 59 -9.50 24.54 -22.41
CA GLY G 59 -10.18 23.32 -22.83
C GLY G 59 -10.57 23.30 -24.29
N TYR G 60 -10.63 22.09 -24.86
CA TYR G 60 -11.10 21.87 -26.22
C TYR G 60 -10.33 22.75 -27.22
N GLY G 61 -9.04 22.90 -26.97
CA GLY G 61 -8.18 23.64 -27.87
C GLY G 61 -8.31 25.14 -27.77
N LEU G 62 -8.99 25.67 -26.76
CA LEU G 62 -9.18 27.09 -26.59
C LEU G 62 -8.75 27.53 -25.21
N GLU G 63 -8.32 28.79 -25.12
CA GLU G 63 -8.11 29.47 -23.85
C GLU G 63 -8.98 30.71 -23.83
N ILE G 64 -9.76 30.88 -22.77
CA ILE G 64 -10.69 31.98 -22.62
C ILE G 64 -10.31 32.74 -21.36
N ASN G 65 -9.97 34.02 -21.52
CA ASN G 65 -9.60 34.88 -20.41
C ASN G 65 -10.66 35.98 -20.30
N MET G 66 -11.51 35.90 -19.28
CA MET G 66 -12.63 36.81 -19.12
C MET G 66 -12.47 37.60 -17.83
N THR G 67 -12.80 38.89 -17.90
CA THR G 67 -12.63 39.79 -16.77
C THR G 67 -13.84 40.71 -16.65
N ILE G 68 -14.35 40.85 -15.44
CA ILE G 68 -15.40 41.79 -15.10
C ILE G 68 -14.78 42.90 -14.26
N MET G 69 -14.98 44.14 -14.68
CA MET G 69 -14.29 45.30 -14.13
C MET G 69 -15.13 45.95 -13.03
N ASP G 70 -14.48 46.30 -11.93
CA ASP G 70 -15.10 47.07 -10.85
C ASP G 70 -16.42 46.44 -10.42
N THR G 71 -16.32 45.22 -9.90
CA THR G 71 -17.47 44.42 -9.53
C THR G 71 -17.33 43.92 -8.10
N ASP G 72 -18.47 43.61 -7.49
CA ASP G 72 -18.51 43.00 -6.17
C ASP G 72 -18.71 41.49 -6.24
N GLN G 73 -18.54 40.90 -7.41
CA GLN G 73 -18.73 39.47 -7.62
C GLN G 73 -17.39 38.76 -7.64
N ARG G 74 -17.47 37.43 -7.67
CA ARG G 74 -16.29 36.58 -7.70
C ARG G 74 -16.68 35.27 -8.38
N PHE G 75 -15.93 34.88 -9.41
CA PHE G 75 -16.19 33.63 -10.09
C PHE G 75 -16.00 32.47 -9.12
N VAL G 76 -16.93 31.52 -9.13
CA VAL G 76 -16.90 30.38 -8.24
C VAL G 76 -16.93 29.06 -9.00
N ALA G 77 -17.45 29.06 -10.22
CA ALA G 77 -17.51 27.80 -10.97
C ALA G 77 -17.68 28.09 -12.46
N ALA G 78 -17.40 27.07 -13.26
CA ALA G 78 -17.61 27.13 -14.69
C ALA G 78 -17.89 25.73 -15.21
N ALA G 79 -18.62 25.67 -16.33
CA ALA G 79 -18.96 24.41 -16.97
C ALA G 79 -18.85 24.57 -18.48
N GLU G 80 -18.50 23.49 -19.16
CA GLU G 80 -18.31 23.51 -20.60
C GLU G 80 -19.02 22.34 -21.26
N GLY G 81 -19.57 22.58 -22.44
CA GLY G 81 -20.25 21.55 -23.21
C GLY G 81 -20.11 21.79 -24.69
N VAL G 82 -20.21 20.71 -25.45
CA VAL G 82 -20.05 20.76 -26.90
C VAL G 82 -21.39 20.44 -27.56
N GLY G 83 -21.83 21.34 -28.44
CA GLY G 83 -23.02 21.13 -29.22
C GLY G 83 -22.69 20.86 -30.69
N LYS G 84 -23.76 20.83 -31.49
CA LYS G 84 -23.61 20.54 -32.90
C LYS G 84 -22.95 21.71 -33.63
N ASP G 85 -22.41 21.41 -34.82
CA ASP G 85 -21.75 22.37 -35.68
C ASP G 85 -20.48 22.94 -35.06
N ASN G 86 -19.86 22.20 -34.15
CA ASN G 86 -18.62 22.61 -33.50
C ASN G 86 -18.82 23.91 -32.72
N LYS G 87 -19.74 23.85 -31.75
CA LYS G 87 -20.04 24.96 -30.87
C LYS G 87 -19.66 24.58 -29.44
N LEU G 88 -18.98 25.50 -28.76
CA LEU G 88 -18.59 25.31 -27.37
C LEU G 88 -19.39 26.29 -26.52
N SER G 89 -20.12 25.77 -25.54
CA SER G 89 -20.92 26.56 -24.62
C SER G 89 -20.26 26.55 -23.26
N VAL G 90 -20.11 27.74 -22.67
CA VAL G 90 -19.46 27.91 -21.38
C VAL G 90 -20.43 28.64 -20.46
N LEU G 91 -20.70 28.02 -19.30
CA LEU G 91 -21.54 28.61 -18.27
C LEU G 91 -20.66 29.07 -17.12
N LEU G 92 -20.88 30.29 -16.65
CA LEU G 92 -20.06 30.90 -15.62
C LEU G 92 -20.93 31.21 -14.40
N PHE G 93 -20.46 30.82 -13.22
CA PHE G 93 -21.19 31.02 -11.98
C PHE G 93 -20.31 31.80 -11.01
N THR G 94 -20.83 32.92 -10.51
CA THR G 94 -20.16 33.81 -9.59
C THR G 94 -20.87 33.78 -8.23
N THR G 95 -20.46 34.67 -7.35
CA THR G 95 -21.19 34.91 -6.11
C THR G 95 -22.42 35.75 -6.43
N GLN G 96 -23.14 36.17 -5.40
CA GLN G 96 -24.39 36.88 -5.63
C GLN G 96 -24.14 38.29 -6.15
N ARG G 97 -25.14 38.84 -6.83
CA ARG G 97 -25.08 40.18 -7.42
C ARG G 97 -25.55 41.18 -6.36
N LEU G 98 -24.64 42.02 -5.88
CA LEU G 98 -24.99 42.96 -4.84
C LEU G 98 -25.62 44.23 -5.41
N ASP G 99 -25.03 44.81 -6.44
CA ASP G 99 -25.51 46.04 -7.03
C ASP G 99 -26.13 45.77 -8.40
N LYS G 100 -27.13 46.58 -8.76
CA LYS G 100 -27.80 46.46 -10.05
C LYS G 100 -27.20 47.48 -11.02
N VAL G 101 -25.98 47.18 -11.47
CA VAL G 101 -25.26 48.04 -12.40
C VAL G 101 -24.56 47.14 -13.43
N HIS G 102 -24.59 47.57 -14.69
CA HIS G 102 -23.93 46.82 -15.75
C HIS G 102 -22.42 47.05 -15.69
N HIS G 103 -21.66 45.95 -15.72
CA HIS G 103 -20.21 46.00 -15.63
C HIS G 103 -19.61 45.80 -17.01
N ASN G 104 -18.51 46.51 -17.28
CA ASN G 104 -17.78 46.30 -18.52
C ASN G 104 -17.05 44.95 -18.48
N ILE G 105 -16.96 44.31 -19.64
CA ILE G 105 -16.38 42.98 -19.74
C ILE G 105 -15.17 43.03 -20.66
N SER G 106 -14.25 42.09 -20.46
CA SER G 106 -13.10 41.92 -21.33
C SER G 106 -12.92 40.44 -21.60
N VAL G 107 -13.01 40.04 -22.86
CA VAL G 107 -12.90 38.64 -23.27
C VAL G 107 -11.75 38.51 -24.25
N THR G 108 -10.85 37.57 -23.97
CA THR G 108 -9.74 37.23 -24.85
C THR G 108 -9.80 35.74 -25.15
N ILE G 109 -10.07 35.40 -26.41
CA ILE G 109 -10.10 34.02 -26.87
C ILE G 109 -8.82 33.77 -27.65
N THR G 110 -8.13 32.68 -27.30
CA THR G 110 -6.86 32.34 -27.91
C THR G 110 -6.88 30.88 -28.35
N CYS G 111 -6.43 30.63 -29.57
CA CYS G 111 -6.34 29.26 -30.05
C CYS G 111 -5.05 28.61 -29.57
N MET G 112 -5.11 27.30 -29.33
CA MET G 112 -3.98 26.56 -28.77
C MET G 112 -3.70 25.23 -29.44
N GLU G 113 -4.59 24.72 -30.29
CA GLU G 113 -4.40 23.41 -30.91
C GLU G 113 -4.60 23.41 -32.41
N MET G 114 -5.39 24.33 -32.96
CA MET G 114 -5.64 24.38 -34.39
C MET G 114 -5.82 25.82 -34.83
N ASN G 115 -5.09 26.18 -35.89
CA ASN G 115 -5.24 27.49 -36.54
C ASN G 115 -4.78 28.62 -35.62
N CYS G 116 -3.63 28.41 -34.99
CA CYS G 116 -3.06 29.41 -34.12
C CYS G 116 -2.45 30.55 -34.94
N GLY G 117 -2.22 31.67 -34.28
CA GLY G 117 -1.67 32.84 -34.93
C GLY G 117 -1.57 33.99 -33.96
N THR G 118 -1.24 35.16 -34.51
CA THR G 118 -1.18 36.39 -33.74
C THR G 118 -2.58 37.01 -33.68
N THR G 119 -2.69 38.16 -33.03
CA THR G 119 -3.99 38.79 -32.85
C THR G 119 -4.69 39.00 -34.18
N LYS G 120 -5.81 38.30 -34.39
CA LYS G 120 -6.60 38.46 -35.60
C LYS G 120 -7.73 39.46 -35.44
N TYR G 121 -8.28 39.60 -34.24
CA TYR G 121 -9.36 40.56 -34.03
C TYR G 121 -9.19 41.25 -32.68
N ASP G 122 -9.56 42.53 -32.64
CA ASP G 122 -9.51 43.29 -31.39
C ASP G 122 -10.44 44.48 -31.55
N SER G 123 -11.55 44.49 -30.81
CA SER G 123 -12.54 45.54 -30.96
C SER G 123 -13.33 45.68 -29.66
N ASP G 124 -14.31 46.58 -29.69
CA ASP G 124 -15.23 46.80 -28.59
C ASP G 124 -16.65 46.54 -29.06
N LEU G 125 -17.38 45.71 -28.31
CA LEU G 125 -18.73 45.32 -28.62
C LEU G 125 -19.70 46.05 -27.69
N PRO G 126 -20.66 46.81 -28.22
CA PRO G 126 -21.64 47.45 -27.34
C PRO G 126 -22.50 46.41 -26.64
N GLU G 127 -23.27 46.90 -25.66
CA GLU G 127 -24.31 46.10 -25.03
C GLU G 127 -25.60 46.36 -25.80
N SER G 128 -26.08 45.34 -26.51
CA SER G 128 -27.11 45.54 -27.52
C SER G 128 -28.40 46.05 -26.90
N ILE G 129 -28.83 45.46 -25.78
CA ILE G 129 -30.17 45.71 -25.27
C ILE G 129 -30.26 47.12 -24.70
N HIS G 130 -29.27 47.54 -23.93
CA HIS G 130 -29.36 48.78 -23.15
C HIS G 130 -28.29 49.81 -23.48
N HIS G 131 -27.11 49.38 -23.91
CA HIS G 131 -26.03 50.28 -24.30
C HIS G 131 -25.49 51.07 -23.11
N LYS G 132 -25.32 50.42 -21.97
CA LYS G 132 -24.73 51.05 -20.79
C LYS G 132 -23.39 50.46 -20.41
N SER G 133 -22.83 49.58 -21.23
CA SER G 133 -21.53 48.99 -20.98
C SER G 133 -20.93 48.54 -22.31
N SER G 134 -19.84 47.79 -22.24
CA SER G 134 -19.19 47.28 -23.44
C SER G 134 -18.34 46.08 -23.09
N CYS G 135 -17.94 45.34 -24.12
CA CYS G 135 -17.09 44.17 -23.99
C CYS G 135 -15.91 44.32 -24.93
N ASP G 136 -14.70 44.35 -24.37
CA ASP G 136 -13.49 44.43 -25.18
C ASP G 136 -13.10 43.02 -25.59
N ILE G 137 -13.21 42.72 -26.88
CA ILE G 137 -13.03 41.37 -27.41
C ILE G 137 -11.71 41.31 -28.16
N THR G 138 -10.95 40.25 -27.92
CA THR G 138 -9.68 40.02 -28.60
C THR G 138 -9.56 38.55 -28.98
N ILE G 139 -9.43 38.26 -30.27
CA ILE G 139 -9.28 36.91 -30.78
C ILE G 139 -7.87 36.75 -31.34
N ASN G 140 -7.13 35.78 -30.80
CA ASN G 140 -5.77 35.43 -31.21
C ASN G 140 -5.83 34.07 -31.91
N GLY G 141 -5.83 34.11 -33.23
CA GLY G 141 -5.88 32.93 -34.08
C GLY G 141 -6.85 33.11 -35.21
N SER G 142 -7.03 32.03 -35.98
CA SER G 142 -7.99 31.99 -37.08
C SER G 142 -8.95 30.82 -36.93
N CYS G 143 -9.49 30.62 -35.74
CA CYS G 143 -10.30 29.45 -35.42
C CYS G 143 -11.73 29.84 -35.07
N VAL G 144 -11.92 31.01 -34.50
CA VAL G 144 -13.24 31.44 -34.07
C VAL G 144 -14.02 31.96 -35.27
N THR G 145 -15.27 31.51 -35.40
CA THR G 145 -16.19 31.99 -36.42
C THR G 145 -17.25 32.95 -35.86
N CYS G 146 -17.82 32.63 -34.69
CA CYS G 146 -18.78 33.49 -34.03
C CYS G 146 -18.57 33.45 -32.54
N VAL G 147 -18.95 34.53 -31.87
CA VAL G 147 -18.90 34.64 -30.41
C VAL G 147 -20.15 35.36 -29.95
N ASN G 148 -20.78 34.84 -28.89
CA ASN G 148 -21.94 35.46 -28.28
C ASN G 148 -21.82 35.35 -26.77
N LEU G 149 -22.09 36.45 -26.08
CA LEU G 149 -22.03 36.52 -24.62
C LEU G 149 -23.36 37.02 -24.09
N GLU G 150 -23.91 36.32 -23.09
CA GLU G 150 -25.16 36.69 -22.45
C GLU G 150 -24.90 36.86 -20.97
N THR G 151 -24.93 38.11 -20.51
CA THR G 151 -24.70 38.45 -19.10
C THR G 151 -26.03 38.57 -18.38
N ASP G 152 -26.12 37.94 -17.21
CA ASP G 152 -27.36 37.86 -16.46
C ASP G 152 -28.46 37.29 -17.35
N PRO G 153 -28.28 36.09 -17.90
CA PRO G 153 -29.31 35.50 -18.76
C PRO G 153 -30.58 35.17 -17.98
N THR G 154 -31.72 35.54 -18.53
CA THR G 154 -33.00 35.20 -17.92
C THR G 154 -33.58 33.93 -18.50
N LYS G 155 -33.71 33.87 -19.83
CA LYS G 155 -34.33 32.72 -20.48
C LYS G 155 -33.55 31.45 -20.22
N ILE G 156 -32.22 31.51 -20.31
CA ILE G 156 -31.41 30.30 -20.18
C ILE G 156 -31.68 29.67 -18.82
N ASN G 157 -31.71 28.33 -18.80
CA ASN G 157 -32.00 27.61 -17.58
C ASN G 157 -30.71 26.96 -17.07
N PRO G 158 -30.08 27.49 -16.03
CA PRO G 158 -28.79 26.96 -15.59
C PRO G 158 -28.89 25.73 -14.70
N HIS G 159 -30.04 25.06 -14.64
CA HIS G 159 -30.13 23.88 -13.77
C HIS G 159 -29.60 22.63 -14.48
N TYR G 160 -29.94 22.47 -15.76
CA TYR G 160 -29.47 21.33 -16.55
C TYR G 160 -29.29 20.11 -15.66
N LEU G 161 -28.08 19.54 -15.60
CA LEU G 161 -27.71 18.63 -14.52
C LEU G 161 -27.10 19.45 -13.38
N HIS G 162 -27.98 20.14 -12.68
CA HIS G 162 -27.55 20.99 -11.57
C HIS G 162 -26.87 20.15 -10.51
N PRO G 163 -25.66 20.52 -10.06
CA PRO G 163 -24.97 19.71 -9.06
C PRO G 163 -25.80 19.56 -7.80
N LYS G 164 -25.73 18.37 -7.19
CA LYS G 164 -26.65 18.04 -6.11
C LYS G 164 -26.33 18.83 -4.85
N ASP G 165 -25.05 19.12 -4.61
CA ASP G 165 -24.64 19.74 -3.35
C ASP G 165 -24.74 21.25 -3.35
N LYS G 166 -25.17 21.87 -4.45
CA LYS G 166 -25.13 23.32 -4.59
C LYS G 166 -26.53 23.91 -4.60
N TYR G 167 -26.58 25.23 -4.50
CA TYR G 167 -27.78 26.03 -4.67
C TYR G 167 -27.54 26.98 -5.83
N LEU G 168 -28.51 27.08 -6.73
CA LEU G 168 -28.39 27.90 -7.94
C LEU G 168 -29.39 29.03 -7.92
N TYR G 169 -28.94 30.22 -8.33
CA TYR G 169 -29.79 31.39 -8.44
C TYR G 169 -29.55 32.04 -9.79
N ARG G 170 -30.61 32.66 -10.32
CA ARG G 170 -30.54 33.28 -11.64
C ARG G 170 -31.36 34.56 -11.65
N ASN G 171 -31.03 35.43 -12.59
CA ASN G 171 -31.71 36.70 -12.74
C ASN G 171 -33.11 36.50 -13.30
N SER G 172 -34.01 37.43 -12.98
CA SER G 172 -35.39 37.38 -13.44
C SER G 172 -35.84 38.71 -14.03
N GLU G 173 -34.94 39.68 -14.14
CA GLU G 173 -35.26 41.01 -14.66
C GLU G 173 -34.69 41.17 -16.06
N TYR G 174 -35.54 41.62 -16.98
CA TYR G 174 -35.08 41.92 -18.32
C TYR G 174 -34.18 43.14 -18.35
N GLY G 175 -34.23 43.97 -17.30
CA GLY G 175 -33.41 45.17 -17.28
C GLY G 175 -31.97 44.91 -16.93
N MET G 176 -31.67 43.74 -16.36
CA MET G 176 -30.29 43.37 -16.06
C MET G 176 -29.67 42.50 -17.15
N ARG G 177 -30.41 42.15 -18.19
CA ARG G 177 -29.85 41.33 -19.26
C ARG G 177 -28.85 42.13 -20.08
N GLY G 178 -27.82 41.44 -20.57
CA GLY G 178 -26.87 42.05 -21.48
C GLY G 178 -26.47 41.08 -22.57
N SER G 179 -26.25 41.57 -23.78
CA SER G 179 -25.96 40.70 -24.91
C SER G 179 -24.86 41.31 -25.77
N TYR G 180 -23.86 40.51 -26.10
CA TYR G 180 -22.77 40.91 -26.98
C TYR G 180 -22.58 39.83 -28.03
N GLY G 181 -22.12 40.22 -29.21
CA GLY G 181 -21.90 39.24 -30.25
C GLY G 181 -21.18 39.73 -31.49
N VAL G 182 -20.31 38.89 -32.05
CA VAL G 182 -19.65 39.16 -33.31
C VAL G 182 -19.58 37.88 -34.12
N THR G 183 -19.91 37.97 -35.41
CA THR G 183 -19.84 36.84 -36.33
C THR G 183 -18.84 37.17 -37.43
N PHE G 184 -17.93 36.24 -37.69
CA PHE G 184 -16.88 36.43 -38.70
C PHE G 184 -17.20 35.73 -40.01
N MET G 185 -18.41 35.18 -40.14
CA MET G 185 -18.82 34.46 -41.33
C MET G 185 -20.01 35.16 -41.97
N ASP G 186 -20.04 35.16 -43.31
CA ASP G 186 -21.05 35.92 -44.03
C ASP G 186 -22.48 35.53 -43.63
N GLU G 187 -22.69 34.29 -43.21
CA GLU G 187 -24.01 33.88 -42.76
C GLU G 187 -24.33 34.56 -41.44
N LEU G 188 -25.62 34.55 -41.08
CA LEU G 188 -26.04 35.19 -39.84
C LEU G 188 -25.29 34.59 -38.65
N ASN G 189 -25.41 35.25 -37.50
CA ASN G 189 -24.60 34.89 -36.34
C ASN G 189 -24.71 33.41 -36.02
N GLN G 190 -25.94 32.91 -35.88
CA GLN G 190 -26.23 31.49 -35.65
C GLN G 190 -25.22 30.85 -34.71
N CYS G 191 -24.78 31.59 -33.70
CA CYS G 191 -23.98 31.02 -32.63
C CYS G 191 -24.85 30.41 -31.54
N PHE G 192 -26.16 30.50 -31.68
CA PHE G 192 -27.07 29.93 -30.70
C PHE G 192 -26.99 28.41 -30.69
N LEU G 193 -27.14 27.83 -29.51
CA LEU G 193 -27.26 26.39 -29.36
C LEU G 193 -28.11 26.10 -28.14
N ASP G 194 -29.15 25.30 -28.32
CA ASP G 194 -30.07 25.02 -27.22
C ASP G 194 -29.31 24.40 -26.05
N ILE G 195 -29.57 24.93 -24.86
CA ILE G 195 -28.87 24.44 -23.67
C ILE G 195 -29.27 23.00 -23.37
N LYS G 196 -30.52 22.65 -23.61
CA LYS G 196 -30.99 21.31 -23.27
C LYS G 196 -30.45 20.25 -24.22
N GLU G 197 -29.93 20.65 -25.38
CA GLU G 197 -29.35 19.71 -26.32
C GLU G 197 -27.85 19.52 -26.13
N VAL G 198 -27.26 20.12 -25.11
CA VAL G 198 -25.82 20.04 -24.85
C VAL G 198 -25.60 19.26 -23.56
N SER G 199 -24.46 18.58 -23.48
CA SER G 199 -24.03 17.90 -22.28
C SER G 199 -22.85 18.65 -21.68
N TYR G 200 -22.98 19.06 -20.43
CA TYR G 200 -22.00 19.90 -19.77
C TYR G 200 -21.20 19.10 -18.75
N ASP G 201 -19.96 19.52 -18.55
CA ASP G 201 -19.11 19.00 -17.49
C ASP G 201 -18.48 20.18 -16.75
N ILE G 202 -18.32 20.03 -15.44
CA ILE G 202 -17.80 21.10 -14.60
C ILE G 202 -16.31 21.22 -14.79
N CYS G 203 -15.83 22.47 -14.91
CA CYS G 203 -14.40 22.71 -15.00
C CYS G 203 -13.76 22.57 -13.63
N TYR G 204 -12.50 22.12 -13.63
CA TYR G 204 -11.78 21.78 -12.41
C TYR G 204 -10.86 22.92 -12.02
N ARG G 205 -11.02 23.42 -10.80
CA ARG G 205 -10.15 24.47 -10.29
C ARG G 205 -8.75 23.91 -10.07
N GLU G 206 -7.74 24.71 -10.42
CA GLU G 206 -6.36 24.30 -10.26
C GLU G 206 -5.43 25.51 -10.21
N VAL H 1 -41.69 49.03 -25.76
CA VAL H 1 -42.96 48.40 -25.28
C VAL H 1 -42.85 46.89 -25.40
N ILE H 2 -42.53 46.22 -24.30
CA ILE H 2 -42.35 44.77 -24.32
C ILE H 2 -43.65 44.08 -24.72
N HIS H 3 -44.77 44.50 -24.13
CA HIS H 3 -46.05 43.83 -24.30
C HIS H 3 -46.98 44.68 -25.13
N VAL H 4 -47.52 44.09 -26.20
CA VAL H 4 -48.51 44.75 -27.05
C VAL H 4 -49.61 43.75 -27.35
N THR H 5 -50.87 44.16 -27.12
CA THR H 5 -52.03 43.33 -27.35
C THR H 5 -53.01 44.08 -28.24
N LYS H 6 -53.42 43.46 -29.34
CA LYS H 6 -54.33 44.06 -30.30
C LYS H 6 -55.50 43.13 -30.56
N GLU H 7 -56.68 43.70 -30.74
CA GLU H 7 -57.86 42.92 -31.09
C GLU H 7 -57.68 42.26 -32.45
N VAL H 8 -58.24 41.06 -32.58
CA VAL H 8 -57.99 40.25 -33.77
C VAL H 8 -58.41 41.01 -35.02
N LYS H 9 -57.77 40.66 -36.14
CA LYS H 9 -58.05 41.18 -37.48
C LYS H 9 -57.56 42.60 -37.67
N GLU H 10 -57.02 43.25 -36.64
CA GLU H 10 -56.56 44.63 -36.76
C GLU H 10 -55.13 44.65 -37.32
N VAL H 11 -54.52 45.83 -37.31
CA VAL H 11 -53.17 46.03 -37.81
C VAL H 11 -52.22 46.07 -36.62
N ALA H 12 -51.20 45.22 -36.63
CA ALA H 12 -50.24 45.11 -35.55
C ALA H 12 -48.94 45.78 -35.96
N THR H 13 -48.48 46.75 -35.17
CA THR H 13 -47.24 47.46 -35.44
C THR H 13 -46.22 47.06 -34.37
N LEU H 14 -45.22 46.29 -34.77
CA LEU H 14 -44.14 45.90 -33.87
C LEU H 14 -42.92 46.74 -34.19
N SER H 15 -42.41 47.46 -33.19
CA SER H 15 -41.30 48.37 -33.36
C SER H 15 -40.01 47.70 -32.93
N CYS H 16 -38.95 47.87 -33.74
CA CYS H 16 -37.64 47.35 -33.39
C CYS H 16 -36.96 48.17 -32.29
N GLY H 17 -37.37 49.42 -32.10
CA GLY H 17 -36.77 50.27 -31.09
C GLY H 17 -35.49 50.94 -31.51
N HIS H 18 -35.07 50.77 -32.76
CA HIS H 18 -33.83 51.35 -33.25
C HIS H 18 -34.09 52.02 -34.60
N ASN H 19 -33.33 53.09 -34.87
CA ASN H 19 -33.44 53.84 -36.10
C ASN H 19 -32.11 53.80 -36.83
N VAL H 20 -32.13 53.43 -38.11
CA VAL H 20 -30.93 53.32 -38.93
C VAL H 20 -31.13 54.22 -40.15
N SER H 21 -30.14 55.07 -40.40
CA SER H 21 -30.20 55.97 -41.55
C SER H 21 -30.14 55.18 -42.85
N VAL H 22 -30.84 55.68 -43.87
CA VAL H 22 -30.86 55.02 -45.16
C VAL H 22 -29.46 54.94 -45.75
N GLU H 23 -28.60 55.91 -45.43
CA GLU H 23 -27.25 55.91 -45.97
C GLU H 23 -26.46 54.69 -45.49
N GLU H 24 -26.62 54.31 -44.23
CA GLU H 24 -25.84 53.24 -43.63
C GLU H 24 -26.41 51.86 -43.88
N LEU H 25 -27.61 51.75 -44.47
CA LEU H 25 -28.22 50.45 -44.69
C LEU H 25 -27.37 49.56 -45.59
N ALA H 26 -26.45 50.15 -46.37
CA ALA H 26 -25.56 49.34 -47.18
C ALA H 26 -24.67 48.45 -46.31
N GLN H 27 -24.21 48.98 -45.18
CA GLN H 27 -23.33 48.26 -44.27
C GLN H 27 -24.07 47.67 -43.08
N THR H 28 -25.35 47.34 -43.23
CA THR H 28 -26.17 46.88 -42.13
C THR H 28 -27.00 45.66 -42.53
N ARG H 29 -27.25 44.79 -41.56
CA ARG H 29 -28.13 43.64 -41.72
C ARG H 29 -29.16 43.67 -40.61
N ILE H 30 -30.44 43.51 -40.97
CA ILE H 30 -31.55 43.57 -40.04
C ILE H 30 -32.34 42.28 -40.12
N TYR H 31 -32.58 41.66 -38.97
CA TYR H 31 -33.37 40.44 -38.90
C TYR H 31 -34.50 40.62 -37.89
N TRP H 32 -35.68 40.14 -38.26
CA TRP H 32 -36.81 39.98 -37.35
C TRP H 32 -37.13 38.50 -37.30
N GLN H 33 -37.17 37.93 -36.08
CA GLN H 33 -37.45 36.52 -35.92
C GLN H 33 -38.37 36.30 -34.73
N LYS H 34 -38.97 35.12 -34.68
CA LYS H 34 -39.96 34.75 -33.68
C LYS H 34 -39.63 33.36 -33.15
N GLU H 35 -38.96 33.29 -32.00
CA GLU H 35 -38.66 32.03 -31.33
C GLU H 35 -37.90 31.09 -32.27
N LYS H 36 -36.73 31.54 -32.71
CA LYS H 36 -35.80 30.79 -33.56
C LYS H 36 -36.36 30.51 -34.94
N LYS H 37 -37.47 31.13 -35.32
CA LYS H 37 -38.03 31.01 -36.66
C LYS H 37 -37.96 32.36 -37.35
N MET H 38 -37.26 32.41 -38.48
CA MET H 38 -37.06 33.67 -39.18
C MET H 38 -38.39 34.23 -39.69
N VAL H 39 -38.49 35.56 -39.64
CA VAL H 39 -39.66 36.27 -40.14
C VAL H 39 -39.31 37.23 -41.26
N LEU H 40 -38.21 37.96 -41.14
CA LEU H 40 -37.84 38.94 -42.15
C LEU H 40 -36.34 39.19 -42.09
N THR H 41 -35.74 39.35 -43.28
CA THR H 41 -34.32 39.66 -43.40
C THR H 41 -34.15 40.82 -44.37
N MET H 42 -33.16 41.67 -44.12
CA MET H 42 -32.89 42.85 -44.94
C MET H 42 -31.41 42.93 -45.27
N MET H 43 -30.84 41.83 -45.78
CA MET H 43 -29.40 41.74 -45.95
C MET H 43 -28.89 42.69 -47.03
N SER H 44 -28.23 43.78 -46.62
CA SER H 44 -27.56 44.69 -47.53
C SER H 44 -28.52 45.20 -48.62
N GLY H 45 -29.74 45.54 -48.21
CA GLY H 45 -30.74 46.06 -49.12
C GLY H 45 -31.54 44.99 -49.84
N ASP H 46 -31.18 43.72 -49.69
CA ASP H 46 -31.93 42.62 -50.27
C ASP H 46 -32.92 42.11 -49.21
N MET H 47 -34.20 42.29 -49.48
CA MET H 47 -35.24 41.94 -48.53
C MET H 47 -35.71 40.51 -48.77
N ASN H 48 -36.23 39.89 -47.72
CA ASN H 48 -36.68 38.50 -47.80
C ASN H 48 -37.68 38.24 -46.68
N ILE H 49 -38.82 37.67 -47.05
CA ILE H 49 -39.89 37.34 -46.10
C ILE H 49 -40.27 35.88 -46.33
N TRP H 50 -40.39 35.13 -45.23
CA TRP H 50 -40.70 33.72 -45.33
C TRP H 50 -42.15 33.51 -45.74
N PRO H 51 -42.48 32.32 -46.23
CA PRO H 51 -43.84 32.10 -46.78
C PRO H 51 -44.95 32.37 -45.78
N GLU H 52 -44.74 32.06 -44.50
CA GLU H 52 -45.81 32.21 -43.52
C GLU H 52 -46.18 33.67 -43.31
N TYR H 53 -45.31 34.59 -43.72
CA TYR H 53 -45.51 36.02 -43.50
C TYR H 53 -45.33 36.85 -44.76
N LYS H 54 -45.22 36.22 -45.93
CA LYS H 54 -44.90 36.96 -47.15
C LYS H 54 -46.03 37.91 -47.54
N ASN H 55 -47.28 37.48 -47.37
CA ASN H 55 -48.40 38.27 -47.87
C ASN H 55 -48.72 39.44 -46.95
N ARG H 56 -48.56 39.26 -45.65
CA ARG H 56 -49.12 40.16 -44.64
C ARG H 56 -48.05 40.78 -43.74
N THR H 57 -46.97 41.28 -44.33
CA THR H 57 -45.88 41.88 -43.58
C THR H 57 -45.25 43.00 -44.39
N ILE H 58 -45.42 44.24 -43.92
CA ILE H 58 -44.82 45.41 -44.54
C ILE H 58 -43.71 45.91 -43.62
N PHE H 59 -42.52 46.09 -44.17
CA PHE H 59 -41.34 46.46 -43.39
C PHE H 59 -41.06 47.94 -43.60
N ASP H 60 -41.43 48.76 -42.62
CA ASP H 60 -41.17 50.20 -42.67
C ASP H 60 -39.77 50.45 -42.12
N ILE H 61 -38.84 50.80 -43.01
CA ILE H 61 -37.46 51.03 -42.59
C ILE H 61 -37.36 52.33 -41.78
N THR H 62 -38.01 53.39 -42.24
CA THR H 62 -37.81 54.71 -41.63
C THR H 62 -38.39 54.77 -40.23
N ASN H 63 -39.52 54.10 -39.99
CA ASN H 63 -40.20 54.17 -38.70
C ASN H 63 -39.59 53.15 -37.74
N ASN H 64 -38.34 53.42 -37.37
CA ASN H 64 -37.64 52.62 -36.35
C ASN H 64 -37.63 51.14 -36.71
N LEU H 65 -37.43 50.84 -37.99
CA LEU H 65 -37.36 49.46 -38.47
C LEU H 65 -38.57 48.66 -38.00
N SER H 66 -39.74 49.23 -38.20
CA SER H 66 -40.97 48.63 -37.71
C SER H 66 -41.54 47.65 -38.73
N ILE H 67 -42.37 46.74 -38.24
CA ILE H 67 -43.09 45.79 -39.08
C ILE H 67 -44.57 45.94 -38.83
N VAL H 68 -45.35 46.04 -39.91
CA VAL H 68 -46.79 46.16 -39.85
C VAL H 68 -47.38 44.87 -40.40
N ILE H 69 -48.19 44.20 -39.58
CA ILE H 69 -48.84 42.95 -39.94
C ILE H 69 -50.32 43.22 -40.07
N LEU H 70 -50.87 42.91 -41.24
CA LEU H 70 -52.29 43.10 -41.51
C LEU H 70 -53.01 41.76 -41.36
N ALA H 71 -54.25 41.82 -40.86
CA ALA H 71 -55.03 40.62 -40.59
C ALA H 71 -54.32 39.71 -39.61
N LEU H 72 -54.15 40.22 -38.39
CA LEU H 72 -53.54 39.44 -37.32
C LEU H 72 -54.33 38.17 -37.08
N ARG H 73 -53.62 37.10 -36.75
CA ARG H 73 -54.19 35.77 -36.60
C ARG H 73 -53.84 35.20 -35.24
N PRO H 74 -54.68 34.30 -34.70
CA PRO H 74 -54.40 33.75 -33.37
C PRO H 74 -53.12 32.94 -33.29
N SER H 75 -52.59 32.48 -34.41
CA SER H 75 -51.35 31.71 -34.41
C SER H 75 -50.10 32.59 -34.39
N ASP H 76 -50.27 33.90 -34.43
CA ASP H 76 -49.13 34.81 -34.43
C ASP H 76 -48.64 35.17 -33.03
N GLU H 77 -49.32 34.71 -31.99
CA GLU H 77 -48.90 35.02 -30.63
C GLU H 77 -47.51 34.46 -30.36
N GLY H 78 -46.68 35.27 -29.72
CA GLY H 78 -45.33 34.86 -29.40
C GLY H 78 -44.46 36.08 -29.12
N THR H 79 -43.16 35.81 -29.03
CA THR H 79 -42.15 36.83 -28.76
C THR H 79 -41.33 37.06 -30.02
N TYR H 80 -41.21 38.33 -30.41
CA TYR H 80 -40.43 38.71 -31.58
C TYR H 80 -39.16 39.43 -31.13
N GLU H 81 -38.05 39.12 -31.80
CA GLU H 81 -36.77 39.77 -31.54
C GLU H 81 -36.24 40.37 -32.84
N CYS H 82 -35.82 41.63 -32.74
CA CYS H 82 -35.21 42.37 -33.83
C CYS H 82 -33.74 42.54 -33.53
N VAL H 83 -32.88 42.13 -34.46
CA VAL H 83 -31.44 42.20 -34.28
C VAL H 83 -30.82 42.96 -35.45
N VAL H 84 -29.93 43.89 -35.14
CA VAL H 84 -29.29 44.76 -36.12
C VAL H 84 -27.78 44.55 -36.02
N LEU H 85 -27.13 44.36 -37.16
CA LEU H 85 -25.70 44.13 -37.24
C LEU H 85 -25.06 45.15 -38.16
N LYS H 86 -23.98 45.76 -37.69
CA LYS H 86 -23.21 46.72 -38.46
C LYS H 86 -21.90 46.05 -38.90
N TYR H 87 -21.53 46.26 -40.17
CA TYR H 87 -20.38 45.58 -40.76
C TYR H 87 -19.11 46.35 -40.42
N GLU H 88 -18.64 46.18 -39.19
CA GLU H 88 -17.31 46.65 -38.84
C GLU H 88 -16.29 46.00 -39.77
N LYS H 89 -15.08 46.57 -39.78
CA LYS H 89 -14.05 46.09 -40.69
C LYS H 89 -13.79 44.61 -40.46
N ASP H 90 -14.14 43.78 -41.46
CA ASP H 90 -13.90 42.35 -41.53
C ASP H 90 -14.87 41.52 -40.69
N ALA H 91 -15.82 42.14 -39.98
CA ALA H 91 -16.73 41.39 -39.13
C ALA H 91 -18.07 42.08 -39.05
N PHE H 92 -19.09 41.31 -38.67
CA PHE H 92 -20.43 41.82 -38.41
C PHE H 92 -20.65 41.87 -36.91
N LYS H 93 -21.00 43.05 -36.40
CA LYS H 93 -21.10 43.29 -34.97
C LYS H 93 -22.52 43.70 -34.62
N ARG H 94 -23.11 43.02 -33.63
CA ARG H 94 -24.47 43.31 -33.21
C ARG H 94 -24.52 44.63 -32.47
N GLU H 95 -25.33 45.57 -32.95
CA GLU H 95 -25.42 46.91 -32.37
C GLU H 95 -26.75 47.19 -31.70
N HIS H 96 -27.74 46.32 -31.87
CA HIS H 96 -29.00 46.48 -31.16
C HIS H 96 -29.83 45.20 -31.20
N LEU H 97 -30.26 44.75 -30.02
CA LEU H 97 -31.17 43.62 -29.91
C LEU H 97 -32.38 44.06 -29.09
N ALA H 98 -33.56 43.84 -29.63
CA ALA H 98 -34.81 44.24 -28.99
C ALA H 98 -35.75 43.03 -28.92
N GLU H 99 -36.66 43.07 -27.96
CA GLU H 99 -37.60 41.98 -27.73
C GLU H 99 -38.99 42.56 -27.49
N VAL H 100 -39.93 42.20 -28.35
CA VAL H 100 -41.30 42.70 -28.27
C VAL H 100 -42.24 41.50 -28.35
N THR H 101 -43.23 41.46 -27.47
CA THR H 101 -44.16 40.35 -27.36
C THR H 101 -45.54 40.78 -27.83
N LEU H 102 -46.22 39.89 -28.53
CA LEU H 102 -47.54 40.15 -29.09
C LEU H 102 -48.54 39.16 -28.51
N SER H 103 -49.68 39.69 -28.06
CA SER H 103 -50.75 38.88 -27.50
C SER H 103 -52.03 39.10 -28.30
N VAL H 104 -52.84 38.04 -28.39
CA VAL H 104 -54.07 38.04 -29.18
C VAL H 104 -55.23 37.74 -28.26
N LYS H 105 -56.27 38.57 -28.31
CA LYS H 105 -57.48 38.37 -27.52
C LYS H 105 -58.55 37.75 -28.39
N ALA H 106 -58.99 36.56 -28.03
CA ALA H 106 -60.01 35.85 -28.80
C ALA H 106 -60.64 34.73 -27.98
N ALA I 4 1.70 44.24 -37.58
CA ALA I 4 0.36 44.04 -37.03
C ALA I 4 -0.56 43.39 -38.06
N GLU I 5 0.04 42.62 -38.98
CA GLU I 5 -0.70 41.93 -40.03
C GLU I 5 -0.74 40.45 -39.67
N TYR I 6 -1.94 39.88 -39.63
CA TYR I 6 -2.12 38.53 -39.13
C TYR I 6 -1.33 37.52 -39.96
N LYS I 7 -0.61 36.63 -39.27
CA LYS I 7 0.06 35.51 -39.90
C LYS I 7 -0.13 34.27 -39.04
N ASN I 8 -0.34 33.13 -39.68
CA ASN I 8 -0.49 31.88 -38.94
C ASN I 8 0.84 31.46 -38.34
N THR I 9 0.77 30.94 -37.11
CA THR I 9 1.96 30.52 -36.36
C THR I 9 1.78 29.08 -35.90
N ILE I 10 2.90 28.41 -35.69
CA ILE I 10 2.87 27.05 -35.19
C ILE I 10 2.25 27.04 -33.79
N CYS I 11 1.58 25.95 -33.47
CA CYS I 11 0.95 25.84 -32.16
C CYS I 11 2.00 25.60 -31.08
N PRO I 12 1.69 25.91 -29.82
CA PRO I 12 2.68 25.71 -28.75
C PRO I 12 2.83 24.24 -28.40
N PRO I 13 3.88 23.87 -27.67
CA PRO I 13 4.03 22.47 -27.26
C PRO I 13 2.93 22.03 -26.31
N ARG I 14 2.72 20.72 -26.24
CA ARG I 14 1.73 20.13 -25.35
C ARG I 14 2.22 18.77 -24.89
N GLN I 15 1.64 18.30 -23.78
CA GLN I 15 1.92 16.95 -23.32
C GLN I 15 1.22 15.91 -24.19
N ASP I 16 -0.02 16.19 -24.59
CA ASP I 16 -0.81 15.31 -25.42
C ASP I 16 -1.32 16.07 -26.65
N TYR I 17 -1.26 15.42 -27.80
CA TYR I 17 -1.73 15.97 -29.06
C TYR I 17 -2.94 15.18 -29.52
N ARG I 18 -4.05 15.89 -29.80
CA ARG I 18 -5.28 15.24 -30.24
C ARG I 18 -5.55 15.44 -31.72
N TYR I 19 -4.78 16.27 -32.40
CA TYR I 19 -4.97 16.56 -33.82
C TYR I 19 -3.70 16.20 -34.57
N TRP I 20 -3.76 15.14 -35.37
CA TRP I 20 -2.59 14.57 -36.03
C TRP I 20 -2.71 14.72 -37.54
N TYR I 21 -1.59 15.02 -38.19
CA TYR I 21 -1.52 15.09 -39.64
C TYR I 21 -0.52 14.03 -40.12
N PHE I 22 -0.96 13.19 -41.05
CA PHE I 22 -0.14 12.09 -41.54
C PHE I 22 1.00 12.63 -42.38
N ALA I 23 2.20 12.72 -41.79
CA ALA I 23 3.28 13.46 -42.44
C ALA I 23 4.07 12.59 -43.40
N ALA I 24 4.39 11.35 -43.00
CA ALA I 24 5.23 10.51 -43.84
C ALA I 24 5.09 9.06 -43.42
N GLU I 25 5.46 8.17 -44.34
CA GLU I 25 5.53 6.74 -44.11
C GLU I 25 6.93 6.27 -44.45
N LEU I 26 7.61 5.65 -43.49
CA LEU I 26 8.97 5.16 -43.66
C LEU I 26 8.98 3.65 -43.57
N THR I 27 9.52 3.00 -44.59
CA THR I 27 9.62 1.54 -44.65
C THR I 27 11.09 1.15 -44.72
N ILE I 28 11.49 0.23 -43.85
CA ILE I 28 12.88 -0.23 -43.77
C ILE I 28 12.86 -1.76 -43.75
N GLY I 29 13.63 -2.37 -44.65
CA GLY I 29 13.81 -3.81 -44.67
C GLY I 29 15.18 -4.17 -44.12
N VAL I 30 15.23 -5.25 -43.34
CA VAL I 30 16.43 -5.67 -42.65
C VAL I 30 16.74 -7.11 -42.99
N ASN I 31 17.99 -7.50 -42.72
CA ASN I 31 18.46 -8.86 -43.00
C ASN I 31 18.53 -9.73 -41.76
N TYR I 32 17.96 -9.28 -40.64
CA TYR I 32 17.86 -10.09 -39.43
C TYR I 32 16.39 -10.24 -39.06
N ASP I 33 16.12 -11.29 -38.29
CA ASP I 33 14.74 -11.74 -38.08
C ASP I 33 14.01 -10.83 -37.10
N ILE I 34 12.90 -10.26 -37.54
CA ILE I 34 11.90 -9.64 -36.68
C ILE I 34 10.59 -10.33 -36.98
N ASN I 35 9.94 -10.84 -35.93
CA ASN I 35 8.81 -11.76 -36.12
C ASN I 35 7.47 -11.03 -36.13
N SER I 36 7.15 -10.32 -35.05
CA SER I 36 5.83 -9.73 -34.91
C SER I 36 5.94 -8.44 -34.12
N THR I 37 4.89 -7.62 -34.24
CA THR I 37 4.82 -6.38 -33.48
C THR I 37 4.77 -6.67 -31.99
N ILE I 38 5.45 -5.85 -31.22
CA ILE I 38 5.53 -5.99 -29.76
C ILE I 38 5.08 -4.69 -29.14
N MET I 39 4.15 -4.76 -28.19
CA MET I 39 3.67 -3.58 -27.51
C MET I 39 4.77 -3.04 -26.58
N GLY I 40 5.05 -1.74 -26.68
CA GLY I 40 6.08 -1.13 -25.88
C GLY I 40 7.48 -1.24 -26.43
N GLU I 41 7.65 -1.76 -27.63
CA GLU I 41 8.97 -1.93 -28.22
C GLU I 41 9.56 -0.62 -28.72
N CYS I 42 8.73 0.28 -29.24
CA CYS I 42 9.20 1.52 -29.85
C CYS I 42 9.12 2.66 -28.85
N HIS I 43 10.19 3.44 -28.76
CA HIS I 43 10.21 4.68 -27.99
C HIS I 43 10.61 5.81 -28.92
N MET I 44 10.13 7.02 -28.62
CA MET I 44 10.37 8.16 -29.47
C MET I 44 10.71 9.40 -28.65
N SER I 45 11.48 10.29 -29.27
CA SER I 45 11.78 11.60 -28.72
C SER I 45 11.65 12.63 -29.83
N GLU I 46 11.19 13.83 -29.49
CA GLU I 46 10.91 14.87 -30.48
C GLU I 46 11.53 16.18 -30.04
N SER I 47 11.95 16.98 -31.01
CA SER I 47 12.52 18.29 -30.71
C SER I 47 12.27 19.24 -31.88
N TYR I 48 11.63 20.37 -31.59
CA TYR I 48 11.40 21.42 -32.59
C TYR I 48 12.31 22.59 -32.24
N ILE I 49 13.50 22.60 -32.82
CA ILE I 49 14.51 23.63 -32.55
C ILE I 49 14.77 24.39 -33.83
N ASP I 50 14.91 25.70 -33.72
CA ASP I 50 14.93 26.55 -34.91
C ASP I 50 13.62 26.27 -35.64
N ARG I 51 13.63 26.22 -36.97
CA ARG I 51 12.49 25.73 -37.74
C ARG I 51 12.72 24.31 -38.22
N ASN I 52 13.46 23.54 -37.43
CA ASN I 52 13.80 22.16 -37.74
C ASN I 52 13.08 21.23 -36.76
N ALA I 53 12.37 20.26 -37.30
CA ALA I 53 11.63 19.28 -36.50
C ALA I 53 12.33 17.93 -36.58
N ASN I 54 12.67 17.37 -35.42
CA ASN I 54 13.46 16.16 -35.35
C ASN I 54 12.70 15.11 -34.53
N ILE I 55 12.75 13.88 -35.02
CA ILE I 55 12.18 12.71 -34.35
C ILE I 55 13.26 11.64 -34.29
N VAL I 56 13.40 11.01 -33.13
CA VAL I 56 14.32 9.90 -32.94
C VAL I 56 13.52 8.72 -32.38
N LEU I 57 13.50 7.62 -33.13
CA LEU I 57 12.77 6.41 -32.77
C LEU I 57 13.76 5.29 -32.50
N THR I 58 13.50 4.51 -31.46
CA THR I 58 14.31 3.36 -31.10
C THR I 58 13.39 2.15 -31.00
N GLY I 59 13.72 1.09 -31.74
CA GLY I 59 12.95 -0.13 -31.68
C GLY I 59 13.39 -1.20 -32.66
N TYR I 60 13.17 -2.46 -32.31
CA TYR I 60 13.44 -3.59 -33.19
C TYR I 60 14.89 -3.57 -33.68
N GLY I 61 15.80 -3.18 -32.80
CA GLY I 61 17.20 -3.15 -33.13
C GLY I 61 17.61 -2.06 -34.09
N LEU I 62 16.80 -1.01 -34.23
CA LEU I 62 17.12 0.09 -35.13
C LEU I 62 16.88 1.42 -34.42
N GLU I 63 17.70 2.40 -34.78
CA GLU I 63 17.49 3.78 -34.38
C GLU I 63 17.31 4.62 -35.63
N ILE I 64 16.25 5.41 -35.68
CA ILE I 64 15.92 6.24 -36.84
C ILE I 64 15.89 7.68 -36.36
N ASN I 65 16.68 8.53 -37.01
CA ASN I 65 16.74 9.95 -36.70
C ASN I 65 16.34 10.71 -37.95
N MET I 66 15.12 11.26 -37.95
CA MET I 66 14.58 11.98 -39.08
C MET I 66 14.42 13.45 -38.73
N THR I 67 14.74 14.32 -39.70
CA THR I 67 14.69 15.75 -39.49
C THR I 67 14.12 16.43 -40.72
N ILE I 68 13.11 17.26 -40.50
CA ILE I 68 12.55 18.12 -41.54
C ILE I 68 13.07 19.53 -41.29
N MET I 69 13.64 20.13 -42.34
CA MET I 69 14.40 21.37 -42.23
C MET I 69 13.52 22.55 -42.62
N ASP I 70 13.52 23.58 -41.79
CA ASP I 70 12.84 24.84 -42.09
C ASP I 70 11.35 24.60 -42.35
N THR I 71 10.67 24.11 -41.32
CA THR I 71 9.28 23.73 -41.42
C THR I 71 8.48 24.34 -40.29
N ASP I 72 7.19 24.55 -40.55
CA ASP I 72 6.25 25.00 -39.54
C ASP I 72 5.54 23.84 -38.85
N GLN I 73 5.94 22.61 -39.16
CA GLN I 73 5.36 21.42 -38.57
C GLN I 73 6.17 20.98 -37.35
N ARG I 74 5.54 20.16 -36.52
CA ARG I 74 6.17 19.57 -35.35
C ARG I 74 5.67 18.13 -35.23
N PHE I 75 6.59 17.21 -34.98
CA PHE I 75 6.21 15.81 -34.80
C PHE I 75 5.38 15.68 -33.52
N VAL I 76 4.28 14.95 -33.61
CA VAL I 76 3.38 14.75 -32.49
C VAL I 76 3.27 13.29 -32.09
N ALA I 77 3.45 12.37 -33.04
CA ALA I 77 3.30 10.96 -32.71
C ALA I 77 3.98 10.10 -33.77
N ALA I 78 4.19 8.84 -33.41
CA ALA I 78 4.73 7.86 -34.33
C ALA I 78 4.21 6.48 -33.96
N ALA I 79 4.11 5.61 -34.97
CA ALA I 79 3.67 4.24 -34.79
C ALA I 79 4.58 3.32 -35.58
N GLU I 80 4.71 2.08 -35.11
CA GLU I 80 5.59 1.10 -35.74
C GLU I 80 4.88 -0.24 -35.88
N GLY I 81 5.13 -0.91 -36.99
CA GLY I 81 4.57 -2.22 -37.25
C GLY I 81 5.53 -3.07 -38.03
N VAL I 82 5.35 -4.38 -37.92
CA VAL I 82 6.21 -5.36 -38.58
C VAL I 82 5.39 -6.13 -39.60
N GLY I 83 5.89 -6.20 -40.83
CA GLY I 83 5.29 -6.99 -41.87
C GLY I 83 6.16 -8.18 -42.26
N LYS I 84 5.72 -8.87 -43.31
CA LYS I 84 6.41 -10.06 -43.75
C LYS I 84 7.76 -9.73 -44.36
N ASP I 85 8.65 -10.72 -44.37
CA ASP I 85 10.00 -10.61 -44.92
C ASP I 85 10.86 -9.62 -44.16
N ASN I 86 10.59 -9.41 -42.87
CA ASN I 86 11.42 -8.56 -42.03
C ASN I 86 11.39 -7.11 -42.49
N LYS I 87 10.17 -6.59 -42.65
CA LYS I 87 9.94 -5.21 -43.05
C LYS I 87 9.37 -4.44 -41.87
N LEU I 88 9.94 -3.26 -41.62
CA LEU I 88 9.48 -2.38 -40.54
C LEU I 88 8.82 -1.17 -41.17
N SER I 89 7.59 -0.89 -40.75
CA SER I 89 6.82 0.26 -41.22
C SER I 89 6.69 1.27 -40.09
N VAL I 90 7.04 2.52 -40.38
CA VAL I 90 6.98 3.61 -39.41
C VAL I 90 6.03 4.68 -39.96
N LEU I 91 5.02 5.00 -39.16
CA LEU I 91 4.06 6.06 -39.48
C LEU I 91 4.36 7.27 -38.62
N LEU I 92 4.45 8.44 -39.24
CA LEU I 92 4.81 9.67 -38.56
C LEU I 92 3.66 10.67 -38.65
N PHE I 93 3.32 11.27 -37.51
CA PHE I 93 2.22 12.23 -37.45
C PHE I 93 2.74 13.52 -36.85
N THR I 94 2.55 14.62 -37.57
CA THR I 94 2.98 15.96 -37.18
C THR I 94 1.76 16.82 -36.88
N THR I 95 2.00 18.11 -36.66
CA THR I 95 0.92 19.09 -36.62
C THR I 95 0.46 19.35 -38.05
N GLN I 96 -0.46 20.29 -38.23
CA GLN I 96 -1.00 20.53 -39.56
C GLN I 96 0.04 21.16 -40.47
N ARG I 97 -0.29 21.20 -41.77
CA ARG I 97 0.62 21.66 -42.80
C ARG I 97 0.21 23.06 -43.21
N LEU I 98 0.92 24.07 -42.70
CA LEU I 98 0.55 25.45 -42.98
C LEU I 98 0.88 25.86 -44.41
N ASP I 99 2.09 25.54 -44.87
CA ASP I 99 2.56 25.97 -46.19
C ASP I 99 2.59 24.80 -47.15
N LYS I 100 2.35 25.10 -48.42
CA LYS I 100 2.40 24.10 -49.48
C LYS I 100 3.76 24.16 -50.18
N VAL I 101 4.79 23.71 -49.47
CA VAL I 101 6.16 23.71 -49.98
C VAL I 101 6.83 22.41 -49.57
N HIS I 102 7.61 21.84 -50.49
CA HIS I 102 8.36 20.62 -50.20
C HIS I 102 9.60 20.97 -49.36
N HIS I 103 9.79 20.23 -48.28
CA HIS I 103 10.91 20.43 -47.38
C HIS I 103 11.97 19.36 -47.62
N ASN I 104 13.23 19.73 -47.38
CA ASN I 104 14.31 18.76 -47.44
C ASN I 104 14.28 17.87 -46.20
N ILE I 105 14.61 16.60 -46.39
CA ILE I 105 14.57 15.62 -45.32
C ILE I 105 15.99 15.14 -45.04
N SER I 106 16.23 14.74 -43.79
CA SER I 106 17.49 14.11 -43.41
C SER I 106 17.16 12.89 -42.56
N VAL I 107 17.55 11.71 -43.04
CA VAL I 107 17.26 10.45 -42.35
C VAL I 107 18.56 9.73 -42.06
N THR I 108 18.73 9.32 -40.81
CA THR I 108 19.89 8.52 -40.38
C THR I 108 19.37 7.26 -39.72
N ILE I 109 19.68 6.11 -40.30
CA ILE I 109 19.34 4.80 -39.76
C ILE I 109 20.61 4.19 -39.20
N THR I 110 20.53 3.70 -37.96
CA THR I 110 21.66 3.10 -37.27
C THR I 110 21.26 1.75 -36.72
N CYS I 111 22.13 0.76 -36.90
CA CYS I 111 21.87 -0.55 -36.32
C CYS I 111 22.35 -0.60 -34.87
N MET I 112 21.54 -1.22 -34.02
CA MET I 112 21.80 -1.26 -32.59
C MET I 112 21.81 -2.66 -31.99
N GLU I 113 21.36 -3.68 -32.71
CA GLU I 113 21.28 -5.03 -32.16
C GLU I 113 21.90 -6.10 -33.04
N MET I 114 21.89 -5.92 -34.36
CA MET I 114 22.45 -6.91 -35.27
C MET I 114 23.16 -6.21 -36.43
N ASN I 115 24.34 -6.73 -36.76
CA ASN I 115 25.11 -6.27 -37.91
C ASN I 115 25.53 -4.81 -37.76
N CYS I 116 25.99 -4.47 -36.57
CA CYS I 116 26.43 -3.10 -36.29
C CYS I 116 27.74 -2.80 -37.01
N GLY I 117 27.98 -1.52 -37.23
CA GLY I 117 29.18 -1.09 -37.91
C GLY I 117 29.22 0.42 -38.02
N THR I 118 30.25 0.90 -38.72
CA THR I 118 30.41 2.33 -38.96
C THR I 118 29.61 2.70 -40.21
N THR I 119 29.68 3.97 -40.60
CA THR I 119 28.88 4.46 -41.73
C THR I 119 29.10 3.62 -42.97
N LYS I 120 28.06 2.91 -43.40
CA LYS I 120 28.12 2.10 -44.60
C LYS I 120 27.58 2.81 -45.83
N TYR I 121 26.60 3.69 -45.66
CA TYR I 121 26.07 4.44 -46.80
C TYR I 121 25.82 5.88 -46.40
N ASP I 122 26.04 6.79 -47.33
CA ASP I 122 25.80 8.21 -47.09
C ASP I 122 25.64 8.89 -48.44
N SER I 123 24.43 9.35 -48.75
CA SER I 123 24.17 9.93 -50.06
C SER I 123 22.97 10.86 -49.97
N ASP I 124 22.58 11.40 -51.13
CA ASP I 124 21.42 12.25 -51.28
C ASP I 124 20.46 11.64 -52.30
N LEU I 125 19.19 11.60 -51.94
CA LEU I 125 18.15 10.98 -52.74
C LEU I 125 17.24 12.06 -53.32
N PRO I 126 17.11 12.17 -54.64
CA PRO I 126 16.16 13.11 -55.21
C PRO I 126 14.73 12.71 -54.88
N GLU I 127 13.84 13.71 -54.89
CA GLU I 127 12.41 13.47 -54.77
C GLU I 127 11.91 13.01 -56.13
N SER I 128 11.49 11.74 -56.21
CA SER I 128 11.25 11.12 -57.50
C SER I 128 10.12 11.80 -58.27
N ILE I 129 9.03 12.13 -57.57
CA ILE I 129 7.83 12.57 -58.27
C ILE I 129 8.02 13.95 -58.88
N HIS I 130 8.57 14.89 -58.11
CA HIS I 130 8.63 16.28 -58.54
C HIS I 130 10.04 16.85 -58.65
N HIS I 131 11.00 16.34 -57.88
CA HIS I 131 12.38 16.82 -57.94
C HIS I 131 12.51 18.26 -57.46
N LYS I 132 11.87 18.60 -56.34
CA LYS I 132 11.98 19.93 -55.75
C LYS I 132 12.63 19.92 -54.37
N SER I 133 12.89 18.75 -53.81
CA SER I 133 13.59 18.64 -52.54
C SER I 133 14.54 17.46 -52.63
N SER I 134 15.11 17.07 -51.49
CA SER I 134 16.02 15.94 -51.45
C SER I 134 16.03 15.35 -50.04
N CYS I 135 16.56 14.14 -49.94
CA CYS I 135 16.67 13.44 -48.67
C CYS I 135 18.11 13.00 -48.46
N ASP I 136 18.75 13.54 -47.44
CA ASP I 136 20.10 13.14 -47.08
C ASP I 136 20.01 11.87 -46.24
N ILE I 137 20.43 10.74 -46.81
CA ILE I 137 20.27 9.43 -46.20
C ILE I 137 21.64 8.96 -45.71
N THR I 138 21.68 8.43 -44.48
CA THR I 138 22.90 7.87 -43.91
C THR I 138 22.57 6.59 -43.18
N ILE I 139 23.19 5.49 -43.59
CA ILE I 139 22.99 4.17 -42.98
C ILE I 139 24.30 3.76 -42.30
N ASN I 140 24.20 3.49 -40.99
CA ASN I 140 25.31 3.09 -40.13
C ASN I 140 25.11 1.61 -39.77
N GLY I 141 25.82 0.74 -40.47
CA GLY I 141 25.74 -0.70 -40.29
C GLY I 141 25.56 -1.41 -41.60
N SER I 142 25.41 -2.73 -41.51
CA SER I 142 25.16 -3.58 -42.66
C SER I 142 23.88 -4.40 -42.49
N CYS I 143 22.81 -3.76 -42.06
CA CYS I 143 21.58 -4.46 -41.69
C CYS I 143 20.40 -4.01 -42.53
N VAL I 144 20.54 -2.91 -43.26
CA VAL I 144 19.44 -2.37 -44.05
C VAL I 144 19.59 -2.81 -45.50
N THR I 145 18.54 -3.40 -46.05
CA THR I 145 18.50 -3.83 -47.44
C THR I 145 17.80 -2.84 -48.35
N CYS I 146 16.66 -2.29 -47.93
CA CYS I 146 15.96 -1.26 -48.70
C CYS I 146 15.39 -0.23 -47.75
N VAL I 147 15.24 1.00 -48.25
CA VAL I 147 14.60 2.09 -47.53
C VAL I 147 13.71 2.85 -48.49
N ASN I 148 12.48 3.13 -48.05
CA ASN I 148 11.52 3.89 -48.83
C ASN I 148 10.81 4.87 -47.93
N LEU I 149 10.70 6.12 -48.38
CA LEU I 149 10.05 7.19 -47.64
C LEU I 149 9.00 7.83 -48.53
N GLU I 150 7.79 7.98 -48.00
CA GLU I 150 6.69 8.63 -48.69
C GLU I 150 6.19 9.77 -47.82
N THR I 151 6.46 11.01 -48.24
CA THR I 151 6.03 12.19 -47.52
C THR I 151 4.72 12.69 -48.09
N ASP I 152 3.78 13.03 -47.20
CA ASP I 152 2.43 13.41 -47.58
C ASP I 152 1.82 12.32 -48.45
N PRO I 153 1.72 11.09 -47.95
CA PRO I 153 1.13 10.01 -48.75
C PRO I 153 -0.38 10.20 -48.94
N THR I 154 -0.82 10.15 -50.19
CA THR I 154 -2.25 10.24 -50.48
C THR I 154 -2.91 8.86 -50.38
N LYS I 155 -2.35 7.87 -51.07
CA LYS I 155 -3.00 6.56 -51.15
C LYS I 155 -3.07 5.91 -49.77
N ILE I 156 -1.99 6.00 -49.00
CA ILE I 156 -1.95 5.28 -47.72
C ILE I 156 -3.09 5.76 -46.83
N ASN I 157 -3.72 4.83 -46.14
CA ASN I 157 -4.80 5.14 -45.24
C ASN I 157 -4.29 5.08 -43.81
N PRO I 158 -4.07 6.21 -43.13
CA PRO I 158 -3.47 6.17 -41.80
C PRO I 158 -4.46 5.90 -40.67
N HIS I 159 -5.67 5.43 -40.96
CA HIS I 159 -6.62 5.19 -39.89
C HIS I 159 -6.34 3.86 -39.20
N TYR I 160 -6.05 2.80 -39.97
CA TYR I 160 -5.80 1.47 -39.43
C TYR I 160 -6.62 1.28 -38.16
N LEU I 161 -5.97 0.97 -37.03
CA LEU I 161 -6.61 1.13 -35.72
C LEU I 161 -6.38 2.56 -35.24
N HIS I 162 -7.12 3.47 -35.86
CA HIS I 162 -7.04 4.89 -35.53
C HIS I 162 -7.36 5.09 -34.05
N PRO I 163 -6.50 5.75 -33.27
CA PRO I 163 -6.78 5.90 -31.85
C PRO I 163 -8.09 6.63 -31.62
N LYS I 164 -8.84 6.18 -30.60
CA LYS I 164 -10.20 6.65 -30.41
C LYS I 164 -10.25 8.13 -30.06
N ASP I 165 -9.31 8.60 -29.23
CA ASP I 165 -9.37 9.95 -28.71
C ASP I 165 -8.78 10.99 -29.66
N LYS I 166 -8.27 10.59 -30.82
CA LYS I 166 -7.53 11.49 -31.69
C LYS I 166 -8.34 11.82 -32.95
N TYR I 167 -7.90 12.87 -33.63
CA TYR I 167 -8.40 13.24 -34.95
C TYR I 167 -7.25 13.08 -35.93
N LEU I 168 -7.51 12.45 -37.07
CA LEU I 168 -6.51 12.19 -38.09
C LEU I 168 -6.84 12.94 -39.36
N TYR I 169 -5.83 13.58 -39.95
CA TYR I 169 -5.98 14.27 -41.22
C TYR I 169 -4.88 13.79 -42.16
N ARG I 170 -5.22 13.73 -43.46
CA ARG I 170 -4.31 13.23 -44.47
C ARG I 170 -4.40 14.10 -45.71
N ASN I 171 -3.29 14.16 -46.44
CA ASN I 171 -3.23 14.93 -47.67
C ASN I 171 -4.03 14.24 -48.77
N SER I 172 -4.64 15.05 -49.63
CA SER I 172 -5.47 14.56 -50.73
C SER I 172 -5.04 15.16 -52.06
N GLU I 173 -3.84 15.74 -52.13
CA GLU I 173 -3.32 16.35 -53.35
C GLU I 173 -2.11 15.57 -53.84
N TYR I 174 -2.09 15.28 -55.14
CA TYR I 174 -0.97 14.57 -55.72
C TYR I 174 0.28 15.44 -55.79
N GLY I 175 0.12 16.75 -55.82
CA GLY I 175 1.26 17.64 -55.95
C GLY I 175 2.10 17.73 -54.69
N MET I 176 1.54 17.37 -53.54
CA MET I 176 2.29 17.38 -52.29
C MET I 176 2.96 16.05 -51.99
N ARG I 177 2.71 15.02 -52.79
CA ARG I 177 3.36 13.73 -52.56
C ARG I 177 4.85 13.84 -52.78
N GLY I 178 5.61 13.05 -52.03
CA GLY I 178 7.04 12.94 -52.24
C GLY I 178 7.52 11.53 -52.00
N SER I 179 8.42 11.03 -52.85
CA SER I 179 8.88 9.65 -52.76
C SER I 179 10.39 9.61 -52.85
N TYR I 180 11.01 8.91 -51.89
CA TYR I 180 12.45 8.67 -51.88
C TYR I 180 12.67 7.18 -51.65
N GLY I 181 13.75 6.65 -52.21
CA GLY I 181 14.03 5.25 -52.03
C GLY I 181 15.39 4.78 -52.51
N VAL I 182 16.01 3.88 -51.74
CA VAL I 182 17.26 3.24 -52.13
C VAL I 182 17.18 1.76 -51.77
N THR I 183 17.57 0.90 -52.70
CA THR I 183 17.65 -0.54 -52.47
C THR I 183 19.09 -0.97 -52.62
N PHE I 184 19.59 -1.74 -51.65
CA PHE I 184 20.97 -2.19 -51.62
C PHE I 184 21.12 -3.65 -52.04
N MET I 185 20.14 -4.17 -52.79
CA MET I 185 20.15 -5.55 -53.23
C MET I 185 19.89 -5.61 -54.72
N ASP I 186 20.44 -6.62 -55.38
CA ASP I 186 20.34 -6.73 -56.84
C ASP I 186 18.90 -6.81 -57.32
N GLU I 187 17.99 -7.34 -56.51
CA GLU I 187 16.60 -7.42 -56.90
C GLU I 187 15.95 -6.03 -56.81
N LEU I 188 14.76 -5.91 -57.39
CA LEU I 188 14.04 -4.65 -57.36
C LEU I 188 13.78 -4.22 -55.91
N ASN I 189 13.31 -2.98 -55.77
CA ASN I 189 13.20 -2.36 -54.45
C ASN I 189 12.42 -3.24 -53.48
N GLN I 190 11.23 -3.69 -53.88
CA GLN I 190 10.37 -4.56 -53.08
C GLN I 190 10.37 -4.18 -51.61
N CYS I 191 10.40 -2.88 -51.32
CA CYS I 191 10.24 -2.40 -49.95
C CYS I 191 8.78 -2.15 -49.61
N PHE I 192 7.87 -2.43 -50.54
CA PHE I 192 6.45 -2.22 -50.31
C PHE I 192 5.90 -3.26 -49.33
N LEU I 193 4.99 -2.81 -48.47
CA LEU I 193 4.23 -3.73 -47.62
C LEU I 193 2.87 -3.10 -47.36
N ASP I 194 1.80 -3.86 -47.63
CA ASP I 194 0.46 -3.33 -47.50
C ASP I 194 0.20 -2.90 -46.06
N ILE I 195 -0.41 -1.72 -45.91
CA ILE I 195 -0.66 -1.17 -44.58
C ILE I 195 -1.65 -2.03 -43.81
N LYS I 196 -2.63 -2.61 -44.51
CA LYS I 196 -3.68 -3.37 -43.82
C LYS I 196 -3.19 -4.74 -43.38
N GLU I 197 -2.02 -5.17 -43.85
CA GLU I 197 -1.46 -6.45 -43.45
C GLU I 197 -0.47 -6.33 -42.29
N VAL I 198 -0.30 -5.14 -41.71
CA VAL I 198 0.62 -4.91 -40.61
C VAL I 198 -0.20 -4.64 -39.36
N SER I 199 0.42 -4.87 -38.21
CA SER I 199 -0.17 -4.52 -36.92
C SER I 199 0.69 -3.43 -36.29
N TYR I 200 0.11 -2.24 -36.13
CA TYR I 200 0.84 -1.08 -35.67
C TYR I 200 0.58 -0.83 -34.19
N ASP I 201 1.63 -0.40 -33.49
CA ASP I 201 1.53 0.03 -32.11
C ASP I 201 2.20 1.40 -31.99
N ILE I 202 1.64 2.25 -31.13
CA ILE I 202 2.12 3.61 -30.98
C ILE I 202 3.38 3.62 -30.12
N CYS I 203 4.34 4.44 -30.51
CA CYS I 203 5.56 4.61 -29.74
C CYS I 203 5.29 5.45 -28.49
N TYR I 204 6.10 5.24 -27.47
CA TYR I 204 5.92 5.88 -26.17
C TYR I 204 6.92 7.02 -26.02
N ARG I 205 6.42 8.24 -25.86
CA ARG I 205 7.27 9.40 -25.69
C ARG I 205 8.03 9.32 -24.38
N GLU I 206 9.32 9.67 -24.42
CA GLU I 206 10.16 9.62 -23.24
C GLU I 206 11.25 10.68 -23.30
N VAL J 1 0.58 14.01 -67.76
CA VAL J 1 -0.87 13.77 -68.03
C VAL J 1 -1.36 12.63 -67.15
N ILE J 2 -1.97 12.99 -66.02
CA ILE J 2 -2.44 11.99 -65.08
C ILE J 2 -3.48 11.08 -65.72
N HIS J 3 -4.42 11.66 -66.46
CA HIS J 3 -5.58 10.94 -66.98
C HIS J 3 -5.51 10.92 -68.50
N VAL J 4 -5.65 9.71 -69.06
CA VAL J 4 -5.74 9.52 -70.51
C VAL J 4 -6.85 8.52 -70.78
N THR J 5 -7.75 8.87 -71.69
CA THR J 5 -8.88 8.02 -72.06
C THR J 5 -8.87 7.81 -73.56
N LYS J 6 -8.89 6.54 -73.98
CA LYS J 6 -8.85 6.18 -75.38
C LYS J 6 -10.00 5.23 -75.70
N GLU J 7 -10.62 5.43 -76.86
CA GLU J 7 -11.70 4.54 -77.28
C GLU J 7 -11.17 3.14 -77.53
N VAL J 8 -12.03 2.14 -77.30
CA VAL J 8 -11.59 0.77 -77.33
C VAL J 8 -10.96 0.44 -78.68
N LYS J 9 -10.09 -0.57 -78.68
CA LYS J 9 -9.41 -1.11 -79.85
C LYS J 9 -8.37 -0.15 -80.43
N GLU J 10 -8.21 1.04 -79.86
CA GLU J 10 -7.26 2.00 -80.39
C GLU J 10 -5.88 1.76 -79.76
N VAL J 11 -4.96 2.69 -79.99
CA VAL J 11 -3.59 2.59 -79.50
C VAL J 11 -3.45 3.45 -78.25
N ALA J 12 -3.03 2.83 -77.15
CA ALA J 12 -2.86 3.54 -75.88
C ALA J 12 -1.38 3.88 -75.71
N THR J 13 -1.07 5.17 -75.65
CA THR J 13 0.30 5.64 -75.51
C THR J 13 0.47 6.20 -74.09
N LEU J 14 1.02 5.38 -73.20
CA LEU J 14 1.27 5.80 -71.83
C LEU J 14 2.72 6.25 -71.70
N SER J 15 2.91 7.52 -71.35
CA SER J 15 4.24 8.11 -71.30
C SER J 15 4.77 8.09 -69.87
N CYS J 16 6.05 7.75 -69.73
CA CYS J 16 6.70 7.78 -68.43
C CYS J 16 7.03 9.20 -67.97
N GLY J 17 7.20 10.12 -68.91
CA GLY J 17 7.52 11.50 -68.58
C GLY J 17 8.99 11.76 -68.30
N HIS J 18 9.86 10.78 -68.53
CA HIS J 18 11.28 10.92 -68.27
C HIS J 18 12.06 10.43 -69.47
N ASN J 19 13.19 11.10 -69.75
CA ASN J 19 14.04 10.77 -70.88
C ASN J 19 15.39 10.32 -70.34
N VAL J 20 15.83 9.14 -70.79
CA VAL J 20 17.10 8.55 -70.37
C VAL J 20 17.95 8.35 -71.62
N SER J 21 19.18 8.86 -71.58
CA SER J 21 20.08 8.70 -72.72
C SER J 21 20.44 7.22 -72.92
N VAL J 22 20.57 6.83 -74.18
CA VAL J 22 20.88 5.44 -74.50
C VAL J 22 22.22 5.04 -73.89
N GLU J 23 23.15 6.00 -73.76
CA GLU J 23 24.45 5.68 -73.19
C GLU J 23 24.32 5.24 -71.74
N GLU J 24 23.46 5.89 -70.98
CA GLU J 24 23.31 5.62 -69.54
C GLU J 24 22.41 4.43 -69.25
N LEU J 25 21.74 3.88 -70.26
CA LEU J 25 20.83 2.75 -70.01
C LEU J 25 21.56 1.55 -69.45
N ALA J 26 22.89 1.48 -69.61
CA ALA J 26 23.64 0.39 -69.01
C ALA J 26 23.53 0.42 -67.49
N GLN J 27 23.48 1.60 -66.89
CA GLN J 27 23.41 1.76 -65.45
C GLN J 27 22.01 2.03 -64.95
N THR J 28 20.98 1.84 -65.78
CA THR J 28 19.62 2.19 -65.44
C THR J 28 18.71 0.97 -65.49
N ARG J 29 17.75 0.93 -64.57
CA ARG J 29 16.70 -0.07 -64.55
C ARG J 29 15.35 0.63 -64.64
N ILE J 30 14.51 0.19 -65.57
CA ILE J 30 13.22 0.83 -65.83
C ILE J 30 12.12 -0.21 -65.62
N TYR J 31 11.12 0.15 -64.83
CA TYR J 31 10.00 -0.73 -64.56
C TYR J 31 8.68 0.01 -64.81
N TRP J 32 7.79 -0.64 -65.54
CA TRP J 32 6.40 -0.22 -65.67
C TRP J 32 5.54 -1.26 -64.96
N GLN J 33 4.72 -0.81 -64.02
CA GLN J 33 3.84 -1.73 -63.29
C GLN J 33 2.45 -1.12 -63.15
N LYS J 34 1.49 -1.98 -62.79
CA LYS J 34 0.08 -1.62 -62.76
C LYS J 34 -0.53 -2.20 -61.48
N GLU J 35 -0.61 -1.40 -60.43
CA GLU J 35 -1.23 -1.79 -59.18
C GLU J 35 -0.60 -3.07 -58.63
N LYS J 36 0.70 -2.99 -58.35
CA LYS J 36 1.50 -4.06 -57.77
C LYS J 36 1.63 -5.28 -58.68
N LYS J 37 1.19 -5.20 -59.93
CA LYS J 37 1.36 -6.27 -60.90
C LYS J 37 2.31 -5.78 -61.98
N MET J 38 3.42 -6.48 -62.17
CA MET J 38 4.44 -6.05 -63.10
C MET J 38 3.90 -6.07 -64.53
N VAL J 39 4.37 -5.12 -65.34
CA VAL J 39 4.00 -5.01 -66.74
C VAL J 39 5.22 -5.12 -67.65
N LEU J 40 6.30 -4.43 -67.31
CA LEU J 40 7.48 -4.44 -68.15
C LEU J 40 8.72 -4.10 -67.33
N THR J 41 9.83 -4.75 -67.68
CA THR J 41 11.11 -4.49 -67.03
C THR J 41 12.18 -4.35 -68.10
N MET J 42 13.17 -3.50 -67.83
CA MET J 42 14.26 -3.23 -68.77
C MET J 42 15.59 -3.29 -68.04
N MET J 43 15.84 -4.38 -67.30
CA MET J 43 16.99 -4.46 -66.42
C MET J 43 18.30 -4.47 -67.19
N SER J 44 19.01 -3.34 -67.16
CA SER J 44 20.36 -3.25 -67.74
C SER J 44 20.37 -3.69 -69.20
N GLY J 45 19.35 -3.27 -69.94
CA GLY J 45 19.23 -3.60 -71.35
C GLY J 45 18.56 -4.92 -71.65
N ASP J 46 18.29 -5.73 -70.63
CA ASP J 46 17.57 -6.98 -70.79
C ASP J 46 16.08 -6.70 -70.57
N MET J 47 15.29 -6.83 -71.64
CA MET J 47 13.87 -6.50 -71.60
C MET J 47 13.07 -7.73 -71.22
N ASN J 48 11.89 -7.49 -70.62
CA ASN J 48 11.04 -8.58 -70.17
C ASN J 48 9.62 -8.08 -70.04
N ILE J 49 8.69 -8.74 -70.73
CA ILE J 49 7.28 -8.39 -70.72
C ILE J 49 6.50 -9.62 -70.26
N TRP J 50 5.57 -9.43 -69.33
CA TRP J 50 4.84 -10.54 -68.76
C TRP J 50 3.82 -11.08 -69.76
N PRO J 51 3.33 -12.31 -69.53
CA PRO J 51 2.44 -12.93 -70.53
C PRO J 51 1.19 -12.13 -70.83
N GLU J 52 0.60 -11.48 -69.82
CA GLU J 52 -0.66 -10.78 -70.05
C GLU J 52 -0.47 -9.58 -70.98
N TYR J 53 0.77 -9.14 -71.17
CA TYR J 53 1.08 -7.97 -71.97
C TYR J 53 2.16 -8.23 -73.02
N LYS J 54 2.58 -9.48 -73.20
CA LYS J 54 3.73 -9.75 -74.07
C LYS J 54 3.42 -9.43 -75.52
N ASN J 55 2.19 -9.73 -75.98
CA ASN J 55 1.87 -9.58 -77.39
C ASN J 55 1.63 -8.13 -77.77
N ARG J 56 1.03 -7.35 -76.88
CA ARG J 56 0.50 -6.03 -77.20
C ARG J 56 1.14 -4.93 -76.35
N THR J 57 2.47 -4.89 -76.32
CA THR J 57 3.21 -3.92 -75.52
C THR J 57 4.54 -3.63 -76.18
N ILE J 58 4.66 -2.47 -76.81
CA ILE J 58 5.90 -2.01 -77.43
C ILE J 58 6.50 -0.92 -76.54
N PHE J 59 7.77 -1.07 -76.20
CA PHE J 59 8.46 -0.15 -75.29
C PHE J 59 9.34 0.79 -76.11
N ASP J 60 8.90 2.04 -76.25
CA ASP J 60 9.66 3.05 -76.96
C ASP J 60 10.61 3.72 -75.96
N ILE J 61 11.89 3.40 -76.07
CA ILE J 61 12.88 3.96 -75.16
C ILE J 61 13.10 5.44 -75.43
N THR J 62 13.24 5.81 -76.71
CA THR J 62 13.58 7.18 -77.05
C THR J 62 12.46 8.15 -76.68
N ASN J 63 11.21 7.75 -76.90
CA ASN J 63 10.07 8.65 -76.68
C ASN J 63 9.66 8.61 -75.20
N ASN J 64 10.54 9.16 -74.37
CA ASN J 64 10.26 9.35 -72.95
C ASN J 64 9.84 8.05 -72.27
N LEU J 65 10.54 6.96 -72.60
CA LEU J 65 10.31 5.66 -71.99
C LEU J 65 8.82 5.31 -72.00
N SER J 66 8.20 5.49 -73.16
CA SER J 66 6.77 5.30 -73.28
C SER J 66 6.43 3.86 -73.63
N ILE J 67 5.18 3.49 -73.39
CA ILE J 67 4.67 2.17 -73.74
C ILE J 67 3.46 2.35 -74.64
N VAL J 68 3.45 1.63 -75.75
CA VAL J 68 2.37 1.65 -76.72
C VAL J 68 1.67 0.30 -76.63
N ILE J 69 0.37 0.34 -76.35
CA ILE J 69 -0.45 -0.87 -76.21
C ILE J 69 -1.45 -0.87 -77.36
N LEU J 70 -1.38 -1.91 -78.19
CA LEU J 70 -2.27 -2.06 -79.33
C LEU J 70 -3.45 -2.95 -78.95
N ALA J 71 -4.60 -2.66 -79.53
CA ALA J 71 -5.84 -3.38 -79.22
C ALA J 71 -6.16 -3.27 -77.73
N LEU J 72 -6.43 -2.03 -77.31
CA LEU J 72 -6.81 -1.78 -75.93
C LEU J 72 -8.06 -2.57 -75.57
N ARG J 73 -8.08 -3.10 -74.36
CA ARG J 73 -9.11 -4.00 -73.90
C ARG J 73 -9.76 -3.45 -72.64
N PRO J 74 -11.02 -3.81 -72.37
CA PRO J 74 -11.70 -3.27 -71.18
C PRO J 74 -11.07 -3.69 -69.87
N SER J 75 -10.25 -4.74 -69.87
CA SER J 75 -9.59 -5.19 -68.65
C SER J 75 -8.29 -4.43 -68.37
N ASP J 76 -7.90 -3.51 -69.24
CA ASP J 76 -6.67 -2.76 -69.07
C ASP J 76 -6.85 -1.51 -68.20
N GLU J 77 -8.08 -1.17 -67.83
CA GLU J 77 -8.30 0.02 -67.01
C GLU J 77 -7.59 -0.11 -65.67
N GLY J 78 -6.91 0.95 -65.26
CA GLY J 78 -6.20 0.95 -64.00
C GLY J 78 -5.19 2.09 -63.96
N THR J 79 -4.34 2.04 -62.95
CA THR J 79 -3.30 3.03 -62.73
C THR J 79 -1.94 2.40 -63.02
N TYR J 80 -1.14 3.09 -63.83
CA TYR J 80 0.18 2.63 -64.21
C TYR J 80 1.24 3.56 -63.63
N GLU J 81 2.31 2.96 -63.10
CA GLU J 81 3.42 3.71 -62.54
C GLU J 81 4.72 3.27 -63.20
N CYS J 82 5.51 4.26 -63.60
CA CYS J 82 6.82 4.07 -64.21
C CYS J 82 7.89 4.51 -63.21
N VAL J 83 8.91 3.69 -63.01
CA VAL J 83 9.98 3.97 -62.07
C VAL J 83 11.31 3.73 -62.75
N VAL J 84 12.25 4.65 -62.55
CA VAL J 84 13.59 4.60 -63.11
C VAL J 84 14.60 4.62 -61.97
N LEU J 85 15.57 3.71 -62.01
CA LEU J 85 16.58 3.57 -60.97
C LEU J 85 17.96 3.67 -61.59
N LYS J 86 18.80 4.52 -61.02
CA LYS J 86 20.17 4.73 -61.45
C LYS J 86 21.11 4.03 -60.47
N TYR J 87 22.09 3.31 -61.01
CA TYR J 87 23.00 2.51 -60.19
C TYR J 87 24.15 3.37 -59.68
N GLU J 88 23.87 4.14 -58.64
CA GLU J 88 24.94 4.81 -57.91
C GLU J 88 25.92 3.77 -57.39
N LYS J 89 27.10 4.24 -56.99
CA LYS J 89 28.14 3.32 -56.52
C LYS J 89 27.61 2.47 -55.37
N ASP J 90 27.46 1.17 -55.62
CA ASP J 90 27.10 0.14 -54.64
C ASP J 90 25.61 0.12 -54.33
N ALA J 91 24.78 0.99 -54.91
CA ALA J 91 23.37 1.04 -54.56
C ALA J 91 22.55 1.44 -55.78
N PHE J 92 21.27 1.07 -55.76
CA PHE J 92 20.31 1.47 -56.78
C PHE J 92 19.40 2.54 -56.20
N LYS J 93 19.38 3.70 -56.84
CA LYS J 93 18.67 4.88 -56.33
C LYS J 93 17.55 5.25 -57.28
N ARG J 94 16.35 5.42 -56.75
CA ARG J 94 15.20 5.77 -57.56
C ARG J 94 15.27 7.24 -57.95
N GLU J 95 15.43 7.52 -59.25
CA GLU J 95 15.56 8.88 -59.75
C GLU J 95 14.31 9.41 -60.43
N HIS J 96 13.26 8.59 -60.56
CA HIS J 96 12.01 9.08 -61.11
C HIS J 96 10.84 8.18 -60.73
N LEU J 97 9.67 8.78 -60.57
CA LEU J 97 8.44 8.05 -60.29
C LEU J 97 7.27 8.83 -60.88
N ALA J 98 6.60 8.24 -61.86
CA ALA J 98 5.49 8.87 -62.54
C ALA J 98 4.27 7.95 -62.49
N GLU J 99 3.09 8.56 -62.48
CA GLU J 99 1.83 7.83 -62.38
C GLU J 99 0.89 8.30 -63.47
N VAL J 100 0.38 7.37 -64.26
CA VAL J 100 -0.52 7.67 -65.36
C VAL J 100 -1.69 6.69 -65.32
N THR J 101 -2.90 7.22 -65.47
CA THR J 101 -4.12 6.43 -65.39
C THR J 101 -4.76 6.34 -66.77
N LEU J 102 -5.24 5.14 -67.10
CA LEU J 102 -5.86 4.87 -68.39
C LEU J 102 -7.33 4.51 -68.18
N SER J 103 -8.22 5.16 -68.93
CA SER J 103 -9.64 4.92 -68.87
C SER J 103 -10.14 4.40 -70.21
N VAL J 104 -11.11 3.49 -70.17
CA VAL J 104 -11.66 2.84 -71.35
C VAL J 104 -13.15 3.18 -71.44
N LYS J 105 -13.57 3.64 -72.61
CA LYS J 105 -14.97 3.95 -72.86
C LYS J 105 -15.60 2.79 -73.63
N ALA J 106 -16.57 2.13 -72.99
CA ALA J 106 -17.23 0.98 -73.62
C ALA J 106 -18.62 0.78 -73.01
N ALA K 4 37.94 5.53 -43.85
CA ALA K 4 36.55 5.69 -44.24
C ALA K 4 36.04 4.43 -44.96
N GLU K 5 36.60 3.28 -44.60
CA GLU K 5 36.22 2.00 -45.17
C GLU K 5 35.40 1.24 -44.14
N TYR K 6 34.22 0.77 -44.56
CA TYR K 6 33.29 0.16 -43.62
C TYR K 6 33.90 -1.07 -42.98
N LYS K 7 33.72 -1.20 -41.66
CA LYS K 7 34.10 -2.39 -40.92
C LYS K 7 33.05 -2.70 -39.88
N ASN K 8 32.71 -3.99 -39.75
CA ASN K 8 31.76 -4.41 -38.74
C ASN K 8 32.34 -4.22 -37.34
N THR K 9 31.48 -3.84 -36.40
CA THR K 9 31.90 -3.57 -35.03
C THR K 9 30.92 -4.23 -34.06
N ILE K 10 31.41 -4.51 -32.86
CA ILE K 10 30.57 -5.09 -31.83
C ILE K 10 29.42 -4.15 -31.51
N CYS K 11 28.32 -4.72 -31.03
CA CYS K 11 27.14 -3.93 -30.72
C CYS K 11 27.28 -3.23 -29.36
N PRO K 12 26.55 -2.14 -29.16
CA PRO K 12 26.63 -1.45 -27.86
C PRO K 12 25.97 -2.27 -26.77
N PRO K 13 26.31 -2.02 -25.50
CA PRO K 13 25.66 -2.76 -24.41
C PRO K 13 24.17 -2.45 -24.31
N ARG K 14 23.43 -3.39 -23.73
CA ARG K 14 21.99 -3.27 -23.57
C ARG K 14 21.58 -3.83 -22.22
N GLN K 15 20.40 -3.41 -21.76
CA GLN K 15 19.82 -4.00 -20.56
C GLN K 15 19.29 -5.40 -20.85
N ASP K 16 18.65 -5.57 -22.00
CA ASP K 16 18.11 -6.87 -22.42
C ASP K 16 18.61 -7.20 -23.82
N TYR K 17 19.00 -8.44 -24.02
CA TYR K 17 19.47 -8.94 -25.29
C TYR K 17 18.45 -9.95 -25.82
N ARG K 18 18.11 -9.81 -27.10
CA ARG K 18 17.13 -10.69 -27.72
C ARG K 18 17.75 -11.69 -28.69
N TYR K 19 18.96 -11.41 -29.18
CA TYR K 19 19.62 -12.25 -30.16
C TYR K 19 20.82 -12.93 -29.50
N TRP K 20 20.73 -14.25 -29.34
CA TRP K 20 21.71 -15.04 -28.61
C TRP K 20 22.42 -16.00 -29.55
N TYR K 21 23.74 -16.10 -29.39
CA TYR K 21 24.56 -17.05 -30.13
C TYR K 21 25.13 -18.06 -29.14
N PHE K 22 24.98 -19.35 -29.45
CA PHE K 22 25.38 -20.41 -28.54
C PHE K 22 26.90 -20.49 -28.48
N ALA K 23 27.52 -19.78 -27.52
CA ALA K 23 28.96 -19.61 -27.53
C ALA K 23 29.70 -20.87 -27.12
N ALA K 24 29.23 -21.55 -26.08
CA ALA K 24 29.95 -22.71 -25.57
C ALA K 24 29.09 -23.44 -24.55
N GLU K 25 29.46 -24.69 -24.29
CA GLU K 25 28.82 -25.53 -23.28
C GLU K 25 29.89 -26.02 -22.32
N LEU K 26 29.67 -25.80 -21.03
CA LEU K 26 30.62 -26.19 -19.99
C LEU K 26 29.97 -27.21 -19.06
N THR K 27 30.64 -28.32 -18.82
CA THR K 27 30.16 -29.38 -17.95
C THR K 27 31.17 -29.60 -16.83
N ILE K 28 30.66 -29.67 -15.60
CA ILE K 28 31.49 -29.83 -14.41
C ILE K 28 30.85 -30.89 -13.52
N GLY K 29 31.66 -31.83 -13.05
CA GLY K 29 31.21 -32.87 -12.14
C GLY K 29 31.83 -32.67 -10.77
N VAL K 30 31.01 -32.80 -9.73
CA VAL K 30 31.43 -32.53 -8.37
C VAL K 30 31.24 -33.79 -7.52
N ASN K 31 31.94 -33.81 -6.39
CA ASN K 31 31.89 -34.95 -5.47
C ASN K 31 30.94 -34.72 -4.30
N TYR K 32 30.12 -33.68 -4.35
CA TYR K 32 29.11 -33.43 -3.33
C TYR K 32 27.74 -33.32 -4.00
N ASP K 33 26.71 -33.65 -3.23
CA ASP K 33 25.39 -33.88 -3.79
C ASP K 33 24.75 -32.59 -4.28
N ILE K 34 24.27 -32.62 -5.52
CA ILE K 34 23.34 -31.64 -6.04
C ILE K 34 22.16 -32.41 -6.62
N ASN K 35 20.94 -32.03 -6.24
CA ASN K 35 19.78 -32.87 -6.51
C ASN K 35 19.05 -32.47 -7.79
N SER K 36 18.63 -31.21 -7.88
CA SER K 36 17.82 -30.78 -9.00
C SER K 36 18.02 -29.30 -9.25
N THR K 37 17.57 -28.86 -10.42
CA THR K 37 17.62 -27.43 -10.75
C THR K 37 16.73 -26.65 -9.81
N ILE K 38 17.18 -25.45 -9.44
CA ILE K 38 16.46 -24.56 -8.55
C ILE K 38 16.32 -23.22 -9.24
N MET K 39 15.10 -22.66 -9.20
CA MET K 39 14.86 -21.37 -9.81
C MET K 39 15.50 -20.27 -8.98
N GLY K 40 16.23 -19.37 -9.64
CA GLY K 40 16.90 -18.29 -8.95
C GLY K 40 18.22 -18.66 -8.33
N GLU K 41 18.70 -19.89 -8.52
CA GLU K 41 19.95 -20.32 -7.91
C GLU K 41 21.17 -19.67 -8.54
N CYS K 42 21.22 -19.57 -9.86
CA CYS K 42 22.40 -19.09 -10.57
C CYS K 42 22.34 -17.59 -10.75
N HIS K 43 23.42 -16.90 -10.39
CA HIS K 43 23.58 -15.48 -10.62
C HIS K 43 24.77 -15.27 -11.53
N MET K 44 24.74 -14.19 -12.30
CA MET K 44 25.71 -13.97 -13.36
C MET K 44 26.14 -12.51 -13.41
N SER K 45 27.40 -12.31 -13.80
CA SER K 45 27.96 -10.99 -14.03
C SER K 45 28.79 -11.05 -15.31
N GLU K 46 28.82 -9.94 -16.06
CA GLU K 46 29.48 -9.91 -17.35
C GLU K 46 30.28 -8.62 -17.49
N SER K 47 31.39 -8.69 -18.23
CA SER K 47 32.22 -7.53 -18.47
C SER K 47 32.97 -7.68 -19.78
N TYR K 48 32.82 -6.70 -20.66
CA TYR K 48 33.55 -6.64 -21.92
C TYR K 48 34.56 -5.51 -21.82
N ILE K 49 35.79 -5.84 -21.42
CA ILE K 49 36.85 -4.87 -21.21
C ILE K 49 37.99 -5.21 -22.15
N ASP K 50 38.56 -4.19 -22.77
CA ASP K 50 39.51 -4.42 -23.85
C ASP K 50 38.75 -5.22 -24.90
N ARG K 51 39.38 -6.19 -25.56
CA ARG K 51 38.69 -7.14 -26.40
C ARG K 51 38.46 -8.47 -25.68
N ASN K 52 38.36 -8.40 -24.36
CA ASN K 52 38.22 -9.57 -23.50
C ASN K 52 36.81 -9.60 -22.92
N ALA K 53 36.18 -10.76 -23.01
CA ALA K 53 34.82 -10.96 -22.51
C ALA K 53 34.86 -11.91 -21.32
N ASN K 54 34.33 -11.46 -20.19
CA ASN K 54 34.40 -12.20 -18.94
C ASN K 54 32.99 -12.44 -18.42
N ILE K 55 32.74 -13.67 -18.00
CA ILE K 55 31.47 -14.07 -17.38
C ILE K 55 31.79 -14.74 -16.06
N VAL K 56 31.14 -14.30 -14.99
CA VAL K 56 31.28 -14.88 -13.66
C VAL K 56 29.93 -15.40 -13.23
N LEU K 57 29.85 -16.70 -12.98
CA LEU K 57 28.62 -17.37 -12.57
C LEU K 57 28.79 -17.90 -11.15
N THR K 58 27.77 -17.71 -10.33
CA THR K 58 27.75 -18.22 -8.96
C THR K 58 26.50 -19.06 -8.79
N GLY K 59 26.69 -20.33 -8.41
CA GLY K 59 25.54 -21.19 -8.16
C GLY K 59 25.91 -22.62 -7.83
N TYR K 60 25.01 -23.31 -7.12
CA TYR K 60 25.17 -24.71 -6.77
C TYR K 60 26.51 -24.96 -6.08
N GLY K 61 26.95 -23.99 -5.30
CA GLY K 61 28.19 -24.12 -4.56
C GLY K 61 29.45 -23.96 -5.36
N LEU K 62 29.37 -23.38 -6.56
CA LEU K 62 30.53 -23.16 -7.40
C LEU K 62 30.55 -21.72 -7.89
N GLU K 63 31.76 -21.24 -8.16
CA GLU K 63 31.98 -19.99 -8.89
C GLU K 63 32.81 -20.30 -10.13
N ILE K 64 32.31 -19.88 -11.28
CA ILE K 64 32.97 -20.12 -12.56
C ILE K 64 33.30 -18.77 -13.17
N ASN K 65 34.57 -18.55 -13.46
CA ASN K 65 35.06 -17.31 -14.05
C ASN K 65 35.68 -17.66 -15.39
N MET K 66 34.98 -17.35 -16.47
CA MET K 66 35.41 -17.69 -17.82
C MET K 66 35.71 -16.42 -18.59
N THR K 67 36.80 -16.45 -19.36
CA THR K 67 37.26 -15.29 -20.11
C THR K 67 37.67 -15.72 -21.51
N ILE K 68 37.12 -15.04 -22.51
CA ILE K 68 37.51 -15.19 -23.90
C ILE K 68 38.39 -14.00 -24.26
N MET K 69 39.58 -14.27 -24.77
CA MET K 69 40.61 -13.26 -24.99
C MET K 69 40.58 -12.78 -26.43
N ASP K 70 40.59 -11.46 -26.61
CA ASP K 70 40.74 -10.85 -27.93
C ASP K 70 39.65 -11.32 -28.88
N THR K 71 38.42 -10.96 -28.54
CA THR K 71 37.25 -11.37 -29.30
C THR K 71 36.34 -10.17 -29.52
N ASP K 72 35.49 -10.28 -30.56
CA ASP K 72 34.45 -9.31 -30.84
C ASP K 72 33.11 -9.72 -30.27
N GLN K 73 33.08 -10.68 -29.35
CA GLN K 73 31.87 -11.20 -28.76
C GLN K 73 31.69 -10.66 -27.34
N ARG K 74 30.43 -10.56 -26.94
CA ARG K 74 30.05 -10.13 -25.60
C ARG K 74 29.06 -11.14 -25.05
N PHE K 75 29.24 -11.53 -23.79
CA PHE K 75 28.31 -12.46 -23.16
C PHE K 75 26.97 -11.78 -22.94
N VAL K 76 25.89 -12.51 -23.23
CA VAL K 76 24.54 -11.97 -23.13
C VAL K 76 23.68 -12.79 -22.17
N ALA K 77 24.00 -14.05 -21.97
CA ALA K 77 23.16 -14.87 -21.08
C ALA K 77 23.88 -16.15 -20.71
N ALA K 78 23.35 -16.81 -19.67
CA ALA K 78 23.84 -18.11 -19.24
C ALA K 78 22.68 -18.88 -18.62
N ALA K 79 22.80 -20.20 -18.65
CA ALA K 79 21.80 -21.09 -18.07
C ALA K 79 22.51 -22.25 -17.39
N GLU K 80 21.88 -22.78 -16.33
CA GLU K 80 22.47 -23.86 -15.55
C GLU K 80 21.44 -24.95 -15.29
N GLY K 81 21.92 -26.18 -15.24
CA GLY K 81 21.06 -27.32 -14.95
C GLY K 81 21.84 -28.44 -14.31
N VAL K 82 21.12 -29.29 -13.58
CA VAL K 82 21.72 -30.38 -12.82
C VAL K 82 21.27 -31.70 -13.44
N GLY K 83 22.23 -32.55 -13.77
CA GLY K 83 21.97 -33.88 -14.27
C GLY K 83 22.30 -34.95 -13.24
N LYS K 84 22.29 -36.18 -13.71
CA LYS K 84 22.58 -37.32 -12.84
C LYS K 84 24.06 -37.38 -12.51
N ASP K 85 24.36 -38.07 -11.42
CA ASP K 85 25.73 -38.27 -10.93
C ASP K 85 26.39 -36.96 -10.50
N ASN K 86 25.59 -35.96 -10.11
CA ASN K 86 26.11 -34.69 -9.62
C ASN K 86 26.91 -33.97 -10.71
N LYS K 87 26.25 -33.78 -11.84
CA LYS K 87 26.83 -33.08 -12.98
C LYS K 87 26.14 -31.75 -13.17
N LEU K 88 26.91 -30.70 -13.38
CA LEU K 88 26.39 -29.36 -13.61
C LEU K 88 26.68 -28.97 -15.05
N SER K 89 25.63 -28.64 -15.80
CA SER K 89 25.74 -28.22 -17.18
C SER K 89 25.47 -26.73 -17.26
N VAL K 90 26.35 -26.01 -17.95
CA VAL K 90 26.27 -24.56 -18.08
C VAL K 90 26.29 -24.21 -19.56
N LEU K 91 25.25 -23.51 -20.01
CA LEU K 91 25.15 -23.02 -21.39
C LEU K 91 25.42 -21.53 -21.40
N LEU K 92 26.24 -21.09 -22.34
CA LEU K 92 26.68 -19.69 -22.42
C LEU K 92 26.26 -19.12 -23.78
N PHE K 93 25.70 -17.91 -23.75
CA PHE K 93 25.21 -17.25 -24.96
C PHE K 93 25.84 -15.87 -25.05
N THR K 94 26.42 -15.57 -26.22
CA THR K 94 27.08 -14.32 -26.50
C THR K 94 26.36 -13.61 -27.66
N THR K 95 26.97 -12.54 -28.15
CA THR K 95 26.51 -11.88 -29.36
C THR K 95 26.96 -12.69 -30.57
N GLN K 96 26.69 -12.17 -31.77
CA GLN K 96 27.00 -12.92 -32.97
C GLN K 96 28.51 -12.98 -33.20
N ARG K 97 28.95 -14.10 -33.79
CA ARG K 97 30.34 -14.33 -34.12
C ARG K 97 30.66 -13.55 -35.38
N LEU K 98 31.69 -12.70 -35.32
CA LEU K 98 32.03 -11.87 -36.48
C LEU K 98 33.12 -12.51 -37.32
N ASP K 99 34.19 -13.00 -36.69
CA ASP K 99 35.32 -13.60 -37.39
C ASP K 99 35.39 -15.09 -37.10
N LYS K 100 35.93 -15.83 -38.06
CA LYS K 100 36.09 -17.28 -37.93
C LYS K 100 37.51 -17.60 -37.45
N VAL K 101 37.76 -17.30 -36.18
CA VAL K 101 39.06 -17.52 -35.57
C VAL K 101 38.84 -18.08 -34.16
N HIS K 102 39.63 -19.09 -33.81
CA HIS K 102 39.56 -19.68 -32.49
C HIS K 102 40.23 -18.77 -31.47
N HIS K 103 39.55 -18.54 -30.35
CA HIS K 103 40.02 -17.67 -29.29
C HIS K 103 40.48 -18.49 -28.10
N ASN K 104 41.57 -18.06 -27.47
CA ASN K 104 42.03 -18.71 -26.26
C ASN K 104 41.06 -18.47 -25.12
N ILE K 105 40.92 -19.46 -24.24
CA ILE K 105 39.97 -19.39 -23.15
C ILE K 105 40.72 -19.48 -21.83
N SER K 106 40.12 -18.92 -20.78
CA SER K 106 40.62 -19.05 -19.43
C SER K 106 39.45 -19.34 -18.51
N VAL K 107 39.48 -20.50 -17.84
CA VAL K 107 38.42 -20.94 -16.96
C VAL K 107 38.99 -21.14 -15.57
N THR K 108 38.33 -20.54 -14.57
CA THR K 108 38.70 -20.68 -13.17
C THR K 108 37.46 -21.16 -12.41
N ILE K 109 37.53 -22.36 -11.86
CA ILE K 109 36.47 -22.93 -11.04
C ILE K 109 36.91 -22.87 -9.59
N THR K 110 36.03 -22.37 -8.72
CA THR K 110 36.33 -22.24 -7.30
C THR K 110 35.18 -22.84 -6.50
N CYS K 111 35.52 -23.71 -5.55
CA CYS K 111 34.51 -24.26 -4.66
C CYS K 111 34.16 -23.24 -3.58
N MET K 112 32.86 -23.10 -3.32
CA MET K 112 32.36 -22.09 -2.40
C MET K 112 31.48 -22.63 -1.29
N GLU K 113 31.07 -23.90 -1.33
CA GLU K 113 30.19 -24.46 -0.31
C GLU K 113 30.67 -25.78 0.25
N MET K 114 31.40 -26.59 -0.52
CA MET K 114 31.90 -27.87 -0.07
C MET K 114 33.29 -28.12 -0.62
N ASN K 115 34.17 -28.62 0.25
CA ASN K 115 35.51 -29.04 -0.12
C ASN K 115 36.33 -27.86 -0.65
N CYS K 116 36.31 -26.76 0.10
CA CYS K 116 37.08 -25.59 -0.28
C CYS K 116 38.56 -25.82 0.00
N GLY K 117 39.40 -25.03 -0.66
CA GLY K 117 40.83 -25.15 -0.50
C GLY K 117 41.56 -24.17 -1.39
N THR K 118 42.89 -24.27 -1.35
CA THR K 118 43.75 -23.43 -2.18
C THR K 118 43.80 -24.03 -3.58
N THR K 119 44.55 -23.38 -4.47
CA THR K 119 44.64 -23.83 -5.85
C THR K 119 45.09 -25.29 -5.90
N LYS K 120 44.21 -26.17 -6.37
CA LYS K 120 44.54 -27.58 -6.51
C LYS K 120 45.01 -27.95 -7.90
N TYR K 121 44.55 -27.23 -8.93
CA TYR K 121 44.99 -27.52 -10.29
C TYR K 121 45.20 -26.22 -11.06
N ASP K 122 46.22 -26.21 -11.90
CA ASP K 122 46.49 -25.04 -12.75
C ASP K 122 47.31 -25.53 -13.93
N SER K 123 46.69 -25.56 -15.12
CA SER K 123 47.36 -26.09 -16.29
C SER K 123 46.78 -25.44 -17.55
N ASP K 124 47.26 -25.90 -18.71
CA ASP K 124 46.79 -25.45 -20.00
C ASP K 124 46.34 -26.66 -20.82
N LEU K 125 45.10 -26.61 -21.29
CA LEU K 125 44.48 -27.69 -22.03
C LEU K 125 44.48 -27.37 -23.52
N PRO K 126 45.06 -28.22 -24.36
CA PRO K 126 44.98 -27.99 -25.80
C PRO K 126 43.56 -28.11 -26.31
N GLU K 127 43.31 -27.48 -27.45
CA GLU K 127 42.06 -27.65 -28.18
C GLU K 127 42.17 -28.93 -28.98
N SER K 128 41.39 -29.94 -28.59
CA SER K 128 41.62 -31.30 -29.07
C SER K 128 41.45 -31.41 -30.58
N ILE K 129 40.38 -30.80 -31.11
CA ILE K 129 40.00 -31.08 -32.50
C ILE K 129 41.03 -30.50 -33.46
N HIS K 130 41.45 -29.26 -33.26
CA HIS K 130 42.28 -28.55 -34.22
C HIS K 130 43.62 -28.08 -33.67
N HIS K 131 43.73 -27.87 -32.36
CA HIS K 131 44.99 -27.46 -31.74
C HIS K 131 45.42 -26.07 -32.19
N LYS K 132 44.48 -25.15 -32.37
CA LYS K 132 44.79 -23.77 -32.72
C LYS K 132 44.58 -22.79 -31.58
N SER K 133 44.27 -23.28 -30.38
CA SER K 133 44.08 -22.43 -29.22
C SER K 133 44.32 -23.27 -27.97
N SER K 134 43.99 -22.71 -26.82
CA SER K 134 44.19 -23.41 -25.55
C SER K 134 43.27 -22.82 -24.50
N CYS K 135 43.12 -23.57 -23.39
CA CYS K 135 42.30 -23.16 -22.27
C CYS K 135 43.14 -23.22 -20.99
N ASP K 136 43.36 -22.07 -20.37
CA ASP K 136 44.05 -22.00 -19.10
C ASP K 136 43.06 -22.34 -18.00
N ILE K 137 43.23 -23.51 -17.39
CA ILE K 137 42.28 -24.06 -16.43
C ILE K 137 42.88 -23.95 -15.03
N THR K 138 42.09 -23.47 -14.08
CA THR K 138 42.49 -23.34 -12.69
C THR K 138 41.36 -23.78 -11.78
N ILE K 139 41.61 -24.79 -10.94
CA ILE K 139 40.64 -25.30 -9.99
C ILE K 139 41.14 -25.03 -8.58
N ASN K 140 40.32 -24.31 -7.80
CA ASN K 140 40.57 -24.01 -6.39
C ASN K 140 39.59 -24.80 -5.54
N GLY K 141 40.07 -25.89 -4.96
CA GLY K 141 39.29 -26.80 -4.16
C GLY K 141 39.58 -28.23 -4.53
N SER K 142 38.89 -29.14 -3.83
CA SER K 142 38.98 -30.58 -4.09
C SER K 142 37.62 -31.17 -4.42
N CYS K 143 36.80 -30.44 -5.17
CA CYS K 143 35.42 -30.82 -5.43
C CYS K 143 35.21 -31.26 -6.88
N VAL K 144 35.96 -30.67 -7.80
CA VAL K 144 35.79 -30.97 -9.21
C VAL K 144 36.49 -32.29 -9.54
N THR K 145 35.75 -33.20 -10.16
CA THR K 145 36.28 -34.47 -10.63
C THR K 145 36.55 -34.48 -12.13
N CYS K 146 35.69 -33.86 -12.94
CA CYS K 146 35.91 -33.72 -14.37
C CYS K 146 35.40 -32.37 -14.84
N VAL K 147 36.02 -31.85 -15.89
CA VAL K 147 35.60 -30.64 -16.57
C VAL K 147 35.69 -30.87 -18.07
N ASN K 148 34.66 -30.43 -18.79
CA ASN K 148 34.62 -30.52 -20.24
C ASN K 148 33.99 -29.25 -20.78
N LEU K 149 34.65 -28.63 -21.75
CA LEU K 149 34.18 -27.39 -22.38
C LEU K 149 34.07 -27.60 -23.87
N GLU K 150 32.93 -27.22 -24.44
CA GLU K 150 32.69 -27.31 -25.89
C GLU K 150 32.38 -25.91 -26.39
N THR K 151 33.29 -25.37 -27.20
CA THR K 151 33.14 -24.05 -27.79
C THR K 151 32.59 -24.18 -29.21
N ASP K 152 31.56 -23.39 -29.51
CA ASP K 152 30.88 -23.46 -30.80
C ASP K 152 30.36 -24.86 -31.05
N PRO K 153 29.55 -25.41 -30.14
CA PRO K 153 29.03 -26.77 -30.35
C PRO K 153 28.07 -26.82 -31.53
N THR K 154 28.21 -27.88 -32.34
CA THR K 154 27.27 -28.12 -33.43
C THR K 154 26.20 -29.13 -33.02
N LYS K 155 26.63 -30.27 -32.49
CA LYS K 155 25.69 -31.34 -32.15
C LYS K 155 24.71 -30.89 -31.08
N ILE K 156 25.19 -30.17 -30.06
CA ILE K 156 24.31 -29.76 -28.98
C ILE K 156 23.19 -28.91 -29.53
N ASN K 157 21.99 -29.08 -28.97
CA ASN K 157 20.83 -28.33 -29.41
C ASN K 157 20.46 -27.32 -28.34
N PRO K 158 20.78 -26.04 -28.50
CA PRO K 158 20.53 -25.06 -27.44
C PRO K 158 19.10 -24.53 -27.37
N HIS K 159 18.15 -25.18 -28.03
CA HIS K 159 16.78 -24.69 -27.95
C HIS K 159 16.09 -25.15 -26.68
N TYR K 160 16.29 -26.41 -26.29
CA TYR K 160 15.71 -26.98 -25.07
C TYR K 160 14.37 -26.31 -24.79
N LEU K 161 14.20 -25.70 -23.63
CA LEU K 161 13.14 -24.71 -23.42
C LEU K 161 13.66 -23.34 -23.83
N HIS K 162 13.75 -23.15 -25.15
CA HIS K 162 14.22 -21.90 -25.70
C HIS K 162 13.35 -20.74 -25.22
N PRO K 163 13.92 -19.68 -24.66
CA PRO K 163 13.07 -18.59 -24.17
C PRO K 163 12.20 -18.02 -25.27
N LYS K 164 10.95 -17.71 -24.91
CA LYS K 164 9.95 -17.39 -25.92
C LYS K 164 10.24 -16.05 -26.58
N ASP K 165 10.86 -15.12 -25.87
CA ASP K 165 11.04 -13.77 -26.37
C ASP K 165 12.36 -13.56 -27.09
N LYS K 166 13.14 -14.62 -27.32
CA LYS K 166 14.49 -14.48 -27.86
C LYS K 166 14.62 -15.17 -29.20
N TYR K 167 15.70 -14.84 -29.90
CA TYR K 167 16.13 -15.53 -31.11
C TYR K 167 17.45 -16.23 -30.81
N LEU K 168 17.57 -17.48 -31.23
CA LEU K 168 18.74 -18.30 -30.94
C LEU K 168 19.44 -18.69 -32.24
N TYR K 169 20.77 -18.68 -32.19
CA TYR K 169 21.59 -19.09 -33.32
C TYR K 169 22.71 -19.99 -32.83
N ARG K 170 23.11 -20.94 -33.68
CA ARG K 170 24.12 -21.91 -33.32
C ARG K 170 25.04 -22.16 -34.51
N ASN K 171 26.21 -22.69 -34.22
CA ASN K 171 27.19 -22.99 -35.26
C ASN K 171 26.81 -24.27 -35.99
N SER K 172 27.07 -24.28 -37.31
CA SER K 172 26.75 -25.42 -38.16
C SER K 172 27.99 -25.97 -38.85
N GLU K 173 29.18 -25.47 -38.50
CA GLU K 173 30.43 -25.88 -39.13
C GLU K 173 31.27 -26.69 -38.17
N TYR K 174 31.82 -27.81 -38.65
CA TYR K 174 32.70 -28.62 -37.84
C TYR K 174 34.05 -27.95 -37.63
N GLY K 175 34.44 -27.04 -38.53
CA GLY K 175 35.76 -26.42 -38.43
C GLY K 175 35.88 -25.45 -37.28
N MET K 176 34.75 -24.89 -36.81
CA MET K 176 34.78 -23.95 -35.70
C MET K 176 34.56 -24.62 -34.35
N ARG K 177 34.33 -25.93 -34.31
CA ARG K 177 34.14 -26.62 -33.05
C ARG K 177 35.44 -26.62 -32.24
N GLY K 178 35.30 -26.66 -30.93
CA GLY K 178 36.45 -26.78 -30.04
C GLY K 178 36.12 -27.58 -28.81
N SER K 179 37.02 -28.44 -28.37
CA SER K 179 36.76 -29.30 -27.22
C SER K 179 37.96 -29.30 -26.30
N TYR K 180 37.71 -29.10 -25.00
CA TYR K 180 38.73 -29.20 -23.97
C TYR K 180 38.18 -30.04 -22.84
N GLY K 181 39.07 -30.71 -22.11
CA GLY K 181 38.62 -31.52 -21.00
C GLY K 181 39.73 -32.14 -20.16
N VAL K 182 39.45 -32.29 -18.86
CA VAL K 182 40.36 -32.96 -17.94
C VAL K 182 39.54 -33.71 -16.91
N THR K 183 39.96 -34.93 -16.58
CA THR K 183 39.32 -35.76 -15.58
C THR K 183 40.32 -36.07 -14.48
N PHE K 184 39.89 -35.89 -13.23
CA PHE K 184 40.74 -36.14 -12.06
C PHE K 184 40.44 -37.48 -11.41
N MET K 185 39.69 -38.35 -12.09
CA MET K 185 39.33 -39.66 -11.57
C MET K 185 39.86 -40.73 -12.51
N ASP K 186 40.27 -41.87 -11.92
CA ASP K 186 40.91 -42.92 -12.70
C ASP K 186 40.04 -43.42 -13.84
N GLU K 187 38.72 -43.35 -13.71
CA GLU K 187 37.83 -43.77 -14.78
C GLU K 187 37.89 -42.77 -15.93
N LEU K 188 37.35 -43.19 -17.08
CA LEU K 188 37.32 -42.30 -18.23
C LEU K 188 36.55 -41.03 -17.90
N ASN K 189 36.61 -40.06 -18.83
CA ASN K 189 36.11 -38.72 -18.55
C ASN K 189 34.68 -38.74 -18.03
N GLN K 190 33.79 -39.42 -18.75
CA GLN K 190 32.38 -39.58 -18.37
C GLN K 190 31.80 -38.30 -17.78
N CYS K 191 32.22 -37.15 -18.31
CA CYS K 191 31.60 -35.88 -17.96
C CYS K 191 30.43 -35.54 -18.85
N PHE K 192 30.10 -36.42 -19.80
CA PHE K 192 28.99 -36.19 -20.71
C PHE K 192 27.66 -36.30 -19.98
N LEU K 193 26.70 -35.46 -20.38
CA LEU K 193 25.33 -35.58 -19.90
C LEU K 193 24.42 -35.04 -20.99
N ASP K 194 23.44 -35.85 -21.40
CA ASP K 194 22.55 -35.45 -22.48
C ASP K 194 21.81 -34.18 -22.11
N ILE K 195 21.71 -33.27 -23.09
CA ILE K 195 21.08 -31.98 -22.84
C ILE K 195 19.58 -32.17 -22.58
N LYS K 196 18.96 -33.12 -23.26
CA LYS K 196 17.51 -33.30 -23.14
C LYS K 196 17.13 -33.94 -21.80
N GLU K 197 18.09 -34.52 -21.09
CA GLU K 197 17.82 -35.12 -19.79
C GLU K 197 18.05 -34.15 -18.64
N VAL K 198 18.46 -32.93 -18.91
CA VAL K 198 18.68 -31.91 -17.89
C VAL K 198 17.60 -30.87 -17.99
N SER K 199 17.30 -30.21 -16.87
CA SER K 199 16.38 -29.09 -16.83
C SER K 199 17.16 -27.83 -16.52
N TYR K 200 17.04 -26.82 -17.37
CA TYR K 200 17.85 -25.62 -17.30
C TYR K 200 17.04 -24.46 -16.75
N ASP K 201 17.73 -23.56 -16.07
CA ASP K 201 17.16 -22.30 -15.62
C ASP K 201 18.14 -21.18 -15.96
N ILE K 202 17.60 -20.02 -16.31
CA ILE K 202 18.41 -18.88 -16.74
C ILE K 202 19.03 -18.21 -15.52
N CYS K 203 20.31 -17.90 -15.61
CA CYS K 203 20.99 -17.14 -14.58
C CYS K 203 20.52 -15.69 -14.60
N TYR K 204 20.57 -15.04 -13.44
CA TYR K 204 20.04 -13.69 -13.26
C TYR K 204 21.17 -12.68 -13.22
N ARG K 205 21.07 -11.66 -14.08
CA ARG K 205 22.08 -10.61 -14.10
C ARG K 205 21.94 -9.72 -12.88
N GLU K 206 23.07 -9.37 -12.27
CA GLU K 206 23.08 -8.54 -11.08
C GLU K 206 24.40 -7.79 -10.95
N VAL L 1 39.83 -37.39 -42.92
CA VAL L 1 38.73 -37.84 -43.81
C VAL L 1 37.49 -38.14 -42.97
N ILE L 2 36.63 -37.14 -42.81
CA ILE L 2 35.45 -37.30 -41.97
C ILE L 2 34.54 -38.40 -42.51
N HIS L 3 34.31 -38.39 -43.83
CA HIS L 3 33.34 -39.28 -44.46
C HIS L 3 34.09 -40.37 -45.22
N VAL L 4 33.75 -41.62 -44.92
CA VAL L 4 34.29 -42.78 -45.62
C VAL L 4 33.16 -43.75 -45.89
N THR L 5 33.04 -44.19 -47.15
CA THR L 5 32.00 -45.12 -47.57
C THR L 5 32.65 -46.31 -48.25
N LYS L 6 32.37 -47.51 -47.73
CA LYS L 6 32.92 -48.75 -48.25
C LYS L 6 31.79 -49.71 -48.58
N GLU L 7 31.95 -50.44 -49.68
CA GLU L 7 30.97 -51.44 -50.07
C GLU L 7 30.92 -52.56 -49.04
N VAL L 8 29.75 -53.19 -48.91
CA VAL L 8 29.54 -54.18 -47.87
C VAL L 8 30.55 -55.32 -48.04
N LYS L 9 30.86 -55.98 -46.92
CA LYS L 9 31.75 -57.14 -46.84
C LYS L 9 33.22 -56.76 -46.99
N GLU L 10 33.53 -55.51 -47.27
CA GLU L 10 34.92 -55.10 -47.47
C GLU L 10 35.56 -54.77 -46.12
N VAL L 11 36.76 -54.21 -46.17
CA VAL L 11 37.54 -53.86 -44.98
C VAL L 11 37.41 -52.36 -44.75
N ALA L 12 36.98 -51.98 -43.54
CA ALA L 12 36.80 -50.58 -43.18
C ALA L 12 37.96 -50.14 -42.31
N THR L 13 38.74 -49.18 -42.80
CA THR L 13 39.89 -48.64 -42.06
C THR L 13 39.51 -47.26 -41.55
N LEU L 14 39.17 -47.18 -40.27
CA LEU L 14 38.83 -45.91 -39.64
C LEU L 14 40.06 -45.38 -38.91
N SER L 15 40.47 -44.17 -39.27
CA SER L 15 41.71 -43.59 -38.76
C SER L 15 41.40 -42.58 -37.67
N CYS L 16 42.18 -42.64 -36.58
CA CYS L 16 42.06 -41.66 -35.52
C CYS L 16 42.66 -40.32 -35.90
N GLY L 17 43.60 -40.29 -36.85
CA GLY L 17 44.22 -39.06 -37.28
C GLY L 17 45.34 -38.57 -36.41
N HIS L 18 45.74 -39.34 -35.40
CA HIS L 18 46.82 -38.95 -34.49
C HIS L 18 47.77 -40.12 -34.31
N ASN L 19 49.04 -39.80 -34.05
CA ASN L 19 50.08 -40.80 -33.87
C ASN L 19 50.68 -40.64 -32.48
N VAL L 20 50.72 -41.72 -31.72
CA VAL L 20 51.28 -41.74 -30.37
C VAL L 20 52.48 -42.67 -30.38
N SER L 21 53.64 -42.17 -29.96
CA SER L 21 54.84 -42.98 -29.92
C SER L 21 54.67 -44.15 -28.95
N VAL L 22 55.26 -45.29 -29.31
CA VAL L 22 55.15 -46.48 -28.48
C VAL L 22 55.73 -46.22 -27.09
N GLU L 23 56.73 -45.35 -26.99
CA GLU L 23 57.33 -45.05 -25.69
C GLU L 23 56.32 -44.39 -24.76
N GLU L 24 55.48 -43.50 -25.29
CA GLU L 24 54.56 -42.73 -24.47
C GLU L 24 53.24 -43.46 -24.19
N LEU L 25 53.02 -44.63 -24.82
CA LEU L 25 51.76 -45.33 -24.62
C LEU L 25 51.54 -45.71 -23.16
N ALA L 26 52.60 -45.75 -22.35
CA ALA L 26 52.42 -46.03 -20.93
C ALA L 26 51.55 -44.98 -20.26
N GLN L 27 51.69 -43.72 -20.66
CA GLN L 27 50.95 -42.62 -20.07
C GLN L 27 49.77 -42.16 -20.92
N THR L 28 49.27 -43.02 -21.81
CA THR L 28 48.23 -42.66 -22.75
C THR L 28 47.07 -43.63 -22.68
N ARG L 29 45.85 -43.11 -22.75
CA ARG L 29 44.63 -43.90 -22.82
C ARG L 29 43.90 -43.54 -24.11
N ILE L 30 43.57 -44.56 -24.90
CA ILE L 30 42.95 -44.37 -26.20
C ILE L 30 41.58 -45.04 -26.20
N TYR L 31 40.55 -44.29 -26.60
CA TYR L 31 39.19 -44.81 -26.67
C TYR L 31 38.63 -44.58 -28.06
N TRP L 32 38.04 -45.62 -28.64
CA TRP L 32 37.23 -45.52 -29.85
C TRP L 32 35.80 -45.83 -29.46
N GLN L 33 34.87 -44.92 -29.78
CA GLN L 33 33.48 -45.11 -29.43
C GLN L 33 32.58 -44.68 -30.58
N LYS L 34 31.33 -45.14 -30.52
CA LYS L 34 30.35 -44.93 -31.59
C LYS L 34 29.03 -44.51 -30.96
N GLU L 35 28.78 -43.21 -30.93
CA GLU L 35 27.53 -42.65 -30.42
C GLU L 35 27.26 -43.14 -29.00
N LYS L 36 28.18 -42.79 -28.10
CA LYS L 36 28.11 -43.08 -26.67
C LYS L 36 28.16 -44.57 -26.37
N LYS L 37 28.53 -45.41 -27.33
CA LYS L 37 28.71 -46.84 -27.11
C LYS L 37 30.17 -47.19 -27.33
N MET L 38 30.80 -47.77 -26.32
CA MET L 38 32.22 -48.07 -26.40
C MET L 38 32.49 -49.12 -27.48
N VAL L 39 33.58 -48.91 -28.22
CA VAL L 39 34.01 -49.83 -29.26
C VAL L 39 35.36 -50.44 -28.94
N LEU L 40 36.28 -49.67 -28.38
CA LEU L 40 37.60 -50.17 -28.05
C LEU L 40 38.27 -49.26 -27.03
N THR L 41 39.04 -49.87 -26.13
CA THR L 41 39.81 -49.15 -25.13
C THR L 41 41.22 -49.72 -25.08
N MET L 42 42.18 -48.85 -24.79
CA MET L 42 43.60 -49.23 -24.73
C MET L 42 44.24 -48.66 -23.47
N MET L 43 43.61 -48.92 -22.32
CA MET L 43 44.03 -48.26 -21.09
C MET L 43 45.42 -48.70 -20.63
N SER L 44 46.41 -47.83 -20.81
CA SER L 44 47.76 -48.05 -20.29
C SER L 44 48.32 -49.39 -20.78
N GLY L 45 48.10 -49.69 -22.05
CA GLY L 45 48.58 -50.91 -22.64
C GLY L 45 47.66 -52.10 -22.51
N ASP L 46 46.66 -52.02 -21.64
CA ASP L 46 45.67 -53.07 -21.47
C ASP L 46 44.53 -52.82 -22.46
N MET L 47 44.41 -53.72 -23.44
CA MET L 47 43.43 -53.58 -24.50
C MET L 47 42.10 -54.21 -24.09
N ASN L 48 41.03 -53.73 -24.70
CA ASN L 48 39.70 -54.22 -24.36
C ASN L 48 38.75 -53.90 -25.50
N ILE L 49 38.10 -54.94 -26.04
CA ILE L 49 37.15 -54.80 -27.13
C ILE L 49 35.83 -55.41 -26.70
N TRP L 50 34.75 -54.69 -26.95
CA TRP L 50 33.44 -55.13 -26.51
C TRP L 50 32.94 -56.29 -27.37
N PRO L 51 31.96 -57.06 -26.86
CA PRO L 51 31.53 -58.27 -27.58
C PRO L 51 31.06 -58.01 -29.00
N GLU L 52 30.37 -56.88 -29.24
CA GLU L 52 29.80 -56.65 -30.57
C GLU L 52 30.87 -56.46 -31.62
N TYR L 53 32.10 -56.14 -31.19
CA TYR L 53 33.20 -55.87 -32.10
C TYR L 53 34.45 -56.70 -31.79
N LYS L 54 34.33 -57.69 -30.89
CA LYS L 54 35.54 -58.39 -30.43
C LYS L 54 36.15 -59.24 -31.54
N ASN L 55 35.34 -59.72 -32.48
CA ASN L 55 35.84 -60.66 -33.47
C ASN L 55 36.41 -59.95 -34.70
N ARG L 56 35.92 -58.75 -35.00
CA ARG L 56 36.20 -58.08 -36.26
C ARG L 56 36.74 -56.67 -36.06
N THR L 57 37.76 -56.52 -35.21
CA THR L 57 38.34 -55.22 -34.91
C THR L 57 39.82 -55.39 -34.58
N ILE L 58 40.69 -55.02 -35.51
CA ILE L 58 42.13 -55.04 -35.32
C ILE L 58 42.60 -53.61 -35.09
N PHE L 59 43.30 -53.39 -33.98
CA PHE L 59 43.75 -52.06 -33.57
C PHE L 59 45.21 -51.89 -33.99
N ASP L 60 45.44 -51.06 -35.00
CA ASP L 60 46.80 -50.76 -35.47
C ASP L 60 47.26 -49.50 -34.75
N ILE L 61 48.19 -49.68 -33.81
CA ILE L 61 48.70 -48.54 -33.04
C ILE L 61 49.59 -47.67 -33.92
N THR L 62 50.48 -48.28 -34.70
CA THR L 62 51.47 -47.50 -35.44
C THR L 62 50.82 -46.67 -36.54
N ASN L 63 49.77 -47.19 -37.17
CA ASN L 63 49.13 -46.51 -38.29
C ASN L 63 48.06 -45.55 -37.77
N ASN L 64 48.53 -44.52 -37.07
CA ASN L 64 47.67 -43.43 -36.60
C ASN L 64 46.51 -43.95 -35.77
N LEU L 65 46.80 -44.94 -34.91
CA LEU L 65 45.80 -45.48 -33.99
C LEU L 65 44.53 -45.86 -34.74
N SER L 66 44.69 -46.53 -35.86
CA SER L 66 43.57 -46.87 -36.72
C SER L 66 42.93 -48.18 -36.28
N ILE L 67 41.70 -48.39 -36.75
CA ILE L 67 40.99 -49.64 -36.50
C ILE L 67 40.56 -50.21 -37.84
N VAL L 68 40.84 -51.50 -38.03
CA VAL L 68 40.48 -52.24 -39.23
C VAL L 68 39.35 -53.17 -38.87
N ILE L 69 38.20 -52.99 -39.53
CA ILE L 69 37.02 -53.82 -39.31
C ILE L 69 36.83 -54.69 -40.54
N LEU L 70 36.89 -56.00 -40.34
CA LEU L 70 36.70 -56.96 -41.42
C LEU L 70 35.25 -57.41 -41.46
N ALA L 71 34.74 -57.67 -42.66
CA ALA L 71 33.35 -58.06 -42.86
C ALA L 71 32.41 -56.97 -42.35
N LEU L 72 32.50 -55.80 -43.00
CA LEU L 72 31.62 -54.70 -42.67
C LEU L 72 30.16 -55.11 -42.82
N ARG L 73 29.32 -54.63 -41.93
CA ARG L 73 27.93 -55.04 -41.83
C ARG L 73 27.02 -53.83 -41.93
N PRO L 74 25.79 -54.02 -42.39
CA PRO L 74 24.88 -52.87 -42.56
C PRO L 74 24.55 -52.17 -41.27
N SER L 75 24.74 -52.81 -40.12
CA SER L 75 24.48 -52.18 -38.83
C SER L 75 25.67 -51.36 -38.33
N ASP L 76 26.78 -51.33 -39.07
CA ASP L 76 27.96 -50.61 -38.62
C ASP L 76 27.94 -49.13 -39.02
N GLU L 77 26.97 -48.70 -39.81
CA GLU L 77 26.88 -47.30 -40.20
C GLU L 77 26.67 -46.43 -38.97
N GLY L 78 27.43 -45.34 -38.90
CA GLY L 78 27.32 -44.43 -37.78
C GLY L 78 28.52 -43.50 -37.74
N THR L 79 28.64 -42.81 -36.60
CA THR L 79 29.73 -41.87 -36.37
C THR L 79 30.66 -42.43 -35.30
N TYR L 80 31.95 -42.46 -35.60
CA TYR L 80 32.98 -42.92 -34.68
C TYR L 80 33.83 -41.75 -34.22
N GLU L 81 34.17 -41.75 -32.94
CA GLU L 81 35.05 -40.74 -32.37
C GLU L 81 36.18 -41.41 -31.61
N CYS L 82 37.39 -40.89 -31.81
CA CYS L 82 38.60 -41.38 -31.17
C CYS L 82 39.11 -40.29 -30.23
N VAL L 83 39.32 -40.65 -28.96
CA VAL L 83 39.77 -39.70 -27.95
C VAL L 83 41.01 -40.25 -27.27
N VAL L 84 42.04 -39.42 -27.15
CA VAL L 84 43.33 -39.78 -26.57
C VAL L 84 43.57 -38.89 -25.36
N LEU L 85 43.93 -39.51 -24.24
CA LEU L 85 44.20 -38.81 -22.99
C LEU L 85 45.64 -39.06 -22.58
N LYS L 86 46.37 -37.98 -22.31
CA LYS L 86 47.73 -38.04 -21.82
C LYS L 86 47.72 -37.78 -20.32
N TYR L 87 48.47 -38.58 -19.57
CA TYR L 87 48.45 -38.53 -18.10
C TYR L 87 49.43 -37.45 -17.62
N GLU L 88 48.96 -36.20 -17.68
CA GLU L 88 49.69 -35.12 -17.05
C GLU L 88 49.81 -35.39 -15.56
N LYS L 89 50.72 -34.67 -14.91
CA LYS L 89 50.95 -34.89 -13.49
C LYS L 89 49.66 -34.73 -12.70
N ASP L 90 49.16 -35.84 -12.15
CA ASP L 90 48.01 -35.93 -11.26
C ASP L 90 46.68 -35.85 -11.99
N ALA L 91 46.67 -35.69 -13.32
CA ALA L 91 45.40 -35.55 -14.03
C ALA L 91 45.51 -36.20 -15.40
N PHE L 92 44.34 -36.48 -15.99
CA PHE L 92 44.23 -37.02 -17.33
C PHE L 92 43.70 -35.92 -18.25
N LYS L 93 44.50 -35.55 -19.25
CA LYS L 93 44.20 -34.43 -20.12
C LYS L 93 43.97 -34.91 -21.54
N ARG L 94 42.84 -34.53 -22.12
CA ARG L 94 42.53 -34.93 -23.49
C ARG L 94 43.42 -34.17 -24.47
N GLU L 95 44.26 -34.91 -25.19
CA GLU L 95 45.22 -34.30 -26.11
C GLU L 95 44.79 -34.38 -27.56
N HIS L 96 43.74 -35.15 -27.88
CA HIS L 96 43.25 -35.20 -29.26
C HIS L 96 41.86 -35.83 -29.35
N LEU L 97 40.97 -35.19 -30.09
CA LEU L 97 39.63 -35.71 -30.35
C LEU L 97 39.40 -35.69 -31.86
N ALA L 98 38.97 -36.83 -32.39
CA ALA L 98 38.73 -36.99 -33.81
C ALA L 98 37.35 -37.58 -34.03
N GLU L 99 36.79 -37.31 -35.21
CA GLU L 99 35.46 -37.77 -35.57
C GLU L 99 35.46 -38.24 -37.02
N VAL L 100 35.09 -39.49 -37.24
CA VAL L 100 35.05 -40.10 -38.56
C VAL L 100 33.73 -40.84 -38.73
N THR L 101 33.09 -40.62 -39.86
CA THR L 101 31.78 -41.19 -40.15
C THR L 101 31.90 -42.27 -41.21
N LEU L 102 31.21 -43.39 -41.01
CA LEU L 102 31.25 -44.53 -41.91
C LEU L 102 29.87 -44.75 -42.51
N SER L 103 29.82 -44.88 -43.84
CA SER L 103 28.58 -45.12 -44.56
C SER L 103 28.65 -46.46 -45.27
N VAL L 104 27.51 -47.14 -45.36
CA VAL L 104 27.41 -48.47 -45.95
C VAL L 104 26.46 -48.40 -47.13
N LYS L 105 26.90 -48.92 -48.27
CA LYS L 105 26.09 -48.96 -49.48
C LYS L 105 25.53 -50.37 -49.66
N ALA L 106 24.21 -50.50 -49.60
CA ALA L 106 23.56 -51.79 -49.74
C ALA L 106 22.14 -51.63 -50.29
C1 NAG M . 43.11 -28.98 25.89
C2 NAG M . 44.24 -29.24 26.88
C3 NAG M . 45.58 -28.85 26.27
C4 NAG M . 45.77 -29.56 24.93
C5 NAG M . 44.57 -29.29 24.02
C6 NAG M . 44.63 -30.07 22.73
C7 NAG M . 42.92 -28.66 28.87
C8 NAG M . 42.85 -27.84 30.12
N2 NAG M . 44.01 -28.51 28.12
O3 NAG M . 46.63 -29.22 27.16
O4 NAG M . 46.95 -29.09 24.30
O5 NAG M . 43.36 -29.69 24.68
O6 NAG M . 43.44 -30.82 22.51
O7 NAG M . 42.02 -29.45 28.56
H2 NAG M . 44.25 -30.19 27.07
H3 NAG M . 45.60 -27.90 26.12
H4 NAG M . 45.85 -30.52 25.08
H5 NAG M . 44.53 -28.34 23.81
H61 NAG M . 45.40 -30.68 22.75
H62 NAG M . 44.75 -29.44 21.98
H81 NAG M . 42.02 -28.03 30.59
H82 NAG M . 42.88 -26.89 29.88
H83 NAG M . 43.61 -28.04 30.69
HN2 NAG M . 44.64 -27.92 28.39
HO3 NAG M . 47.34 -28.72 26.99
HO4 NAG M . 47.34 -29.76 23.85
HO6 NAG M . 43.03 -30.94 23.29
C1 NAG N . 30.25 -15.15 25.85
C2 NAG N . 30.35 -13.81 25.14
C3 NAG N . 31.47 -13.83 24.12
C4 NAG N . 32.77 -14.29 24.77
C5 NAG N . 32.55 -15.61 25.49
C6 NAG N . 33.77 -16.07 26.26
C7 NAG N . 27.92 -13.43 25.17
C8 NAG N . 26.72 -13.06 24.35
N2 NAG N . 29.08 -13.47 24.50
O3 NAG N . 31.63 -12.53 23.56
O4 NAG N . 33.78 -14.46 23.77
O5 NAG N . 31.49 -15.47 26.45
O6 NAG N . 33.45 -17.16 27.12
O7 NAG N . 27.84 -13.69 26.36
H2 NAG N . 30.56 -13.12 25.80
H3 NAG N . 31.24 -14.46 23.40
H4 NAG N . 33.07 -13.62 25.40
H5 NAG N . 32.31 -16.30 24.84
H61 NAG N . 34.10 -15.33 26.80
H62 NAG N . 34.47 -16.35 25.63
H81 NAG N . 25.92 -13.11 24.91
H82 NAG N . 26.63 -13.67 23.60
H83 NAG N . 26.82 -12.15 24.02
HN2 NAG N . 29.09 -13.26 23.62
HO3 NAG N . 32.39 -12.17 23.87
HO4 NAG N . 34.50 -13.98 23.99
HO6 NAG N . 32.60 -17.37 27.03
C1 NAG O . 17.89 -34.39 -1.41
C2 NAG O . 17.84 -33.55 -0.14
C3 NAG O . 18.85 -34.08 0.88
C4 NAG O . 18.63 -35.58 1.10
C5 NAG O . 18.64 -36.32 -0.23
C6 NAG O . 18.31 -37.79 -0.09
C7 NAG O . 17.32 -31.41 -1.21
C8 NAG O . 17.74 -29.98 -1.40
N2 NAG O . 18.11 -32.16 -0.43
O3 NAG O . 18.70 -33.38 2.11
O4 NAG O . 19.67 -36.10 1.94
O5 NAG O . 17.65 -35.75 -1.10
O6 NAG O . 17.57 -38.26 -1.21
O7 NAG O . 16.33 -31.88 -1.76
H2 NAG O . 16.95 -33.63 0.25
H3 NAG O . 19.76 -33.94 0.54
H4 NAG O . 17.78 -35.71 1.54
H5 NAG O . 19.52 -36.23 -0.64
H61 NAG O . 17.78 -37.92 0.72
H62 NAG O . 19.13 -38.30 -0.02
H81 NAG O . 17.03 -29.49 -1.86
H82 NAG O . 18.54 -29.95 -1.96
H83 NAG O . 17.92 -29.58 -0.53
HN2 NAG O . 18.84 -31.75 -0.05
HO3 NAG O . 19.19 -33.77 2.73
HO4 NAG O . 19.43 -36.90 2.23
HO6 NAG O . 16.90 -37.70 -1.39
C1 NAG P . 0.46 -24.17 30.37
C2 NAG P . 0.12 -22.71 30.64
C3 NAG P . 0.30 -22.37 32.11
C4 NAG P . -0.46 -23.36 32.97
C5 NAG P . -0.09 -24.79 32.61
C6 NAG P . -0.89 -25.83 33.35
C7 NAG P . 0.96 -21.91 28.47
C8 NAG P . 1.85 -20.93 27.77
N2 NAG P . 0.92 -21.83 29.80
O3 NAG P . -0.16 -21.04 32.35
O4 NAG P . -0.14 -23.14 34.35
O5 NAG P . -0.32 -25.01 31.21
O6 NAG P . -1.33 -26.87 32.48
O7 NAG P . 0.31 -22.74 27.85
H2 NAG P . -0.82 -22.57 30.40
H3 NAG P . 1.25 -22.42 32.33
H4 NAG P . -1.42 -23.24 32.84
H5 NAG P . 0.86 -24.93 32.80
H61 NAG P . -1.67 -25.40 33.75
H62 NAG P . -0.34 -26.21 34.06
H81 NAG P . 1.59 -20.87 26.84
H82 NAG P . 2.77 -21.22 27.84
H83 NAG P . 1.75 -20.05 28.19
HN2 NAG P . 1.43 -21.19 30.21
HO3 NAG P . -0.17 -20.90 33.22
HO4 NAG P . -0.89 -23.23 34.84
HO6 NAG P . -1.54 -26.52 31.69
C1 NAG Q . 8.45 0.68 57.49
C2 NAG Q . 8.76 1.30 58.87
C3 NAG Q . 10.27 1.30 59.11
C4 NAG Q . 10.84 -0.10 58.91
C5 NAG Q . 10.44 -0.65 57.55
C6 NAG Q . 10.87 -2.08 57.34
C7 NAG Q . 6.92 2.92 58.85
C8 NAG Q . 6.54 4.36 58.99
N2 NAG Q . 8.23 2.64 58.97
O3 NAG Q . 10.53 1.74 60.43
O4 NAG Q . 12.27 -0.06 59.00
O5 NAG Q . 9.01 -0.62 57.42
O6 NAG Q . 9.80 -2.87 56.82
O7 NAG Q . 6.09 2.04 58.63
H2 NAG Q . 8.35 0.74 59.54
H3 NAG Q . 10.70 1.91 58.47
H4 NAG Q . 10.50 -0.69 59.61
H5 NAG Q . 10.84 -0.09 56.85
H61 NAG Q . 11.16 -2.46 58.19
H62 NAG Q . 11.62 -2.10 56.71
H81 NAG Q . 5.58 4.45 58.88
H82 NAG Q . 6.99 4.88 58.30
H83 NAG Q . 6.80 4.68 59.87
HN2 NAG Q . 8.80 3.33 59.13
HO3 NAG Q . 11.41 1.79 60.57
HO4 NAG Q . 12.56 -0.82 59.35
HO6 NAG Q . 9.03 -2.58 57.16
C1 NAG R . 4.35 9.32 41.25
C2 NAG R . 5.19 9.98 40.17
C3 NAG R . 6.62 9.46 40.22
C4 NAG R . 7.18 9.61 41.62
C5 NAG R . 6.25 8.97 42.65
C6 NAG R . 6.69 9.19 44.07
C7 NAG R . 3.39 10.17 38.51
C8 NAG R . 2.95 9.85 37.12
N2 NAG R . 4.61 9.74 38.85
O3 NAG R . 7.42 10.18 39.29
O4 NAG R . 8.47 8.99 41.71
O5 NAG R . 4.94 9.54 42.52
O6 NAG R . 5.60 8.96 44.98
O7 NAG R . 2.68 10.80 39.28
H2 NAG R . 5.21 10.94 40.33
H3 NAG R . 6.63 8.51 39.98
H4 NAG R . 7.28 10.56 41.83
H5 NAG R . 6.19 8.01 42.46
H61 NAG R . 6.99 10.10 44.17
H62 NAG R . 7.41 8.57 44.28
H81 NAG R . 2.05 10.19 36.98
H82 NAG R . 2.96 8.89 36.99
H83 NAG R . 3.56 10.27 36.47
HN2 NAG R . 5.10 9.28 38.24
HO3 NAG R . 8.11 10.53 39.72
HO4 NAG R . 8.99 9.48 42.22
HO6 NAG R . 4.84 8.90 44.52
C1 NAG S . -24.39 4.04 29.90
C2 NAG S . -24.22 5.24 28.98
C3 NAG S . -24.79 6.50 29.63
C4 NAG S . -26.22 6.26 30.08
C5 NAG S . -26.30 5.00 30.96
C6 NAG S . -27.71 4.64 31.33
C7 NAG S . -22.07 4.49 28.06
C8 NAG S . -20.65 4.86 27.77
N2 NAG S . -22.82 5.44 28.63
O3 NAG S . -24.73 7.58 28.72
O4 NAG S . -26.68 7.37 30.83
O5 NAG S . -25.76 3.89 30.24
O6 NAG S . -27.92 3.24 31.27
O7 NAG S . -22.52 3.37 27.80
H2 NAG S . -24.72 5.08 28.16
H3 NAG S . -24.24 6.72 30.42
H4 NAG S . -26.78 6.14 29.30
H5 NAG S . -25.77 5.16 31.77
H61 NAG S . -28.33 5.09 30.73
H62 NAG S . -27.88 4.95 32.24
H81 NAG S . -20.26 4.20 27.16
H82 NAG S . -20.14 4.87 28.60
H83 NAG S . -20.62 5.74 27.35
HN2 NAG S . -22.43 6.24 28.80
HO3 NAG S . -25.14 8.29 29.07
HO4 NAG S . -27.54 7.53 30.64
HO6 NAG S . -27.54 2.92 30.54
C1 NAG T . -21.57 41.14 34.89
C2 NAG T . -21.80 42.53 35.48
C3 NAG T . -20.82 42.78 36.61
C4 NAG T . -20.88 41.65 37.64
C5 NAG T . -20.71 40.30 36.96
C6 NAG T . -20.89 39.13 37.90
C7 NAG T . -22.43 43.57 33.36
C8 NAG T . -22.18 44.70 32.41
N2 NAG T . -21.69 43.55 34.46
O3 NAG T . -21.12 44.02 37.25
O4 NAG T . -19.86 41.82 38.61
O5 NAG T . -21.68 40.15 35.91
O6 NAG T . -21.78 38.18 37.35
O7 NAG T . -23.28 42.70 33.14
H2 NAG T . -22.70 42.55 35.85
H3 NAG T . -19.91 42.82 36.25
H4 NAG T . -21.75 41.68 38.08
H5 NAG T . -19.81 40.26 36.56
H61 NAG T . -21.26 39.46 38.74
H62 NAG T . -20.03 38.71 38.05
H81 NAG T . -22.79 44.62 31.65
H82 NAG T . -21.26 44.66 32.10
H83 NAG T . -22.34 45.55 32.86
HN2 NAG T . -21.06 44.21 34.58
HO3 NAG T . -20.39 44.36 37.61
HO4 NAG T . -20.18 41.64 39.42
HO6 NAG T . -22.40 38.59 36.86
C1 NAG U . -13.50 35.93 18.42
C2 NAG U . -12.04 35.50 18.23
C3 NAG U . -11.40 35.17 19.58
C4 NAG U . -11.58 36.34 20.54
C5 NAG U . -13.04 36.73 20.64
C6 NAG U . -13.28 37.96 21.49
C7 NAG U . -12.30 34.41 16.05
C8 NAG U . -12.14 33.14 15.27
N2 NAG U . -11.95 34.35 17.34
O3 NAG U . -10.01 34.91 19.39
O4 NAG U . -11.11 35.97 21.83
O5 NAG U . -13.55 37.03 19.33
O6 NAG U . -14.65 38.31 21.52
O7 NAG U . -12.71 35.44 15.52
H2 NAG U . -11.55 36.25 17.84
H3 NAG U . -11.83 34.39 19.96
H4 NAG U . -11.06 37.10 20.23
H5 NAG U . -13.55 35.98 21.01
H61 NAG U . -12.76 38.70 21.12
H62 NAG U . -12.97 37.78 22.39
H81 NAG U . -12.56 33.23 14.40
H82 NAG U . -12.56 32.41 15.76
H83 NAG U . -11.18 32.94 15.16
HN2 NAG U . -11.65 33.56 17.68
HO3 NAG U . -9.54 35.60 19.64
HO4 NAG U . -10.48 36.55 22.11
HO6 NAG U . -15.11 37.78 20.97
C1 NAG V . -31.93 21.94 -2.26
C2 NAG V . -30.78 22.07 -3.24
C3 NAG V . -30.91 23.36 -4.04
C4 NAG V . -32.29 23.45 -4.69
C5 NAG V . -33.38 23.25 -3.63
C6 NAG V . -34.76 23.19 -4.21
C7 NAG V . -29.04 20.95 -1.92
C8 NAG V . -27.70 21.09 -1.26
N2 NAG V . -29.49 22.04 -2.55
O3 NAG V . -29.90 23.41 -5.05
O4 NAG V . -32.47 24.72 -5.30
O5 NAG V . -33.16 22.00 -2.95
O6 NAG V . -35.61 22.32 -3.47
O7 NAG V . -29.67 19.90 -1.90
H2 NAG V . -30.81 21.33 -3.86
H3 NAG V . -30.79 24.13 -3.44
H4 NAG V . -32.37 22.76 -5.36
H5 NAG V . -33.32 23.97 -2.98
H61 NAG V . -34.72 22.88 -5.14
H62 NAG V . -35.15 24.09 -4.22
H81 NAG V . -27.39 20.21 -0.98
H82 NAG V . -27.79 21.67 -0.48
H83 NAG V . -27.07 21.47 -1.89
HN2 NAG V . -28.99 22.80 -2.54
HO3 NAG V . -30.06 24.10 -5.58
HO4 NAG V . -33.15 24.69 -5.86
HO6 NAG V . -35.23 21.52 -3.41
C1 NAG W . -16.92 51.93 -19.35
C2 NAG W . -16.90 53.35 -19.92
C3 NAG W . -16.64 54.35 -18.80
C4 NAG W . -17.64 54.15 -17.67
C5 NAG W . -17.64 52.70 -17.21
C6 NAG W . -18.71 52.40 -16.18
C7 NAG W . -15.87 52.72 -22.06
C8 NAG W . -14.77 52.99 -23.03
N2 NAG W . -15.90 53.48 -20.96
O3 NAG W . -16.75 55.68 -19.31
O4 NAG W . -17.31 54.99 -16.56
O5 NAG W . -17.91 51.84 -18.33
O6 NAG W . -19.45 51.24 -16.54
O7 NAG W . -16.72 51.84 -22.25
H2 NAG W . -17.78 53.54 -20.30
H3 NAG W . -15.74 54.22 -18.45
H4 NAG W . -18.53 54.39 -17.99
H5 NAG W . -16.77 52.48 -16.84
H61 NAG W . -19.32 53.16 -16.12
H62 NAG W . -18.29 52.26 -15.32
H81 NAG W . -14.86 52.38 -23.80
H82 NAG W . -13.91 52.84 -22.59
H83 NAG W . -14.83 53.91 -23.34
HN2 NAG W . -15.25 54.12 -20.86
HO3 NAG W . -16.31 56.24 -18.78
HO4 NAG W . -17.97 55.56 -16.42
HO6 NAG W . -19.94 51.40 -17.26
C1 NAG X . -4.88 37.61 -19.31
C2 NAG X . -3.85 37.32 -18.22
C3 NAG X . -4.16 38.12 -16.97
C4 NAG X . -4.31 39.60 -17.31
C5 NAG X . -5.33 39.78 -18.43
C6 NAG X . -5.45 41.21 -18.90
C7 NAG X . -3.60 34.96 -18.86
C8 NAG X . -3.56 33.55 -18.37
N2 NAG X . -3.79 35.89 -17.93
O3 NAG X . -3.11 37.95 -16.02
O4 NAG X . -4.76 40.32 -16.16
O5 NAG X . -4.93 39.00 -19.57
O6 NAG X . -6.30 41.32 -20.03
O7 NAG X . -3.46 35.24 -20.04
H2 NAG X . -2.97 37.60 -18.56
H3 NAG X . -5.00 37.79 -16.59
H4 NAG X . -3.45 39.96 -17.59
H5 NAG X . -6.20 39.47 -18.13
H61 NAG X . -4.56 41.54 -19.14
H62 NAG X . -5.81 41.76 -18.18
H81 NAG X . -3.51 32.94 -19.13
H82 NAG X . -4.37 33.36 -17.86
H83 NAG X . -2.78 33.43 -17.80
HN2 NAG X . -3.88 35.64 -17.06
HO3 NAG X . -2.56 38.63 -16.08
HO4 NAG X . -4.17 40.95 -15.96
HO6 NAG X . -6.58 40.51 -20.26
C1 NAG Y . -14.55 11.57 -34.02
C2 NAG Y . -13.08 11.16 -33.96
C3 NAG Y . -12.34 11.65 -35.20
C4 NAG Y . -13.07 11.19 -36.46
C5 NAG Y . -14.54 11.60 -36.41
C6 NAG Y . -15.35 11.08 -37.57
C7 NAG Y . -12.83 11.33 -31.53
C8 NAG Y . -12.07 11.96 -30.41
N2 NAG Y . -12.44 11.67 -32.76
O3 NAG Y . -11.01 11.13 -35.20
O4 NAG Y . -12.46 11.78 -37.61
O5 NAG Y . -15.14 11.08 -35.21
O6 NAG Y . -16.61 10.60 -37.15
O7 NAG Y . -13.76 10.56 -31.34
H2 NAG Y . -13.03 10.18 -33.94
H3 NAG Y . -12.31 12.62 -35.19
H4 NAG Y . -13.01 10.22 -36.54
H5 NAG Y . -14.59 12.58 -36.39
H61 NAG Y . -14.85 10.36 -38.00
H62 NAG Y . -15.48 11.80 -38.22
H81 NAG Y . -12.20 11.43 -29.59
H82 NAG Y . -12.39 12.87 -30.26
H83 NAG Y . -11.12 11.98 -30.63
HN2 NAG Y . -11.75 12.25 -32.85
HO3 NAG Y . -10.63 11.30 -35.98
HO4 NAG Y . -12.50 11.21 -38.29
HO6 NAG Y . -16.56 10.32 -36.31
C1 NAG Z . 10.40 -16.40 -33.52
C2 NAG Z . 11.27 -16.65 -32.30
C3 NAG Z . 12.63 -17.22 -32.71
C4 NAG Z . 12.44 -18.44 -33.59
C5 NAG Z . 11.51 -18.11 -34.76
C6 NAG Z . 11.19 -19.32 -35.62
C7 NAG Z . 10.42 -14.70 -31.07
C8 NAG Z . 10.79 -13.47 -30.30
N2 NAG Z . 11.44 -15.43 -31.52
O3 NAG Z . 13.37 -17.57 -31.55
O4 NAG Z . 13.70 -18.88 -34.10
O5 NAG Z . 10.27 -17.60 -34.27
O6 NAG Z . 9.81 -19.34 -35.97
O7 NAG Z . 9.25 -15.02 -31.28
H2 NAG Z . 10.82 -17.32 -31.73
H3 NAG Z . 13.12 -16.54 -33.20
H4 NAG Z . 12.04 -19.16 -33.06
H5 NAG Z . 11.94 -17.43 -35.32
H61 NAG Z . 11.41 -20.13 -35.13
H62 NAG Z . 11.72 -19.28 -36.43
H81 NAG Z . 9.99 -13.15 -29.82
H82 NAG Z . 11.10 -12.79 -30.90
H83 NAG Z . 11.48 -13.69 -29.65
HN2 NAG Z . 12.29 -15.15 -31.33
HO3 NAG Z . 14.16 -17.90 -31.79
HO4 NAG Z . 13.69 -19.76 -34.17
HO6 NAG Z . 9.32 -19.15 -35.25
C1 NAG AA . 17.58 22.27 -50.63
C2 NAG AA . 18.54 22.90 -51.62
C3 NAG AA . 18.63 24.41 -51.39
C4 NAG AA . 17.24 25.03 -51.40
C5 NAG AA . 16.32 24.29 -50.42
C6 NAG AA . 14.89 24.76 -50.49
C7 NAG AA . 20.07 20.98 -51.67
C8 NAG AA . 21.49 20.53 -51.54
N2 NAG AA . 19.86 22.29 -51.53
O3 NAG AA . 19.43 25.00 -52.40
O4 NAG AA . 17.30 26.39 -51.04
O5 NAG AA . 16.30 22.89 -50.74
O6 NAG AA . 13.99 23.69 -50.76
O7 NAG AA . 19.15 20.19 -51.89
H2 NAG AA . 18.20 22.76 -52.52
H3 NAG AA . 19.03 24.57 -50.52
H4 NAG AA . 16.87 24.96 -52.31
H5 NAG AA . 16.65 24.41 -49.52
H61 NAG AA . 14.80 25.43 -51.19
H62 NAG AA . 14.64 25.17 -49.64
H81 NAG AA . 21.53 19.56 -51.65
H82 NAG AA . 21.83 20.76 -50.65
H83 NAG AA . 22.04 20.95 -52.22
HN2 NAG AA . 20.57 22.84 -51.36
HO3 NAG AA . 19.50 25.88 -52.25
HO4 NAG AA . 16.93 26.89 -51.67
HO6 NAG AA . 14.43 23.04 -51.17
C1 NAG BA . 20.70 13.04 -34.53
C2 NAG BA . 21.24 13.37 -33.16
C3 NAG BA . 21.11 14.86 -32.87
C4 NAG BA . 21.73 15.68 -33.99
C5 NAG BA . 21.16 15.24 -35.34
C6 NAG BA . 21.81 15.92 -36.52
C7 NAG BA . 20.74 11.28 -31.97
C8 NAG BA . 19.97 10.63 -30.87
N2 NAG BA . 20.56 12.59 -32.13
O3 NAG BA . 21.75 15.17 -31.63
O4 NAG BA . 21.47 17.06 -33.80
O5 NAG BA . 21.35 13.83 -35.51
O6 NAG BA . 21.72 15.12 -37.69
O7 NAG BA . 21.51 10.64 -32.68
H2 NAG BA . 22.19 13.14 -33.14
H3 NAG BA . 20.17 15.09 -32.80
H4 NAG BA . 22.70 15.54 -33.99
H5 NAG BA . 20.20 15.43 -35.35
H61 NAG BA . 22.76 16.07 -36.31
H62 NAG BA . 21.38 16.78 -36.67
H81 NAG BA . 20.16 9.68 -30.85
H82 NAG BA . 19.01 10.78 -31.01
H83 NAG BA . 20.22 11.03 -30.01
HN2 NAG BA . 19.98 13.02 -31.57
HO3 NAG BA . 22.03 16.01 -31.65
HO4 NAG BA . 22.01 17.54 -34.31
HO6 NAG BA . 21.40 14.33 -37.47
C1 NAG CA . 47.51 -17.99 -27.90
C2 NAG CA . 48.97 -18.33 -28.18
C3 NAG CA . 49.65 -17.18 -28.91
C4 NAG CA . 48.86 -16.81 -30.16
C5 NAG CA . 47.40 -16.55 -29.81
C6 NAG CA . 46.53 -16.31 -31.02
C7 NAG CA . 49.34 -19.66 -26.15
C8 NAG CA . 50.17 -19.83 -24.91
N2 NAG CA . 49.68 -18.64 -26.94
O3 NAG CA . 50.98 -17.55 -29.26
O4 NAG CA . 49.41 -15.64 -30.75
O5 NAG CA . 46.85 -17.69 -29.13
O6 NAG CA . 45.46 -17.23 -31.07
O7 NAG CA . 48.41 -20.41 -26.41
H2 NAG CA . 49.01 -19.12 -28.76
H3 NAG CA . 49.68 -16.40 -28.32
H4 NAG CA . 48.91 -17.55 -30.80
H5 NAG CA . 47.35 -15.78 -29.22
H61 NAG CA . 47.07 -16.41 -31.83
H62 NAG CA . 46.18 -15.40 -30.97
H81 NAG CA . 49.87 -20.61 -24.42
H82 NAG CA . 50.08 -19.04 -24.34
H83 NAG CA . 51.11 -19.95 -25.16
HN2 NAG CA . 50.38 -18.10 -26.70
HO3 NAG CA . 51.45 -16.83 -29.42
HO4 NAG CA . 49.37 -15.72 -31.64
HO6 NAG CA . 45.70 -18.00 -30.69
C1 NAG DA . 38.52 -13.51 -12.05
C2 NAG DA . 38.32 -12.17 -11.36
C3 NAG DA . 38.60 -11.02 -12.32
C4 NAG DA . 39.97 -11.19 -12.96
C5 NAG DA . 40.09 -12.57 -13.60
C6 NAG DA . 41.47 -12.85 -14.15
C7 NAG DA . 36.53 -12.86 -9.83
C8 NAG DA . 35.11 -12.61 -9.39
N2 NAG DA . 36.98 -12.06 -10.81
O3 NAG DA . 38.54 -9.78 -11.62
O4 NAG DA . 40.16 -10.20 -13.97
O5 NAG DA . 39.83 -13.58 -12.61
O6 NAG DA . 41.66 -14.24 -14.37
O7 NAG DA . 37.21 -13.73 -9.33
H2 NAG DA . 38.96 -12.11 -10.62
H3 NAG DA . 37.91 -11.02 -13.02
H4 NAG DA . 40.66 -11.09 -12.28
H5 NAG DA . 39.43 -12.66 -14.31
H61 NAG DA . 42.14 -12.53 -13.52
H62 NAG DA . 41.57 -12.37 -15.00
H81 NAG DA . 34.87 -13.25 -8.71
H82 NAG DA . 34.51 -12.70 -10.16
H83 NAG DA . 35.04 -11.70 -9.04
HN2 NAG DA . 36.42 -11.42 -11.15
HO3 NAG DA . 39.20 -9.27 -11.88
HO4 NAG DA . 40.99 -9.88 -13.92
HO6 NAG DA . 40.90 -14.68 -14.20
#